data_5KH3
# 
_entry.id   5KH3 
# 
_audit_conform.dict_name       mmcif_pdbx.dic 
_audit_conform.dict_version    5.379 
_audit_conform.dict_location   http://mmcif.pdb.org/dictionaries/ascii/mmcif_pdbx.dic 
# 
loop_
_database_2.database_id 
_database_2.database_code 
_database_2.pdbx_database_accession 
_database_2.pdbx_DOI 
PDB   5KH3         pdb_00005kh3 10.2210/pdb5kh3/pdb 
WWPDB D_1000222128 ?            ?                   
# 
_pdbx_database_status.status_code                     REL 
_pdbx_database_status.status_code_sf                  REL 
_pdbx_database_status.status_code_mr                  ? 
_pdbx_database_status.entry_id                        5KH3 
_pdbx_database_status.recvd_initial_deposition_date   2016-06-14 
_pdbx_database_status.SG_entry                        Y 
_pdbx_database_status.deposit_site                    RCSB 
_pdbx_database_status.process_site                    RCSB 
_pdbx_database_status.status_code_cs                  ? 
_pdbx_database_status.methods_development_category    ? 
_pdbx_database_status.pdb_format_compatible           Y 
_pdbx_database_status.status_code_nmr_data            ? 
# 
loop_
_audit_author.name 
_audit_author.pdbx_ordinal 
'Harding, R.J.'                        1  
'Dong, A.'                             2  
'Ravichandran, M.'                     3  
'Ferreira de Freitas, R.'              4  
'Schapira, M.'                         5  
'Bountra, C.'                          6  
'Edwards, A.M.'                        7  
'Santhakumar, V.'                      8  
'Arrowsmith, C.M.'                     9  
'Structural Genomics Consortium (SGC)' 10 
# 
_citation.abstract                  ? 
_citation.abstract_id_CAS           ? 
_citation.book_id_ISBN              ? 
_citation.book_publisher            ? 
_citation.book_publisher_city       ? 
_citation.book_title                ? 
_citation.coordinate_linkage        ? 
_citation.country                   US 
_citation.database_id_Medline       ? 
_citation.details                   ? 
_citation.id                        primary 
_citation.journal_abbrev            'J. Med. Chem.' 
_citation.journal_id_ASTM           JMCMAR 
_citation.journal_id_CSD            0151 
_citation.journal_id_ISSN           1520-4804 
_citation.journal_full              ? 
_citation.journal_issue             ? 
_citation.journal_volume            60 
_citation.language                  ? 
_citation.page_first                9090 
_citation.page_last                 9096 
_citation.title                     
'Small Molecule Antagonists of the Interaction between the Histone Deacetylase 6 Zinc-Finger Domain and Ubiquitin.' 
_citation.year                      2017 
_citation.database_id_CSD           ? 
_citation.pdbx_database_id_DOI      10.1021/acs.jmedchem.7b00933 
_citation.pdbx_database_id_PubMed   29019676 
_citation.unpublished_flag          ? 
# 
loop_
_citation_author.citation_id 
_citation_author.name 
_citation_author.ordinal 
_citation_author.identifier_ORCID 
primary 'Harding, R.J.'           1  0000-0002-1134-391X 
primary 'Ferreira de Freitas, R.' 2  0000-0001-6195-4236 
primary 'Collins, P.'             3  0000-0002-6265-9922 
primary 'Franzoni, I.'            4  0000-0001-8110-6218 
primary 'Ravichandran, M.'        5  ?                   
primary 'Ouyang, H.'              6  ?                   
primary 'Juarez-Ornelas, K.A.'    7  ?                   
primary 'Lautens, M.'             8  ?                   
primary 'Schapira, M.'            9  0000-0002-1047-3309 
primary 'von Delft, F.'           10 ?                   
primary 'Santhakumar, V.'         11 ?                   
primary 'Arrowsmith, C.H.'        12 0000-0002-4971-3250 
# 
_cell.entry_id           5KH3 
_cell.length_a           40.700 
_cell.length_b           44.027 
_cell.length_c           55.895 
_cell.angle_alpha        90.000 
_cell.angle_beta         90.000 
_cell.angle_gamma        90.000 
_cell.Z_PDB              4 
_cell.pdbx_unique_axis   ? 
# 
_symmetry.entry_id                         5KH3 
_symmetry.Int_Tables_number                19 
_symmetry.space_group_name_H-M             'P 21 21 21' 
_symmetry.pdbx_full_space_group_name_H-M   ? 
_symmetry.cell_setting                     ? 
# 
loop_
_entity.id 
_entity.type 
_entity.src_method 
_entity.pdbx_description 
_entity.formula_weight 
_entity.pdbx_number_of_molecules 
_entity.pdbx_ec 
_entity.pdbx_mutation 
_entity.pdbx_fragment 
_entity.details 
1 polymer     man 'Histone deacetylase 6'                               11932.607 1  3.5.1.98 ? ? ? 
2 non-polymer syn 'ZINC ION'                                            65.409    3  ?        ? ? ? 
3 non-polymer syn 'UNKNOWN ATOM OR ION'                                 65.409    13 ?        ? ? ? 
4 non-polymer syn '3-(5-chloranyl-1,3-benzothiazol-2-yl)propanoic acid' 241.694   1  ?        ? ? ? 
5 water       nat water                                                 18.015    82 ?        ? ? ? 
# 
_entity_name_com.entity_id   1 
_entity_name_com.name        HD6 
# 
_entity_poly.entity_id                      1 
_entity_poly.type                           'polypeptide(L)' 
_entity_poly.nstd_linkage                   no 
_entity_poly.nstd_monomer                   no 
_entity_poly.pdbx_seq_one_letter_code       
;GSPLPWCPHLVAVCPIPAAGLDVTQPCGDCGTIQENWVCLSCYQVYCGRYINGHMLQHHGNSGHPLVLSYIDLSAWCYYC
QAYVHHQALLDVKNIAHQNKFGEDMPH
;
_entity_poly.pdbx_seq_one_letter_code_can   
;GSPLPWCPHLVAVCPIPAAGLDVTQPCGDCGTIQENWVCLSCYQVYCGRYINGHMLQHHGNSGHPLVLSYIDLSAWCYYC
QAYVHHQALLDVKNIAHQNKFGEDMPH
;
_entity_poly.pdbx_strand_id                 A 
_entity_poly.pdbx_target_identifier         ? 
# 
loop_
_entity_poly_seq.entity_id 
_entity_poly_seq.num 
_entity_poly_seq.mon_id 
_entity_poly_seq.hetero 
1 1   GLY n 
1 2   SER n 
1 3   PRO n 
1 4   LEU n 
1 5   PRO n 
1 6   TRP n 
1 7   CYS n 
1 8   PRO n 
1 9   HIS n 
1 10  LEU n 
1 11  VAL n 
1 12  ALA n 
1 13  VAL n 
1 14  CYS n 
1 15  PRO n 
1 16  ILE n 
1 17  PRO n 
1 18  ALA n 
1 19  ALA n 
1 20  GLY n 
1 21  LEU n 
1 22  ASP n 
1 23  VAL n 
1 24  THR n 
1 25  GLN n 
1 26  PRO n 
1 27  CYS n 
1 28  GLY n 
1 29  ASP n 
1 30  CYS n 
1 31  GLY n 
1 32  THR n 
1 33  ILE n 
1 34  GLN n 
1 35  GLU n 
1 36  ASN n 
1 37  TRP n 
1 38  VAL n 
1 39  CYS n 
1 40  LEU n 
1 41  SER n 
1 42  CYS n 
1 43  TYR n 
1 44  GLN n 
1 45  VAL n 
1 46  TYR n 
1 47  CYS n 
1 48  GLY n 
1 49  ARG n 
1 50  TYR n 
1 51  ILE n 
1 52  ASN n 
1 53  GLY n 
1 54  HIS n 
1 55  MET n 
1 56  LEU n 
1 57  GLN n 
1 58  HIS n 
1 59  HIS n 
1 60  GLY n 
1 61  ASN n 
1 62  SER n 
1 63  GLY n 
1 64  HIS n 
1 65  PRO n 
1 66  LEU n 
1 67  VAL n 
1 68  LEU n 
1 69  SER n 
1 70  TYR n 
1 71  ILE n 
1 72  ASP n 
1 73  LEU n 
1 74  SER n 
1 75  ALA n 
1 76  TRP n 
1 77  CYS n 
1 78  TYR n 
1 79  TYR n 
1 80  CYS n 
1 81  GLN n 
1 82  ALA n 
1 83  TYR n 
1 84  VAL n 
1 85  HIS n 
1 86  HIS n 
1 87  GLN n 
1 88  ALA n 
1 89  LEU n 
1 90  LEU n 
1 91  ASP n 
1 92  VAL n 
1 93  LYS n 
1 94  ASN n 
1 95  ILE n 
1 96  ALA n 
1 97  HIS n 
1 98  GLN n 
1 99  ASN n 
1 100 LYS n 
1 101 PHE n 
1 102 GLY n 
1 103 GLU n 
1 104 ASP n 
1 105 MET n 
1 106 PRO n 
1 107 HIS n 
# 
_entity_src_gen.entity_id                          1 
_entity_src_gen.pdbx_src_id                        1 
_entity_src_gen.pdbx_alt_source_flag               sample 
_entity_src_gen.pdbx_seq_type                      'Biological sequence' 
_entity_src_gen.pdbx_beg_seq_num                   1 
_entity_src_gen.pdbx_end_seq_num                   107 
_entity_src_gen.gene_src_common_name               Human 
_entity_src_gen.gene_src_genus                     ? 
_entity_src_gen.pdbx_gene_src_gene                 'HDAC6, KIAA0901, JM21' 
_entity_src_gen.gene_src_species                   ? 
_entity_src_gen.gene_src_strain                    ? 
_entity_src_gen.gene_src_tissue                    ? 
_entity_src_gen.gene_src_tissue_fraction           ? 
_entity_src_gen.gene_src_details                   ? 
_entity_src_gen.pdbx_gene_src_fragment             ? 
_entity_src_gen.pdbx_gene_src_scientific_name      'Homo sapiens' 
_entity_src_gen.pdbx_gene_src_ncbi_taxonomy_id     9606 
_entity_src_gen.pdbx_gene_src_variant              ? 
_entity_src_gen.pdbx_gene_src_cell_line            ? 
_entity_src_gen.pdbx_gene_src_atcc                 ? 
_entity_src_gen.pdbx_gene_src_organ                ? 
_entity_src_gen.pdbx_gene_src_organelle            ? 
_entity_src_gen.pdbx_gene_src_cell                 ? 
_entity_src_gen.pdbx_gene_src_cellular_location    ? 
_entity_src_gen.host_org_common_name               ? 
_entity_src_gen.pdbx_host_org_scientific_name      'Escherichia coli' 
_entity_src_gen.pdbx_host_org_ncbi_taxonomy_id     469008 
_entity_src_gen.host_org_genus                     ? 
_entity_src_gen.pdbx_host_org_gene                 ? 
_entity_src_gen.pdbx_host_org_organ                ? 
_entity_src_gen.host_org_species                   ? 
_entity_src_gen.pdbx_host_org_tissue               ? 
_entity_src_gen.pdbx_host_org_tissue_fraction      ? 
_entity_src_gen.pdbx_host_org_strain               'BL21 (DE3) codon plus' 
_entity_src_gen.pdbx_host_org_variant              ? 
_entity_src_gen.pdbx_host_org_cell_line            ? 
_entity_src_gen.pdbx_host_org_atcc                 ? 
_entity_src_gen.pdbx_host_org_culture_collection   ? 
_entity_src_gen.pdbx_host_org_cell                 ? 
_entity_src_gen.pdbx_host_org_organelle            ? 
_entity_src_gen.pdbx_host_org_cellular_location    ? 
_entity_src_gen.pdbx_host_org_vector_type          ? 
_entity_src_gen.pdbx_host_org_vector               ? 
_entity_src_gen.host_org_details                   ? 
_entity_src_gen.expression_system_id               ? 
_entity_src_gen.plasmid_name                       pET28-lic 
_entity_src_gen.plasmid_details                    ? 
_entity_src_gen.pdbx_description                   ? 
# 
_struct_ref.id                         1 
_struct_ref.db_name                    UNP 
_struct_ref.db_code                    HDAC6_HUMAN 
_struct_ref.pdbx_db_accession          Q9UBN7 
_struct_ref.pdbx_db_isoform            ? 
_struct_ref.entity_id                  1 
_struct_ref.pdbx_seq_one_letter_code   
;PLPWCPHLVAVCPIPAAGLDVTQPCGDCGTIQENWVCLSCYQVYCGRYINGHMLQHHGNSGHPLVLSYIDLSAWCYYCQA
YVHHQALLDVKNIAHQNKFGEDMPH
;
_struct_ref.pdbx_align_begin           1109 
# 
_struct_ref_seq.align_id                      1 
_struct_ref_seq.ref_id                        1 
_struct_ref_seq.pdbx_PDB_id_code              5KH3 
_struct_ref_seq.pdbx_strand_id                A 
_struct_ref_seq.seq_align_beg                 3 
_struct_ref_seq.pdbx_seq_align_beg_ins_code   ? 
_struct_ref_seq.seq_align_end                 107 
_struct_ref_seq.pdbx_seq_align_end_ins_code   ? 
_struct_ref_seq.pdbx_db_accession             Q9UBN7 
_struct_ref_seq.db_align_beg                  1109 
_struct_ref_seq.pdbx_db_align_beg_ins_code    ? 
_struct_ref_seq.db_align_end                  1213 
_struct_ref_seq.pdbx_db_align_end_ins_code    ? 
_struct_ref_seq.pdbx_auth_seq_align_beg       1109 
_struct_ref_seq.pdbx_auth_seq_align_end       1213 
# 
loop_
_struct_ref_seq_dif.align_id 
_struct_ref_seq_dif.pdbx_pdb_id_code 
_struct_ref_seq_dif.mon_id 
_struct_ref_seq_dif.pdbx_pdb_strand_id 
_struct_ref_seq_dif.seq_num 
_struct_ref_seq_dif.pdbx_pdb_ins_code 
_struct_ref_seq_dif.pdbx_seq_db_name 
_struct_ref_seq_dif.pdbx_seq_db_accession_code 
_struct_ref_seq_dif.db_mon_id 
_struct_ref_seq_dif.pdbx_seq_db_seq_num 
_struct_ref_seq_dif.details 
_struct_ref_seq_dif.pdbx_auth_seq_num 
_struct_ref_seq_dif.pdbx_ordinal 
1 5KH3 GLY A 1 ? UNP Q9UBN7 ? ? 'expression tag' 1107 1 
1 5KH3 SER A 2 ? UNP Q9UBN7 ? ? 'expression tag' 1108 2 
# 
loop_
_chem_comp.id 
_chem_comp.type 
_chem_comp.mon_nstd_flag 
_chem_comp.name 
_chem_comp.pdbx_synonyms 
_chem_comp.formula 
_chem_comp.formula_weight 
6U6 non-polymer         . '3-(5-chloranyl-1,3-benzothiazol-2-yl)propanoic acid' ? 'C10 H8 Cl N O2 S' 241.694 
ALA 'L-peptide linking' y ALANINE                                               ? 'C3 H7 N O2'       89.093  
ARG 'L-peptide linking' y ARGININE                                              ? 'C6 H15 N4 O2 1'   175.209 
ASN 'L-peptide linking' y ASPARAGINE                                            ? 'C4 H8 N2 O3'      132.118 
ASP 'L-peptide linking' y 'ASPARTIC ACID'                                       ? 'C4 H7 N O4'       133.103 
CYS 'L-peptide linking' y CYSTEINE                                              ? 'C3 H7 N O2 S'     121.158 
GLN 'L-peptide linking' y GLUTAMINE                                             ? 'C5 H10 N2 O3'     146.144 
GLU 'L-peptide linking' y 'GLUTAMIC ACID'                                       ? 'C5 H9 N O4'       147.129 
GLY 'peptide linking'   y GLYCINE                                               ? 'C2 H5 N O2'       75.067  
HIS 'L-peptide linking' y HISTIDINE                                             ? 'C6 H10 N3 O2 1'   156.162 
HOH non-polymer         . WATER                                                 ? 'H2 O'             18.015  
ILE 'L-peptide linking' y ISOLEUCINE                                            ? 'C6 H13 N O2'      131.173 
LEU 'L-peptide linking' y LEUCINE                                               ? 'C6 H13 N O2'      131.173 
LYS 'L-peptide linking' y LYSINE                                                ? 'C6 H15 N2 O2 1'   147.195 
MET 'L-peptide linking' y METHIONINE                                            ? 'C5 H11 N O2 S'    149.211 
PHE 'L-peptide linking' y PHENYLALANINE                                         ? 'C9 H11 N O2'      165.189 
PRO 'L-peptide linking' y PROLINE                                               ? 'C5 H9 N O2'       115.130 
SER 'L-peptide linking' y SERINE                                                ? 'C3 H7 N O3'       105.093 
THR 'L-peptide linking' y THREONINE                                             ? 'C4 H9 N O3'       119.119 
TRP 'L-peptide linking' y TRYPTOPHAN                                            ? 'C11 H12 N2 O2'    204.225 
TYR 'L-peptide linking' y TYROSINE                                              ? 'C9 H11 N O3'      181.189 
UNX non-polymer         . 'UNKNOWN ATOM OR ION'                                 ? ?                  ?       
VAL 'L-peptide linking' y VALINE                                                ? 'C5 H11 N O2'      117.146 
ZN  non-polymer         . 'ZINC ION'                                            ? 'Zn 2'             65.409  
# 
_exptl.absorpt_coefficient_mu     ? 
_exptl.absorpt_correction_T_max   ? 
_exptl.absorpt_correction_T_min   ? 
_exptl.absorpt_correction_type    ? 
_exptl.absorpt_process_details    ? 
_exptl.entry_id                   5KH3 
_exptl.crystals_number            1 
_exptl.details                    ? 
_exptl.method                     'X-RAY DIFFRACTION' 
_exptl.method_details             ? 
# 
_exptl_crystal.colour                      ? 
_exptl_crystal.density_diffrn              ? 
_exptl_crystal.density_Matthews            2.10 
_exptl_crystal.density_method              ? 
_exptl_crystal.density_percent_sol         41.38 
_exptl_crystal.description                 ? 
_exptl_crystal.F_000                       ? 
_exptl_crystal.id                          1 
_exptl_crystal.preparation                 ? 
_exptl_crystal.size_max                    ? 
_exptl_crystal.size_mid                    ? 
_exptl_crystal.size_min                    ? 
_exptl_crystal.size_rad                    ? 
_exptl_crystal.colour_lustre               ? 
_exptl_crystal.colour_modifier             ? 
_exptl_crystal.colour_primary              ? 
_exptl_crystal.density_meas                ? 
_exptl_crystal.density_meas_esd            ? 
_exptl_crystal.density_meas_gt             ? 
_exptl_crystal.density_meas_lt             ? 
_exptl_crystal.density_meas_temp           ? 
_exptl_crystal.density_meas_temp_esd       ? 
_exptl_crystal.density_meas_temp_gt        ? 
_exptl_crystal.density_meas_temp_lt        ? 
_exptl_crystal.pdbx_crystal_image_url      ? 
_exptl_crystal.pdbx_crystal_image_format   ? 
_exptl_crystal.pdbx_mosaicity              ? 
_exptl_crystal.pdbx_mosaicity_esd          ? 
# 
_exptl_crystal_grow.apparatus       ? 
_exptl_crystal_grow.atmosphere      ? 
_exptl_crystal_grow.crystal_id      1 
_exptl_crystal_grow.details         ? 
_exptl_crystal_grow.method          'VAPOR DIFFUSION, SITTING DROP' 
_exptl_crystal_grow.method_ref      ? 
_exptl_crystal_grow.pH              4.6 
_exptl_crystal_grow.pressure        ? 
_exptl_crystal_grow.pressure_esd    ? 
_exptl_crystal_grow.seeding         ? 
_exptl_crystal_grow.seeding_ref     ? 
_exptl_crystal_grow.temp            291 
_exptl_crystal_grow.temp_details    ? 
_exptl_crystal_grow.temp_esd        ? 
_exptl_crystal_grow.time            ? 
_exptl_crystal_grow.pdbx_details    '2M Na-formate, 0.2M Na-acetate pH4.6, 5% ethylene glycol' 
_exptl_crystal_grow.pdbx_pH_range   ? 
# 
_diffrn.ambient_environment    ? 
_diffrn.ambient_temp           100 
_diffrn.ambient_temp_details   ? 
_diffrn.ambient_temp_esd       ? 
_diffrn.crystal_id             1 
_diffrn.crystal_support        ? 
_diffrn.crystal_treatment      ? 
_diffrn.details                ? 
_diffrn.id                     1 
_diffrn.ambient_pressure       ? 
_diffrn.ambient_pressure_esd   ? 
_diffrn.ambient_pressure_gt    ? 
_diffrn.ambient_pressure_lt    ? 
_diffrn.ambient_temp_gt        ? 
_diffrn.ambient_temp_lt        ? 
# 
_diffrn_detector.details                      ? 
_diffrn_detector.detector                     CCD 
_diffrn_detector.diffrn_id                    1 
_diffrn_detector.type                         'RIGAKU SATURN A200' 
_diffrn_detector.area_resol_mean              ? 
_diffrn_detector.dtime                        ? 
_diffrn_detector.pdbx_frames_total            ? 
_diffrn_detector.pdbx_collection_time_total   ? 
_diffrn_detector.pdbx_collection_date         2016-06-06 
# 
_diffrn_radiation.collimation                      ? 
_diffrn_radiation.diffrn_id                        1 
_diffrn_radiation.filter_edge                      ? 
_diffrn_radiation.inhomogeneity                    ? 
_diffrn_radiation.monochromator                    ? 
_diffrn_radiation.polarisn_norm                    ? 
_diffrn_radiation.polarisn_ratio                   ? 
_diffrn_radiation.probe                            ? 
_diffrn_radiation.type                             ? 
_diffrn_radiation.xray_symbol                      ? 
_diffrn_radiation.wavelength_id                    1 
_diffrn_radiation.pdbx_monochromatic_or_laue_m_l   M 
_diffrn_radiation.pdbx_wavelength_list             ? 
_diffrn_radiation.pdbx_wavelength                  ? 
_diffrn_radiation.pdbx_diffrn_protocol             'SINGLE WAVELENGTH' 
_diffrn_radiation.pdbx_analyzer                    ? 
_diffrn_radiation.pdbx_scattering_type             x-ray 
# 
_diffrn_radiation_wavelength.id           1 
_diffrn_radiation_wavelength.wavelength   1.54178 
_diffrn_radiation_wavelength.wt           1.0 
# 
_diffrn_source.current                     ? 
_diffrn_source.details                     ? 
_diffrn_source.diffrn_id                   1 
_diffrn_source.power                       ? 
_diffrn_source.size                        ? 
_diffrn_source.source                      'ROTATING ANODE' 
_diffrn_source.target                      ? 
_diffrn_source.type                        'RIGAKU FR-E SUPERBRIGHT' 
_diffrn_source.voltage                     ? 
_diffrn_source.take-off_angle              ? 
_diffrn_source.pdbx_wavelength_list        1.54178 
_diffrn_source.pdbx_wavelength             ? 
_diffrn_source.pdbx_synchrotron_beamline   ? 
_diffrn_source.pdbx_synchrotron_site       ? 
# 
_reflns.d_resolution_high            1.600 
_reflns.d_resolution_low             34.61 
_reflns.pdbx_number_measured_all     93261 
_reflns.number_obs                   13820 
_reflns.pdbx_Rmerge_I_obs            0.064 
_reflns.pdbx_netI_over_sigmaI        21.800 
_reflns.pdbx_redundancy              6.700 
_reflns.percent_possible_obs         100.000 
_reflns.pdbx_Rrim_I_all              0.070 
_reflns.pdbx_Rpim_I_all              0.027 
_reflns.pdbx_CC_half                 0.999 
_reflns.pdbx_diffrn_id               1 
_reflns.pdbx_ordinal                 1 
_reflns.entry_id                     5KH3 
_reflns.observed_criterion_sigma_I   ? 
_reflns.observed_criterion_sigma_F   ? 
_reflns.number_all                   ? 
_reflns.pdbx_Rsym_value              ? 
_reflns.B_iso_Wilson_estimate        ? 
# 
loop_
_reflns_shell.pdbx_diffrn_id 
_reflns_shell.pdbx_ordinal 
_reflns_shell.d_res_high 
_reflns_shell.d_res_low 
_reflns_shell.number_measured_obs 
_reflns_shell.number_measured_all 
_reflns_shell.number_unique_obs 
_reflns_shell.pdbx_rejects 
_reflns_shell.Rmerge_I_obs 
_reflns_shell.meanI_over_sigI_obs 
_reflns_shell.pdbx_Rsym_value 
_reflns_shell.pdbx_chi_squared 
_reflns_shell.pdbx_redundancy 
_reflns_shell.percent_possible_obs 
_reflns_shell.pdbx_netI_over_sigmaI_obs 
_reflns_shell.number_possible 
_reflns_shell.number_unique_all 
_reflns_shell.Rmerge_F_all 
_reflns_shell.Rmerge_F_obs 
_reflns_shell.Rmerge_I_all 
_reflns_shell.meanI_over_sigI_all 
_reflns_shell.percent_possible_all 
_reflns_shell.pdbx_Rrim_I_all 
_reflns_shell.pdbx_Rpim_I_all 
_reflns_shell.pdbx_CC_half 
1 1 1.600 1.630  ? 4449 ? 0 0.417 4.700  ? ? 6.500 ? ? ? 680 ? ? ? ? 100.000 0.454 0.176 0.917 
1 2 8.760 29.890 ? 533  ? 0 0.025 61.300 ? ? 4.900 ? ? ? 109 ? ? ? ? 98.400  0.028 0.012 0.999 
# 
_refine.entry_id                                 5KH3 
_refine.pdbx_refine_id                           'X-RAY DIFFRACTION' 
_refine.ls_d_res_high                            1.6000 
_refine.ls_d_res_low                             34.6100 
_refine.pdbx_ls_sigma_F                          0.000 
_refine.pdbx_data_cutoff_high_absF               ? 
_refine.pdbx_data_cutoff_low_absF                ? 
_refine.ls_percent_reflns_obs                    99.9100 
_refine.ls_number_reflns_obs                     13143 
_refine.ls_number_reflns_all                     ? 
_refine.pdbx_ls_cross_valid_method               THROUGHOUT 
_refine.ls_matrix_type                           ? 
_refine.pdbx_R_Free_selection_details            RANDOM 
_refine.details                                  
;Amplitudes and unmerged intensities are included with this deposition. Diffraction images will be deposited in a public repository. Geometry restraints for the fragment candidate were prepared with GRADE.
;
_refine.ls_R_factor_all                          ? 
_refine.ls_R_factor_obs                          0.1588 
_refine.ls_R_factor_R_work                       0.1572 
_refine.ls_wR_factor_R_work                      ? 
_refine.ls_R_factor_R_free                       0.1907 
_refine.ls_wR_factor_R_free                      ? 
_refine.ls_percent_reflns_R_free                 4.6000 
_refine.ls_number_reflns_R_free                  637 
_refine.ls_number_reflns_R_work                  ? 
_refine.ls_R_factor_R_free_error                 ? 
_refine.B_iso_mean                               15.3620 
_refine.solvent_model_param_bsol                 ? 
_refine.solvent_model_param_ksol                 ? 
_refine.pdbx_isotropic_thermal_model             ? 
_refine.aniso_B[1][1]                            -0.1800 
_refine.aniso_B[2][2]                            1.2500 
_refine.aniso_B[3][3]                            -1.0600 
_refine.aniso_B[1][2]                            0.0000 
_refine.aniso_B[1][3]                            0.0000 
_refine.aniso_B[2][3]                            -0.0000 
_refine.correlation_coeff_Fo_to_Fc               0.9620 
_refine.correlation_coeff_Fo_to_Fc_free          0.9510 
_refine.overall_SU_R_Cruickshank_DPI             ? 
_refine.pdbx_overall_SU_R_free_Cruickshank_DPI   ? 
_refine.pdbx_overall_SU_R_Blow_DPI               ? 
_refine.pdbx_overall_SU_R_free_Blow_DPI          ? 
_refine.overall_SU_R_free                        ? 
_refine.pdbx_overall_ESU_R                       0.0820 
_refine.pdbx_overall_ESU_R_Free                  0.0830 
_refine.overall_SU_ML                            0.0540 
_refine.overall_SU_B                             1.5680 
_refine.solvent_model_details                    MASK 
_refine.pdbx_solvent_vdw_probe_radii             1.2000 
_refine.pdbx_solvent_ion_probe_radii             0.8000 
_refine.pdbx_solvent_shrinkage_radii             0.8000 
_refine.ls_number_parameters                     ? 
_refine.ls_number_restraints                     ? 
_refine.pdbx_starting_model                      'pdbid 3C5K' 
_refine.pdbx_method_to_determine_struct          ? 
_refine.pdbx_stereochemistry_target_values       'MAXIMUM LIKELIHOOD' 
_refine.pdbx_stereochem_target_val_spec_case     ? 
_refine.overall_FOM_work_R_set                   ? 
_refine.B_iso_max                                58.550 
_refine.B_iso_min                                7.290 
_refine.pdbx_overall_phase_error                 ? 
_refine.occupancy_max                            ? 
_refine.occupancy_min                            ? 
_refine.pdbx_diffrn_id                           1 
_refine.pdbx_TLS_residual_ADP_flag               ? 
_refine.pdbx_ls_sigma_I                          ? 
_refine.pdbx_data_cutoff_high_rms_absF           ? 
_refine.ls_R_factor_R_free_error_details         ? 
# 
_refine_hist.cycle_id                         final 
_refine_hist.pdbx_refine_id                   'X-RAY DIFFRACTION' 
_refine_hist.d_res_high                       1.6000 
_refine_hist.d_res_low                        34.6100 
_refine_hist.pdbx_number_atoms_ligand         31 
_refine_hist.number_atoms_solvent             86 
_refine_hist.number_atoms_total               899 
_refine_hist.pdbx_number_residues_total       101 
_refine_hist.pdbx_B_iso_mean_ligand           23.43 
_refine_hist.pdbx_B_iso_mean_solvent          25.85 
_refine_hist.pdbx_number_atoms_protein        782 
_refine_hist.pdbx_number_atoms_nucleic_acid   0 
# 
loop_
_refine_ls_restr.pdbx_refine_id 
_refine_ls_restr.type 
_refine_ls_restr.number 
_refine_ls_restr.dev_ideal 
_refine_ls_restr.dev_ideal_target 
_refine_ls_restr.weight 
_refine_ls_restr.pdbx_restraint_function 
'X-RAY DIFFRACTION' r_bond_refined_d       885  0.016  0.019  ? ? 
'X-RAY DIFFRACTION' r_bond_other_d         777  0.003  0.020  ? ? 
'X-RAY DIFFRACTION' r_angle_refined_deg    1222 1.851  1.914  ? ? 
'X-RAY DIFFRACTION' r_angle_other_deg      1791 1.141  3.000  ? ? 
'X-RAY DIFFRACTION' r_dihedral_angle_1_deg 111  6.485  5.000  ? ? 
'X-RAY DIFFRACTION' r_dihedral_angle_2_deg 39   35.336 24.359 ? ? 
'X-RAY DIFFRACTION' r_dihedral_angle_3_deg 118  12.423 15.000 ? ? 
'X-RAY DIFFRACTION' r_dihedral_angle_4_deg 1    19.567 15.000 ? ? 
'X-RAY DIFFRACTION' r_chiral_restr         125  0.123  0.200  ? ? 
'X-RAY DIFFRACTION' r_gen_planes_refined   1105 0.011  0.021  ? ? 
'X-RAY DIFFRACTION' r_gen_planes_other     218  0.003  0.020  ? ? 
'X-RAY DIFFRACTION' r_mcbond_it            434  1.426  1.383  ? ? 
'X-RAY DIFFRACTION' r_mcbond_other         432  1.339  1.370  ? ? 
'X-RAY DIFFRACTION' r_mcangle_it           547  2.279  2.058  ? ? 
# 
_refine_ls_shell.d_res_high                       1.6000 
_refine_ls_shell.d_res_low                        1.6410 
_refine_ls_shell.pdbx_total_number_of_bins_used   20 
_refine_ls_shell.percent_reflns_obs               100.0000 
_refine_ls_shell.number_reflns_R_work             956 
_refine_ls_shell.R_factor_all                     ? 
_refine_ls_shell.R_factor_R_work                  0.1910 
_refine_ls_shell.R_factor_R_free                  0.2130 
_refine_ls_shell.percent_reflns_R_free            ? 
_refine_ls_shell.number_reflns_R_free             41 
_refine_ls_shell.R_factor_R_free_error            ? 
_refine_ls_shell.number_reflns_all                997 
_refine_ls_shell.number_reflns_obs                ? 
_refine_ls_shell.pdbx_refine_id                   'X-RAY DIFFRACTION' 
_refine_ls_shell.R_factor_obs                     ? 
# 
_struct.entry_id                     5KH3 
_struct.title                        
;Crystal structure of fragment (3-(5-Chloro-1,3-benzothiazol-2-yl)propanoic acid) bound in the ubiquitin binding pocket of the HDAC6 zinc-finger domain
;
_struct.pdbx_model_details           ? 
_struct.pdbx_formula_weight          ? 
_struct.pdbx_formula_weight_method   ? 
_struct.pdbx_model_type_details      ? 
_struct.pdbx_CASP_flag               N 
# 
_struct_keywords.entry_id        5KH3 
_struct_keywords.text            
'HISTONE DEACETYLASE, HDAC, HDAC6, FRAGMENT SCREENING, STRUCTURAL GENOMICS CONSORTIUM, SGC, HYDROLASE' 
_struct_keywords.pdbx_keywords   HYDROLASE 
# 
loop_
_struct_asym.id 
_struct_asym.pdbx_blank_PDB_chainid_flag 
_struct_asym.pdbx_modified 
_struct_asym.entity_id 
_struct_asym.details 
A N N 1 ? 
B N N 2 ? 
C N N 2 ? 
D N N 2 ? 
E N N 3 ? 
F N N 3 ? 
G N N 3 ? 
H N N 3 ? 
I N N 3 ? 
J N N 3 ? 
K N N 3 ? 
L N N 3 ? 
M N N 3 ? 
N N N 3 ? 
O N N 3 ? 
P N N 3 ? 
Q N N 3 ? 
R N N 4 ? 
S N N 5 ? 
# 
loop_
_struct_conf.conf_type_id 
_struct_conf.id 
_struct_conf.pdbx_PDB_helix_id 
_struct_conf.beg_label_comp_id 
_struct_conf.beg_label_asym_id 
_struct_conf.beg_label_seq_id 
_struct_conf.pdbx_beg_PDB_ins_code 
_struct_conf.end_label_comp_id 
_struct_conf.end_label_asym_id 
_struct_conf.end_label_seq_id 
_struct_conf.pdbx_end_PDB_ins_code 
_struct_conf.beg_auth_comp_id 
_struct_conf.beg_auth_asym_id 
_struct_conf.beg_auth_seq_id 
_struct_conf.end_auth_comp_id 
_struct_conf.end_auth_asym_id 
_struct_conf.end_auth_seq_id 
_struct_conf.pdbx_PDB_helix_class 
_struct_conf.details 
_struct_conf.pdbx_PDB_helix_length 
HELX_P HELX_P1 AA1 HIS A 9  ? VAL A 13  ? HIS A 1115 VAL A 1119 5 ? 5  
HELX_P HELX_P2 AA2 GLY A 53 ? GLY A 63  ? GLY A 1159 GLY A 1169 1 ? 11 
HELX_P HELX_P3 AA3 HIS A 86 ? ALA A 88  ? HIS A 1192 ALA A 1194 5 ? 3  
HELX_P HELX_P4 AA4 LEU A 89 ? GLY A 102 ? LEU A 1195 GLY A 1208 1 ? 14 
# 
_struct_conf_type.id          HELX_P 
_struct_conf_type.criteria    ? 
_struct_conf_type.reference   ? 
# 
loop_
_struct_conn.id 
_struct_conn.conn_type_id 
_struct_conn.pdbx_leaving_atom_flag 
_struct_conn.pdbx_PDB_id 
_struct_conn.ptnr1_label_asym_id 
_struct_conn.ptnr1_label_comp_id 
_struct_conn.ptnr1_label_seq_id 
_struct_conn.ptnr1_label_atom_id 
_struct_conn.pdbx_ptnr1_label_alt_id 
_struct_conn.pdbx_ptnr1_PDB_ins_code 
_struct_conn.pdbx_ptnr1_standard_comp_id 
_struct_conn.ptnr1_symmetry 
_struct_conn.ptnr2_label_asym_id 
_struct_conn.ptnr2_label_comp_id 
_struct_conn.ptnr2_label_seq_id 
_struct_conn.ptnr2_label_atom_id 
_struct_conn.pdbx_ptnr2_label_alt_id 
_struct_conn.pdbx_ptnr2_PDB_ins_code 
_struct_conn.ptnr1_auth_asym_id 
_struct_conn.ptnr1_auth_comp_id 
_struct_conn.ptnr1_auth_seq_id 
_struct_conn.ptnr2_auth_asym_id 
_struct_conn.ptnr2_auth_comp_id 
_struct_conn.ptnr2_auth_seq_id 
_struct_conn.ptnr2_symmetry 
_struct_conn.pdbx_ptnr3_label_atom_id 
_struct_conn.pdbx_ptnr3_label_seq_id 
_struct_conn.pdbx_ptnr3_label_comp_id 
_struct_conn.pdbx_ptnr3_label_asym_id 
_struct_conn.pdbx_ptnr3_label_alt_id 
_struct_conn.pdbx_ptnr3_PDB_ins_code 
_struct_conn.details 
_struct_conn.pdbx_dist_value 
_struct_conn.pdbx_value_order 
_struct_conn.pdbx_role 
metalc1  metalc ? ? A CYS 7  SG  ? ? ? 1_555 D ZN . ZN ? ? A CYS 1113 A ZN 1303 1_555 ? ? ? ? ? ? ? 2.315 ? ? 
metalc2  metalc ? ? A HIS 9  ND1 ? ? ? 1_555 D ZN . ZN ? ? A HIS 1115 A ZN 1303 1_555 ? ? ? ? ? ? ? 2.133 ? ? 
metalc3  metalc ? ? A CYS 27 SG  ? ? ? 1_555 C ZN . ZN ? ? A CYS 1133 A ZN 1302 1_555 ? ? ? ? ? ? ? 2.360 ? ? 
metalc4  metalc ? ? A CYS 30 SG  ? ? ? 1_555 C ZN . ZN ? ? A CYS 1136 A ZN 1302 1_555 ? ? ? ? ? ? ? 2.308 ? ? 
metalc5  metalc ? ? A CYS 39 SG  ? ? ? 1_555 B ZN . ZN ? ? A CYS 1145 A ZN 1301 1_555 ? ? ? ? ? ? ? 2.284 ? ? 
metalc6  metalc ? ? A CYS 42 SG  ? ? ? 1_555 B ZN . ZN ? ? A CYS 1148 A ZN 1301 1_555 ? ? ? ? ? ? ? 2.441 ? ? 
metalc7  metalc ? ? A CYS 47 SG  ? ? ? 1_555 C ZN . ZN ? ? A CYS 1153 A ZN 1302 1_555 ? ? ? ? ? ? ? 2.334 ? ? 
metalc8  metalc ? ? A HIS 54 ND1 ? ? ? 1_555 C ZN . ZN ? ? A HIS 1160 A ZN 1302 1_555 ? ? ? ? ? ? ? 2.112 ? ? 
metalc9  metalc ? ? A HIS 58 NE2 ? ? ? 1_555 B ZN . ZN ? ? A HIS 1164 A ZN 1301 1_555 ? ? ? ? ? ? ? 2.111 ? ? 
metalc10 metalc ? ? A HIS 64 ND1 ? ? ? 1_555 B ZN . ZN ? ? A HIS 1170 A ZN 1301 1_555 ? ? ? ? ? ? ? 2.115 ? ? 
metalc11 metalc ? ? A CYS 77 SG  ? ? ? 1_555 D ZN . ZN ? ? A CYS 1183 A ZN 1303 1_555 ? ? ? ? ? ? ? 2.308 ? ? 
metalc12 metalc ? ? A CYS 80 SG  ? ? ? 1_555 D ZN . ZN ? ? A CYS 1186 A ZN 1303 1_555 ? ? ? ? ? ? ? 2.332 ? ? 
# 
_struct_conn_type.id          metalc 
_struct_conn_type.criteria    ? 
_struct_conn_type.reference   ? 
# 
_struct_sheet.id               AA1 
_struct_sheet.type             ? 
_struct_sheet.number_strands   5 
_struct_sheet.details          ? 
# 
loop_
_struct_sheet_order.sheet_id 
_struct_sheet_order.range_id_1 
_struct_sheet_order.range_id_2 
_struct_sheet_order.offset 
_struct_sheet_order.sense 
AA1 1 2 ? anti-parallel 
AA1 2 3 ? anti-parallel 
AA1 3 4 ? anti-parallel 
AA1 4 5 ? anti-parallel 
# 
loop_
_struct_sheet_range.sheet_id 
_struct_sheet_range.id 
_struct_sheet_range.beg_label_comp_id 
_struct_sheet_range.beg_label_asym_id 
_struct_sheet_range.beg_label_seq_id 
_struct_sheet_range.pdbx_beg_PDB_ins_code 
_struct_sheet_range.end_label_comp_id 
_struct_sheet_range.end_label_asym_id 
_struct_sheet_range.end_label_seq_id 
_struct_sheet_range.pdbx_end_PDB_ins_code 
_struct_sheet_range.beg_auth_comp_id 
_struct_sheet_range.beg_auth_asym_id 
_struct_sheet_range.beg_auth_seq_id 
_struct_sheet_range.end_auth_comp_id 
_struct_sheet_range.end_auth_asym_id 
_struct_sheet_range.end_auth_seq_id 
AA1 1 VAL A 45 ? CYS A 47 ? VAL A 1151 CYS A 1153 
AA1 2 ASN A 36 ? CYS A 39 ? ASN A 1142 CYS A 1145 
AA1 3 LEU A 66 ? SER A 69 ? LEU A 1172 SER A 1175 
AA1 4 ALA A 75 ? CYS A 77 ? ALA A 1181 CYS A 1183 
AA1 5 ALA A 82 ? TYR A 83 ? ALA A 1188 TYR A 1189 
# 
loop_
_pdbx_struct_sheet_hbond.sheet_id 
_pdbx_struct_sheet_hbond.range_id_1 
_pdbx_struct_sheet_hbond.range_id_2 
_pdbx_struct_sheet_hbond.range_1_label_atom_id 
_pdbx_struct_sheet_hbond.range_1_label_comp_id 
_pdbx_struct_sheet_hbond.range_1_label_asym_id 
_pdbx_struct_sheet_hbond.range_1_label_seq_id 
_pdbx_struct_sheet_hbond.range_1_PDB_ins_code 
_pdbx_struct_sheet_hbond.range_1_auth_atom_id 
_pdbx_struct_sheet_hbond.range_1_auth_comp_id 
_pdbx_struct_sheet_hbond.range_1_auth_asym_id 
_pdbx_struct_sheet_hbond.range_1_auth_seq_id 
_pdbx_struct_sheet_hbond.range_2_label_atom_id 
_pdbx_struct_sheet_hbond.range_2_label_comp_id 
_pdbx_struct_sheet_hbond.range_2_label_asym_id 
_pdbx_struct_sheet_hbond.range_2_label_seq_id 
_pdbx_struct_sheet_hbond.range_2_PDB_ins_code 
_pdbx_struct_sheet_hbond.range_2_auth_atom_id 
_pdbx_struct_sheet_hbond.range_2_auth_comp_id 
_pdbx_struct_sheet_hbond.range_2_auth_asym_id 
_pdbx_struct_sheet_hbond.range_2_auth_seq_id 
AA1 1 2 O TYR A 46 ? O TYR A 1152 N TRP A 37 ? N TRP A 1143 
AA1 2 3 N VAL A 38 ? N VAL A 1144 O LEU A 68 ? O LEU A 1174 
AA1 3 4 N VAL A 67 ? N VAL A 1173 O TRP A 76 ? O TRP A 1182 
AA1 4 5 N CYS A 77 ? N CYS A 1183 O ALA A 82 ? O ALA A 1188 
# 
loop_
_struct_site.id 
_struct_site.pdbx_evidence_code 
_struct_site.pdbx_auth_asym_id 
_struct_site.pdbx_auth_comp_id 
_struct_site.pdbx_auth_seq_id 
_struct_site.pdbx_auth_ins_code 
_struct_site.pdbx_num_residues 
_struct_site.details 
AC1 Software A ZN  1301 ? 4  'binding site for residue ZN A 1301'  
AC2 Software A ZN  1302 ? 4  'binding site for residue ZN A 1302'  
AC3 Software A ZN  1303 ? 4  'binding site for residue ZN A 1303'  
AC4 Software A 6U6 1317 ? 10 'binding site for residue 6U6 A 1317' 
# 
loop_
_struct_site_gen.id 
_struct_site_gen.site_id 
_struct_site_gen.pdbx_num_res 
_struct_site_gen.label_comp_id 
_struct_site_gen.label_asym_id 
_struct_site_gen.label_seq_id 
_struct_site_gen.pdbx_auth_ins_code 
_struct_site_gen.auth_comp_id 
_struct_site_gen.auth_asym_id 
_struct_site_gen.auth_seq_id 
_struct_site_gen.label_atom_id 
_struct_site_gen.label_alt_id 
_struct_site_gen.symmetry 
_struct_site_gen.details 
1  AC1 4  CYS A 39 ? CYS A 1145 . ? 1_555 ? 
2  AC1 4  CYS A 42 ? CYS A 1148 . ? 1_555 ? 
3  AC1 4  HIS A 58 ? HIS A 1164 . ? 1_555 ? 
4  AC1 4  HIS A 64 ? HIS A 1170 . ? 1_555 ? 
5  AC2 4  CYS A 27 ? CYS A 1133 . ? 1_555 ? 
6  AC2 4  CYS A 30 ? CYS A 1136 . ? 1_555 ? 
7  AC2 4  CYS A 47 ? CYS A 1153 . ? 1_555 ? 
8  AC2 4  HIS A 54 ? HIS A 1160 . ? 1_555 ? 
9  AC3 4  CYS A 7  ? CYS A 1113 . ? 1_555 ? 
10 AC3 4  HIS A 9  ? HIS A 1115 . ? 1_555 ? 
11 AC3 4  CYS A 77 ? CYS A 1183 . ? 1_555 ? 
12 AC3 4  CYS A 80 ? CYS A 1186 . ? 1_555 ? 
13 AC4 10 TRP A 37 ? TRP A 1143 . ? 1_555 ? 
14 AC4 10 GLY A 48 ? GLY A 1154 . ? 1_555 ? 
15 AC4 10 ARG A 49 ? ARG A 1155 . ? 1_555 ? 
16 AC4 10 LEU A 56 ? LEU A 1162 . ? 1_555 ? 
17 AC4 10 TRP A 76 ? TRP A 1182 . ? 1_555 ? 
18 AC4 10 TYR A 78 ? TYR A 1184 . ? 1_555 ? 
19 AC4 10 TYR A 83 ? TYR A 1189 . ? 1_555 ? 
20 AC4 10 HIS A 97 ? HIS A 1203 . ? 3_555 ? 
21 AC4 10 HOH S .  ? HOH A 1409 . ? 1_555 ? 
22 AC4 10 HOH S .  ? HOH A 1452 . ? 1_555 ? 
# 
_atom_sites.entry_id                    5KH3 
_atom_sites.fract_transf_matrix[1][1]   0.00859422 
_atom_sites.fract_transf_matrix[1][2]   -0.00204018 
_atom_sites.fract_transf_matrix[1][3]   0.02292732 
_atom_sites.fract_transf_matrix[2][1]   -0.00216102 
_atom_sites.fract_transf_matrix[2][2]   0.02243511 
_atom_sites.fract_transf_matrix[2][3]   0.00280643 
_atom_sites.fract_transf_matrix[3][1]   -0.01667416 
_atom_sites.fract_transf_matrix[3][2]   -0.00236167 
_atom_sites.fract_transf_matrix[3][3]   0.00604009 
_atom_sites.fract_transf_vector[1]      0.170686 
_atom_sites.fract_transf_vector[2]      -0.095486 
_atom_sites.fract_transf_vector[3]      0.158282 
# 
loop_
_atom_type.symbol 
C  
CL 
H  
N  
O  
S  
X  
ZN 
# 
loop_
_atom_site.group_PDB 
_atom_site.id 
_atom_site.type_symbol 
_atom_site.label_atom_id 
_atom_site.label_alt_id 
_atom_site.label_comp_id 
_atom_site.label_asym_id 
_atom_site.label_entity_id 
_atom_site.label_seq_id 
_atom_site.pdbx_PDB_ins_code 
_atom_site.Cartn_x 
_atom_site.Cartn_y 
_atom_site.Cartn_z 
_atom_site.occupancy 
_atom_site.B_iso_or_equiv 
_atom_site.pdbx_formal_charge 
_atom_site.auth_seq_id 
_atom_site.auth_comp_id 
_atom_site.auth_asym_id 
_atom_site.auth_atom_id 
_atom_site.pdbx_PDB_model_num 
ATOM   1   C  CA  A SER A 1 2   ? -6.344  -2.877  -16.011 0.60 23.98 ? 1108 SER A CA  1 
ATOM   2   C  CA  B SER A 1 2   ? -5.243  0.024   -17.047 0.40 21.74 ? 1108 SER A CA  1 
ATOM   3   C  C   A SER A 1 2   ? -4.996  -2.388  -15.401 0.60 22.08 ? 1108 SER A C   1 
ATOM   4   C  C   B SER A 1 2   ? -3.941  -0.366  -16.346 0.40 21.38 ? 1108 SER A C   1 
ATOM   5   O  O   A SER A 1 2   ? -4.396  -1.448  -15.921 0.60 22.25 ? 1108 SER A O   1 
ATOM   6   O  O   B SER A 1 2   ? -2.840  -0.071  -16.834 0.40 22.57 ? 1108 SER A O   1 
ATOM   7   N  N   A PRO A 1 3   ? -4.525  -3.027  -14.294 0.60 19.32 ? 1109 PRO A N   1 
ATOM   8   N  N   B PRO A 1 3   ? -4.062  -1.056  -15.203 0.40 20.21 ? 1109 PRO A N   1 
ATOM   9   C  CA  A PRO A 1 3   ? -3.231  -2.588  -13.759 0.60 18.01 ? 1109 PRO A CA  1 
ATOM   10  C  CA  B PRO A 1 3   ? -2.908  -1.407  -14.402 0.40 18.78 ? 1109 PRO A CA  1 
ATOM   11  C  C   A PRO A 1 3   ? -2.097  -3.149  -14.615 0.60 16.25 ? 1109 PRO A C   1 
ATOM   12  C  C   B PRO A 1 3   ? -1.916  -2.275  -15.151 0.40 17.97 ? 1109 PRO A C   1 
ATOM   13  O  O   A PRO A 1 3   ? -2.343  -3.993  -15.502 0.60 15.64 ? 1109 PRO A O   1 
ATOM   14  O  O   B PRO A 1 3   ? -2.270  -2.910  -16.146 0.40 18.29 ? 1109 PRO A O   1 
ATOM   15  C  CB  A PRO A 1 3   ? -3.214  -3.183  -12.343 0.60 17.70 ? 1109 PRO A CB  1 
ATOM   16  C  CB  B PRO A 1 3   ? -3.508  -2.244  -13.268 0.40 19.95 ? 1109 PRO A CB  1 
ATOM   17  C  CG  A PRO A 1 3   ? -4.088  -4.382  -12.438 0.60 19.86 ? 1109 PRO A CG  1 
ATOM   18  C  CG  B PRO A 1 3   ? -4.808  -2.733  -13.797 0.40 20.35 ? 1109 PRO A CG  1 
ATOM   19  C  CD  A PRO A 1 3   ? -5.131  -4.085  -13.470 0.60 18.96 ? 1109 PRO A CD  1 
ATOM   20  C  CD  B PRO A 1 3   ? -5.305  -1.586  -14.625 0.40 19.97 ? 1109 PRO A CD  1 
ATOM   21  N  N   A LEU A 1 4   ? -0.881  -2.674  -14.376 0.60 14.51 ? 1110 LEU A N   1 
ATOM   22  N  N   B LEU A 1 4   ? -0.694  -2.325  -14.649 0.40 16.08 ? 1110 LEU A N   1 
ATOM   23  C  CA  A LEU A 1 4   ? 0.314   -3.269  -14.982 0.60 14.86 ? 1110 LEU A CA  1 
ATOM   24  C  CA  B LEU A 1 4   ? 0.353   -3.195  -15.189 0.40 15.80 ? 1110 LEU A CA  1 
ATOM   25  C  C   A LEU A 1 4   ? 0.443   -4.663  -14.439 0.60 14.74 ? 1110 LEU A C   1 
ATOM   26  C  C   B LEU A 1 4   ? 0.254   -4.596  -14.592 0.40 15.21 ? 1110 LEU A C   1 
ATOM   27  O  O   A LEU A 1 4   ? 0.395   -4.867  -13.235 0.60 13.10 ? 1110 LEU A O   1 
ATOM   28  O  O   B LEU A 1 4   ? -0.212  -4.739  -13.480 0.40 14.94 ? 1110 LEU A O   1 
ATOM   29  C  CB  A LEU A 1 4   ? 1.598   -2.514  -14.605 0.60 14.88 ? 1110 LEU A CB  1 
ATOM   30  C  CB  B LEU A 1 4   ? 1.721   -2.628  -14.827 0.40 15.77 ? 1110 LEU A CB  1 
ATOM   31  C  CG  A LEU A 1 4   ? 1.869   -1.128  -15.165 0.60 15.69 ? 1110 LEU A CG  1 
ATOM   32  C  CG  B LEU A 1 4   ? 1.901   -1.153  -15.150 0.40 16.26 ? 1110 LEU A CG  1 
ATOM   33  C  CD1 A LEU A 1 4   ? 3.031   -0.414  -14.507 0.60 16.43 ? 1110 LEU A CD1 1 
ATOM   34  C  CD1 B LEU A 1 4   ? 3.169   -0.555  -14.567 0.40 16.87 ? 1110 LEU A CD1 1 
ATOM   35  C  CD2 A LEU A 1 4   ? 2.121   -1.192  -16.656 0.60 16.48 ? 1110 LEU A CD2 1 
ATOM   36  C  CD2 B LEU A 1 4   ? 1.861   -0.960  -16.657 0.40 16.76 ? 1110 LEU A CD2 1 
ATOM   37  N  N   . PRO A 1 5   ? 0.744   -5.637  -15.314 1.00 14.76 ? 1111 PRO A N   1 
ATOM   38  C  CA  . PRO A 1 5   ? 0.898   -6.985  -14.796 1.00 15.58 ? 1111 PRO A CA  1 
ATOM   39  C  C   . PRO A 1 5   ? 2.239   -7.289  -14.131 1.00 14.78 ? 1111 PRO A C   1 
ATOM   40  O  O   . PRO A 1 5   ? 2.449   -8.387  -13.599 1.00 18.76 ? 1111 PRO A O   1 
ATOM   41  C  CB  . PRO A 1 5   ? 0.760   -7.841  -16.072 1.00 17.03 ? 1111 PRO A CB  1 
ATOM   42  C  CG  . PRO A 1 5   ? 1.378   -6.984  -17.115 1.00 15.06 ? 1111 PRO A CG  1 
ATOM   43  C  CD  . PRO A 1 5   ? 0.949   -5.565  -16.780 1.00 15.38 ? 1111 PRO A CD  1 
ATOM   44  N  N   . TRP A 1 6   ? 3.137   -6.315  -14.095 1.00 13.45 ? 1112 TRP A N   1 
ATOM   45  C  CA  . TRP A 1 6   ? 4.428   -6.438  -13.482 1.00 12.64 ? 1112 TRP A CA  1 
ATOM   46  C  C   . TRP A 1 6   ? 4.982   -5.030  -13.338 1.00 12.64 ? 1112 TRP A C   1 
ATOM   47  O  O   . TRP A 1 6   ? 4.659   -4.138  -14.128 1.00 14.34 ? 1112 TRP A O   1 
ATOM   48  C  CB  . TRP A 1 6   ? 5.381   -7.228  -14.403 1.00 13.04 ? 1112 TRP A CB  1 
ATOM   49  C  CG  . TRP A 1 6   ? 6.699   -7.557  -13.833 1.00 13.17 ? 1112 TRP A CG  1 
ATOM   50  C  CD1 . TRP A 1 6   ? 7.019   -8.611  -13.025 1.00 13.04 ? 1112 TRP A CD1 1 
ATOM   51  C  CD2 . TRP A 1 6   ? 7.923   -6.841  -14.031 1.00 12.58 ? 1112 TRP A CD2 1 
ATOM   52  N  NE1 . TRP A 1 6   ? 8.332   -8.545  -12.651 1.00 14.05 ? 1112 TRP A NE1 1 
ATOM   53  C  CE2 . TRP A 1 6   ? 8.926   -7.505  -13.308 1.00 13.16 ? 1112 TRP A CE2 1 
ATOM   54  C  CE3 . TRP A 1 6   ? 8.277   -5.716  -14.787 1.00 13.03 ? 1112 TRP A CE3 1 
ATOM   55  C  CZ2 . TRP A 1 6   ? 10.250  -7.090  -13.320 1.00 13.28 ? 1112 TRP A CZ2 1 
ATOM   56  C  CZ3 . TRP A 1 6   ? 9.580   -5.299  -14.783 1.00 13.40 ? 1112 TRP A CZ3 1 
ATOM   57  C  CH2 . TRP A 1 6   ? 10.573  -6.006  -14.070 1.00 12.92 ? 1112 TRP A CH2 1 
ATOM   58  N  N   . CYS A 1 7   ? 5.910   -4.836  -12.428 1.00 11.47 ? 1113 CYS A N   1 
ATOM   59  C  CA  . CYS A 1 7   ? 6.773   -3.656  -12.463 1.00 11.42 ? 1113 CYS A CA  1 
ATOM   60  C  C   . CYS A 1 7   ? 8.115   -3.984  -11.828 1.00 11.12 ? 1113 CYS A C   1 
ATOM   61  O  O   . CYS A 1 7   ? 8.232   -4.942  -11.054 1.00 10.14 ? 1113 CYS A O   1 
ATOM   62  C  CB  . CYS A 1 7   ? 6.097   -2.397  -11.857 1.00 11.88 ? 1113 CYS A CB  1 
ATOM   63  S  SG  . CYS A 1 7   ? 6.526   -2.014  -10.110 1.00 11.37 ? 1113 CYS A SG  1 
ATOM   64  N  N   . PRO A 1 8   ? 9.128   -3.180  -12.166 1.00 11.82 ? 1114 PRO A N   1 
ATOM   65  C  CA  . PRO A 1 8   ? 10.481  -3.480  -11.697 1.00 12.44 ? 1114 PRO A CA  1 
ATOM   66  C  C   . PRO A 1 8   ? 10.751  -3.213  -10.222 1.00 13.10 ? 1114 PRO A C   1 
ATOM   67  O  O   . PRO A 1 8   ? 11.850  -3.483  -9.711  1.00 13.25 ? 1114 PRO A O   1 
ATOM   68  C  CB  . PRO A 1 8   ? 11.361  -2.657  -12.610 1.00 13.42 ? 1114 PRO A CB  1 
ATOM   69  C  CG  . PRO A 1 8   ? 10.477  -1.548  -13.119 1.00 13.33 ? 1114 PRO A CG  1 
ATOM   70  C  CD  . PRO A 1 8   ? 9.094   -2.070  -13.122 1.00 12.57 ? 1114 PRO A CD  1 
ATOM   71  N  N   . HIS A 1 9   ? 9.712   -2.769  -9.501  1.00 11.80 ? 1115 HIS A N   1 
ATOM   72  C  CA  . HIS A 1 9   ? 9.822   -2.574  -8.056  1.00 12.06 ? 1115 HIS A CA  1 
ATOM   73  C  C   . HIS A 1 9   ? 9.204   -3.641  -7.198  1.00 12.10 ? 1115 HIS A C   1 
ATOM   74  O  O   . HIS A 1 9   ? 9.316   -3.572  -5.962  1.00 12.65 ? 1115 HIS A O   1 
ATOM   75  C  CB  . HIS A 1 9   ? 9.271   -1.188  -7.705  1.00 11.01 ? 1115 HIS A CB  1 
ATOM   76  C  CG  . HIS A 1 9   ? 9.866   -0.120  -8.571  1.00 10.47 ? 1115 HIS A CG  1 
ATOM   77  N  ND1 . HIS A 1 9   ? 9.285   0.371   -9.731  1.00 11.20 ? 1115 HIS A ND1 1 
ATOM   78  C  CD2 . HIS A 1 9   ? 11.077  0.503   -8.480  1.00 11.02 ? 1115 HIS A CD2 1 
ATOM   79  C  CE1 . HIS A 1 9   ? 10.118  1.213   -10.323 1.00 11.87 ? 1115 HIS A CE1 1 
ATOM   80  N  NE2 . HIS A 1 9   ? 11.204  1.327   -9.565  1.00 11.32 ? 1115 HIS A NE2 1 
ATOM   81  N  N   . LEU A 1 10  ? 8.583   -4.641  -7.796  1.00 11.57 ? 1116 LEU A N   1 
ATOM   82  C  CA  . LEU A 1 10  ? 8.013   -5.767  -7.042  1.00 13.12 ? 1116 LEU A CA  1 
ATOM   83  C  C   . LEU A 1 10  ? 9.059   -6.497  -6.205  1.00 13.73 ? 1116 LEU A C   1 
ATOM   84  O  O   . LEU A 1 10  ? 8.700   -7.052  -5.136  1.00 13.57 ? 1116 LEU A O   1 
ATOM   85  C  CB  . LEU A 1 10  ? 7.303   -6.782  -7.961  1.00 13.12 ? 1116 LEU A CB  1 
ATOM   86  C  CG  . LEU A 1 10  ? 6.027   -6.309  -8.632  1.00 12.92 ? 1116 LEU A CG  1 
ATOM   87  C  CD1 . LEU A 1 10  ? 5.603   -7.300  -9.757  1.00 13.24 ? 1116 LEU A CD1 1 
ATOM   88  C  CD2 . LEU A 1 10  ? 4.901   -6.144  -7.593  1.00 12.77 ? 1116 LEU A CD2 1 
ATOM   89  N  N   . VAL A 1 11  ? 10.325  -6.443  -6.641  1.00 14.78 ? 1117 VAL A N   1 
ATOM   90  C  CA  . VAL A 1 11  ? 11.442  -7.006  -5.839  1.00 17.80 ? 1117 VAL A CA  1 
ATOM   91  C  C   . VAL A 1 11  ? 11.540  -6.397  -4.460  1.00 18.32 ? 1117 VAL A C   1 
ATOM   92  O  O   . VAL A 1 11  ? 12.115  -6.994  -3.596  1.00 18.94 ? 1117 VAL A O   1 
ATOM   93  C  CB  . VAL A 1 11  ? 12.807  -6.886  -6.532  1.00 18.12 ? 1117 VAL A CB  1 
ATOM   94  C  CG1 . VAL A 1 11  ? 12.864  -7.833  -7.718  1.00 18.95 ? 1117 VAL A CG1 1 
ATOM   95  C  CG2 . VAL A 1 11  ? 13.084  -5.450  -6.976  1.00 19.26 ? 1117 VAL A CG2 1 
ATOM   96  N  N   . ALA A 1 12  ? 11.006  -5.181  -4.253  1.00 16.97 ? 1118 ALA A N   1 
ATOM   97  C  CA  . ALA A 1 12  ? 11.082  -4.488  -2.977  1.00 16.91 ? 1118 ALA A CA  1 
ATOM   98  C  C   . ALA A 1 12  ? 9.912   -4.799  -2.044  1.00 14.47 ? 1118 ALA A C   1 
ATOM   99  O  O   . ALA A 1 12  ? 9.888   -4.302  -0.915  1.00 16.89 ? 1118 ALA A O   1 
ATOM   100 C  CB  . ALA A 1 12  ? 11.207  -2.978  -3.224  1.00 17.05 ? 1118 ALA A CB  1 
ATOM   101 N  N   . VAL A 1 13  ? 8.943   -5.594  -2.490  1.00 13.97 ? 1119 VAL A N   1 
ATOM   102 C  CA  . VAL A 1 13  ? 7.825   -6.061  -1.635  1.00 13.36 ? 1119 VAL A CA  1 
ATOM   103 C  C   . VAL A 1 13  ? 8.361   -7.056  -0.614  1.00 14.87 ? 1119 VAL A C   1 
ATOM   104 O  O   . VAL A 1 13  ? 9.006   -8.085  -0.986  1.00 16.08 ? 1119 VAL A O   1 
ATOM   105 C  CB  . VAL A 1 13  ? 6.684   -6.662  -2.474  1.00 14.89 ? 1119 VAL A CB  1 
ATOM   106 C  CG1 . VAL A 1 13  ? 5.601   -7.317  -1.613  1.00 15.43 ? 1119 VAL A CG1 1 
ATOM   107 C  CG2 . VAL A 1 13  ? 6.111   -5.514  -3.350  1.00 14.33 ? 1119 VAL A CG2 1 
ATOM   108 N  N   . CYS A 1 14  ? 8.112   -6.763  0.665   1.00 13.21 ? 1120 CYS A N   1 
ATOM   109 C  CA  . CYS A 1 14  ? 8.702   -7.557  1.728   1.00 14.00 ? 1120 CYS A CA  1 
ATOM   110 C  C   . CYS A 1 14  ? 7.684   -8.498  2.390   1.00 14.41 ? 1120 CYS A C   1 
ATOM   111 O  O   . CYS A 1 14  ? 6.470   -8.417  2.219   1.00 14.35 ? 1120 CYS A O   1 
ATOM   112 C  CB  . CYS A 1 14  ? 9.412   -6.616  2.726   1.00 13.51 ? 1120 CYS A CB  1 
ATOM   113 S  SG  . CYS A 1 14  ? 10.788  -5.731  2.032   1.00 15.55 ? 1120 CYS A SG  1 
ATOM   114 N  N   . PRO A 1 15  ? 8.195   -9.489  3.136   1.00 14.35 ? 1121 PRO A N   1 
ATOM   115 C  CA  . PRO A 1 15  ? 7.289   -10.381 3.782   1.00 15.18 ? 1121 PRO A CA  1 
ATOM   116 C  C   . PRO A 1 15  ? 6.311   -9.711  4.730   1.00 15.60 ? 1121 PRO A C   1 
ATOM   117 O  O   . PRO A 1 15  ? 6.657   -8.776  5.486   1.00 17.04 ? 1121 PRO A O   1 
ATOM   118 C  CB  . PRO A 1 15  ? 8.244   -11.351 4.533   1.00 14.86 ? 1121 PRO A CB  1 
ATOM   119 C  CG  . PRO A 1 15  ? 9.442   -11.311 3.747   1.00 14.09 ? 1121 PRO A CG  1 
ATOM   120 C  CD  . PRO A 1 15  ? 9.598   -9.940  3.273   1.00 15.08 ? 1121 PRO A CD  1 
ATOM   121 N  N   . ILE A 1 16  ? 5.111   -10.270 4.726   1.00 16.82 ? 1122 ILE A N   1 
ATOM   122 C  CA  . ILE A 1 16  ? 4.044   -9.760  5.541   1.00 18.23 ? 1122 ILE A CA  1 
ATOM   123 C  C   . ILE A 1 16  ? 4.358   -10.057 7.004   1.00 19.23 ? 1122 ILE A C   1 
ATOM   124 O  O   . ILE A 1 16  ? 4.707   -11.211 7.337   1.00 19.87 ? 1122 ILE A O   1 
ATOM   125 C  CB  . ILE A 1 16  ? 2.696   -10.417 5.249   1.00 20.76 ? 1122 ILE A CB  1 
ATOM   126 C  CG1 . ILE A 1 16  ? 2.306   -10.292 3.773   1.00 22.55 ? 1122 ILE A CG1 1 
ATOM   127 C  CG2 . ILE A 1 16  ? 1.646   -9.705  6.070   1.00 23.28 ? 1122 ILE A CG2 1 
ATOM   128 C  CD1 . ILE A 1 16  ? 1.339   -11.358 3.281   1.00 24.18 ? 1122 ILE A CD1 1 
ATOM   129 N  N   . PRO A 1 17  ? 4.273   -9.048  7.865   1.00 16.69 ? 1123 PRO A N   1 
ATOM   130 C  CA  . PRO A 1 17  ? 4.465   -9.349  9.268   1.00 17.39 ? 1123 PRO A CA  1 
ATOM   131 C  C   . PRO A 1 17  ? 3.538   -10.427 9.802   1.00 18.17 ? 1123 PRO A C   1 
ATOM   132 O  O   . PRO A 1 17  ? 2.352   -10.516 9.413   1.00 16.38 ? 1123 PRO A O   1 
ATOM   133 C  CB  . PRO A 1 17  ? 4.179   -8.022  9.973   1.00 18.07 ? 1123 PRO A CB  1 
ATOM   134 C  CG  . PRO A 1 17  ? 4.393   -6.978  8.903   1.00 18.20 ? 1123 PRO A CG  1 
ATOM   135 C  CD  . PRO A 1 17  ? 3.936   -7.623  7.662   1.00 17.71 ? 1123 PRO A CD  1 
ATOM   136 N  N   . ALA A 1 18  ? 4.099   -11.257 10.694  1.00 18.75 ? 1124 ALA A N   1 
ATOM   137 C  CA  . ALA A 1 18  ? 3.301   -12.331 11.305  1.00 18.75 ? 1124 ALA A CA  1 
ATOM   138 C  C   . ALA A 1 18  ? 2.122   -11.749 12.135  1.00 18.84 ? 1124 ALA A C   1 
ATOM   139 O  O   . ALA A 1 18  ? 1.119   -12.448 12.315  1.00 20.44 ? 1124 ALA A O   1 
ATOM   140 C  CB  . ALA A 1 18  ? 4.161   -13.263 12.186  1.00 18.68 ? 1124 ALA A CB  1 
ATOM   141 N  N   . ALA A 1 19  ? 2.194   -10.501 12.565  1.00 18.17 ? 1125 ALA A N   1 
ATOM   142 C  CA  . ALA A 1 19  ? 1.017   -9.836  13.177  1.00 21.21 ? 1125 ALA A CA  1 
ATOM   143 C  C   . ALA A 1 19  ? -0.140  -9.589  12.200  1.00 23.38 ? 1125 ALA A C   1 
ATOM   144 O  O   . ALA A 1 19  ? -1.286  -9.348  12.613  1.00 23.48 ? 1125 ALA A O   1 
ATOM   145 C  CB  . ALA A 1 19  ? 1.406   -8.538  13.831  1.00 23.01 ? 1125 ALA A CB  1 
ATOM   146 N  N   . GLY A 1 20  ? 0.119   -9.736  10.912  1.00 19.23 ? 1126 GLY A N   1 
ATOM   147 C  CA  . GLY A 1 20  ? -0.869  -9.461  9.902   1.00 19.21 ? 1126 GLY A CA  1 
ATOM   148 C  C   . GLY A 1 20  ? -1.098  -7.947  9.701   1.00 17.67 ? 1126 GLY A C   1 
ATOM   149 O  O   . GLY A 1 20  ? -0.295  -7.057  10.102  1.00 18.30 ? 1126 GLY A O   1 
ATOM   150 N  N   . LEU A 1 21  ? -2.199  -7.658  9.024   1.00 16.30 ? 1127 LEU A N   1 
ATOM   151 C  CA  . LEU A 1 21  ? -2.507  -6.253  8.667   1.00 15.81 ? 1127 LEU A CA  1 
ATOM   152 C  C   . LEU A 1 21  ? -3.756  -5.838  9.395   1.00 14.81 ? 1127 LEU A C   1 
ATOM   153 O  O   . LEU A 1 21  ? -4.639  -6.680  9.615   1.00 16.77 ? 1127 LEU A O   1 
ATOM   154 C  CB  . LEU A 1 21  ? -2.782  -6.129  7.168   1.00 16.82 ? 1127 LEU A CB  1 
ATOM   155 C  CG  . LEU A 1 21  ? -1.620  -6.596  6.299   1.00 17.32 ? 1127 LEU A CG  1 
ATOM   156 C  CD1 . LEU A 1 21  ? -2.050  -6.640  4.860   1.00 17.74 ? 1127 LEU A CD1 1 
ATOM   157 C  CD2 . LEU A 1 21  ? -0.383  -5.761  6.513   1.00 18.21 ? 1127 LEU A CD2 1 
ATOM   158 N  N   . ASP A 1 22  ? -3.841  -4.540  9.718   1.00 13.73 ? 1128 ASP A N   1 
ATOM   159 C  CA  . ASP A 1 22  ? -5.034  -3.970  10.332  1.00 13.74 ? 1128 ASP A CA  1 
ATOM   160 C  C   . ASP A 1 22  ? -5.503  -2.880  9.400   1.00 12.61 ? 1128 ASP A C   1 
ATOM   161 O  O   . ASP A 1 22  ? -4.952  -1.808  9.399   1.00 11.78 ? 1128 ASP A O   1 
ATOM   162 C  CB  . ASP A 1 22  ? -4.732  -3.384  11.704  1.00 15.47 ? 1128 ASP A CB  1 
ATOM   163 C  CG  . ASP A 1 22  ? -5.921  -2.735  12.336  1.00 18.10 ? 1128 ASP A CG  1 
ATOM   164 O  OD1 . ASP A 1 22  ? -7.023  -2.732  11.760  1.00 16.32 ? 1128 ASP A OD1 1 
ATOM   165 O  OD2 . ASP A 1 22  ? -5.696  -2.123  13.403  1.00 24.39 ? 1128 ASP A OD2 1 
ATOM   166 N  N   . VAL A 1 23  ? -6.540  -3.182  8.635   1.00 10.56 ? 1129 VAL A N   1 
ATOM   167 C  CA  . VAL A 1 23  ? -7.001  -2.231  7.642   1.00 11.53 ? 1129 VAL A CA  1 
ATOM   168 C  C   . VAL A 1 23  ? -7.660  -0.970  8.229   1.00 11.13 ? 1129 VAL A C   1 
ATOM   169 O  O   . VAL A 1 23  ? -7.857  0.034   7.510   1.00 10.36 ? 1129 VAL A O   1 
ATOM   170 C  CB  . VAL A 1 23  ? -7.964  -2.853  6.586   1.00 12.70 ? 1129 VAL A CB  1 
ATOM   171 C  CG1 . VAL A 1 23  ? -7.273  -4.021  5.922   1.00 14.74 ? 1129 VAL A CG1 1 
ATOM   172 C  CG2 . VAL A 1 23  ? -9.315  -3.180  7.200   1.00 13.66 ? 1129 VAL A CG2 1 
ATOM   173 N  N   . THR A 1 24  ? -7.910  -0.994  9.569   1.00 11.06 ? 1130 THR A N   1 
ATOM   174 C  CA  . THR A 1 24  ? -8.428  0.178   10.256  1.00 12.59 ? 1130 THR A CA  1 
ATOM   175 C  C   . THR A 1 24  ? -7.347  0.991   10.948  1.00 12.53 ? 1130 THR A C   1 
ATOM   176 O  O   . THR A 1 24  ? -7.632  2.005   11.651  1.00 14.74 ? 1130 THR A O   1 
ATOM   177 C  CB  . THR A 1 24  ? -9.528  -0.174  11.264  1.00 12.72 ? 1130 THR A CB  1 
ATOM   178 O  OG1 . THR A 1 24  ? -8.990  -0.887  12.364  1.00 12.17 ? 1130 THR A OG1 1 
ATOM   179 C  CG2 . THR A 1 24  ? -10.585 -0.950  10.599  1.00 13.82 ? 1130 THR A CG2 1 
ATOM   180 N  N   . GLN A 1 25  ? -6.087  0.623   10.735  1.00 12.01 ? 1131 GLN A N   1 
ATOM   181 C  CA  . GLN A 1 25  ? -4.964  1.326   11.356  1.00 12.53 ? 1131 GLN A CA  1 
ATOM   182 C  C   . GLN A 1 25  ? -4.909  2.790   10.908  1.00 14.13 ? 1131 GLN A C   1 
ATOM   183 O  O   . GLN A 1 25  ? -5.001  3.092   9.719   1.00 12.78 ? 1131 GLN A O   1 
ATOM   184 C  CB  . GLN A 1 25  ? -3.656  0.612   11.003  1.00 13.00 ? 1131 GLN A CB  1 
ATOM   185 C  CG  . GLN A 1 25  ? -2.427  1.149   11.691  1.00 12.69 ? 1131 GLN A CG  1 
ATOM   186 C  CD  . GLN A 1 25  ? -1.213  0.257   11.585  1.00 12.86 ? 1131 GLN A CD  1 
ATOM   187 O  OE1 . GLN A 1 25  ? -1.327  -0.969  11.410  1.00 15.31 ? 1131 GLN A OE1 1 
ATOM   188 N  NE2 . GLN A 1 25  ? -0.058  0.858   11.682  1.00 13.63 ? 1131 GLN A NE2 1 
ATOM   189 N  N   . PRO A 1 26  ? -4.724  3.712   11.827  1.00 12.35 ? 1132 PRO A N   1 
ATOM   190 C  CA  . PRO A 1 26  ? -4.699  5.123   11.403  1.00 12.47 ? 1132 PRO A CA  1 
ATOM   191 C  C   . PRO A 1 26  ? -3.347  5.517   10.802  1.00 11.21 ? 1132 PRO A C   1 
ATOM   192 O  O   . PRO A 1 26  ? -2.334  4.793   10.960  1.00 10.73 ? 1132 PRO A O   1 
ATOM   193 C  CB  . PRO A 1 26  ? -4.991  5.857   12.694  1.00 14.36 ? 1132 PRO A CB  1 
ATOM   194 C  CG  . PRO A 1 26  ? -4.405  5.012   13.719  1.00 14.45 ? 1132 PRO A CG  1 
ATOM   195 C  CD  . PRO A 1 26  ? -4.707  3.586   13.293  1.00 13.18 ? 1132 PRO A CD  1 
ATOM   196 N  N   . CYS A 1 27  ? -3.318  6.704   10.200  1.00 10.52 ? 1133 CYS A N   1 
ATOM   197 C  CA  . CYS A 1 27  ? -2.083  7.226   9.638   1.00 10.64 ? 1133 CYS A CA  1 
ATOM   198 C  C   . CYS A 1 27  ? -1.078  7.375   10.750  1.00 11.76 ? 1133 CYS A C   1 
ATOM   199 O  O   . CYS A 1 27  ? -1.355  8.021   11.748  1.00 13.70 ? 1133 CYS A O   1 
ATOM   200 C  CB  . CYS A 1 27  ? -2.274  8.574   9.019   1.00 10.92 ? 1133 CYS A CB  1 
ATOM   201 S  SG  . CYS A 1 27  ? -0.825  9.398   8.346   1.00 10.67 ? 1133 CYS A SG  1 
ATOM   202 N  N   . GLY A 1 28  ? 0.121   6.919   10.507  1.00 11.11 ? 1134 GLY A N   1 
ATOM   203 C  CA  . GLY A 1 28  ? 1.205   7.071   11.487  1.00 12.17 ? 1134 GLY A CA  1 
ATOM   204 C  C   . GLY A 1 28  ? 1.671   8.463   11.788  1.00 14.65 ? 1134 GLY A C   1 
ATOM   205 O  O   . GLY A 1 28  ? 2.362   8.666   12.818  1.00 17.30 ? 1134 GLY A O   1 
ATOM   206 N  N   A ASP A 1 29  ? 1.401   9.399   10.908  0.70 14.17 ? 1135 ASP A N   1 
ATOM   207 N  N   B ASP A 1 29  ? 1.308   9.414   10.945  0.30 14.33 ? 1135 ASP A N   1 
ATOM   208 C  CA  A ASP A 1 29  ? 1.754   10.808  11.120  0.70 15.31 ? 1135 ASP A CA  1 
ATOM   209 C  CA  B ASP A 1 29  ? 1.755   10.788  11.074  0.30 14.77 ? 1135 ASP A CA  1 
ATOM   210 C  C   A ASP A 1 29  ? 0.572   11.537  11.769  0.70 14.64 ? 1135 ASP A C   1 
ATOM   211 C  C   B ASP A 1 29  ? 0.668   11.731  11.601  0.30 14.44 ? 1135 ASP A C   1 
ATOM   212 O  O   A ASP A 1 29  ? 0.629   11.934  12.954  0.70 13.90 ? 1135 ASP A O   1 
ATOM   213 O  O   B ASP A 1 29  ? 0.925   12.533  12.498  0.30 14.99 ? 1135 ASP A O   1 
ATOM   214 C  CB  A ASP A 1 29  ? 2.187   11.456  9.807   0.70 16.29 ? 1135 ASP A CB  1 
ATOM   215 C  CB  B ASP A 1 29  ? 2.267   11.263  9.735   0.30 15.08 ? 1135 ASP A CB  1 
ATOM   216 C  CG  A ASP A 1 29  ? 3.570   11.008  9.353   0.70 19.10 ? 1135 ASP A CG  1 
ATOM   217 C  CG  B ASP A 1 29  ? 2.979   12.560  9.842   0.30 16.42 ? 1135 ASP A CG  1 
ATOM   218 O  OD1 A ASP A 1 29  ? 4.397   10.537  10.206  0.70 21.13 ? 1135 ASP A OD1 1 
ATOM   219 O  OD1 B ASP A 1 29  ? 2.583   13.334  10.718  0.30 16.02 ? 1135 ASP A OD1 1 
ATOM   220 O  OD2 A ASP A 1 29  ? 3.827   11.162  8.119   0.70 20.92 ? 1135 ASP A OD2 1 
ATOM   221 O  OD2 B ASP A 1 29  ? 3.928   12.781  9.063   0.30 17.46 ? 1135 ASP A OD2 1 
ATOM   222 N  N   . CYS A 1 30  ? -0.543  11.671  11.052  1.00 13.99 ? 1136 CYS A N   1 
ATOM   223 C  CA  . CYS A 1 30  ? -1.615  12.569  11.511  1.00 13.13 ? 1136 CYS A CA  1 
ATOM   224 C  C   . CYS A 1 30  ? -2.733  11.871  12.222  1.00 13.14 ? 1136 CYS A C   1 
ATOM   225 O  O   . CYS A 1 30  ? -3.666  12.528  12.698  1.00 13.70 ? 1136 CYS A O   1 
ATOM   226 C  CB  . CYS A 1 30  ? -2.185  13.354  10.344  1.00 13.15 ? 1136 CYS A CB  1 
ATOM   227 S  SG  . CYS A 1 30  ? -3.064  12.384  9.096   1.00 11.94 ? 1136 CYS A SG  1 
ATOM   228 N  N   . GLY A 1 31  ? -2.735  10.543  12.270  1.00 13.02 ? 1137 GLY A N   1 
ATOM   229 C  CA  . GLY A 1 31  ? -3.800  9.794   12.962  1.00 12.80 ? 1137 GLY A CA  1 
ATOM   230 C  C   . GLY A 1 31  ? -5.141  9.712   12.284  1.00 12.25 ? 1137 GLY A C   1 
ATOM   231 O  O   . GLY A 1 31  ? -6.066  9.159   12.836  1.00 13.25 ? 1137 GLY A O   1 
ATOM   232 N  N   . THR A 1 32  ? -5.260  10.199  11.046  1.00 11.47 ? 1138 THR A N   1 
ATOM   233 C  CA  . THR A 1 32  ? -6.534  10.096  10.346  1.00 12.02 ? 1138 THR A CA  1 
ATOM   234 C  C   . THR A 1 32  ? -6.907  8.650   10.090  1.00 12.23 ? 1138 THR A C   1 
ATOM   235 O  O   . THR A 1 32  ? -6.036  7.791   9.860   1.00 11.16 ? 1138 THR A O   1 
ATOM   236 C  CB  . THR A 1 32  ? -6.596  10.866  9.019   1.00 12.53 ? 1138 THR A CB  1 
ATOM   237 O  OG1 . THR A 1 32  ? -7.907  10.789  8.477   1.00 14.58 ? 1138 THR A OG1 1 
ATOM   238 C  CG2 . THR A 1 32  ? -5.657  10.287  7.975   1.00 12.14 ? 1138 THR A CG2 1 
ATOM   239 N  N   . ILE A 1 33  ? -8.190  8.363   10.141  1.00 12.30 ? 1139 ILE A N   1 
ATOM   240 C  CA  . ILE A 1 33  ? -8.708  7.061   9.797   1.00 15.20 ? 1139 ILE A CA  1 
ATOM   241 C  C   . ILE A 1 33  ? -9.129  6.968   8.350   1.00 15.84 ? 1139 ILE A C   1 
ATOM   242 O  O   . ILE A 1 33  ? -9.488  5.861   7.942   1.00 17.78 ? 1139 ILE A O   1 
ATOM   243 C  CB  . ILE A 1 33  ? -9.826  6.614   10.736  1.00 18.62 ? 1139 ILE A CB  1 
ATOM   244 C  CG1 . ILE A 1 33  ? -11.075 7.475   10.581  1.00 22.15 ? 1139 ILE A CG1 1 
ATOM   245 C  CG2 . ILE A 1 33  ? -9.303  6.635   12.188  1.00 20.98 ? 1139 ILE A CG2 1 
ATOM   246 C  CD1 . ILE A 1 33  ? -12.213 7.051   11.513  1.00 24.64 ? 1139 ILE A CD1 1 
ATOM   247 N  N   . GLN A 1 34  ? -8.981  8.042   7.575   1.00 15.32 ? 1140 GLN A N   1 
ATOM   248 C  CA  . GLN A 1 34  ? -9.456  8.076   6.203   1.00 16.31 ? 1140 GLN A CA  1 
ATOM   249 C  C   . GLN A 1 34  ? -8.340  7.850   5.163   1.00 13.85 ? 1140 GLN A C   1 
ATOM   250 O  O   . GLN A 1 34  ? -7.245  8.387   5.290   1.00 14.97 ? 1140 GLN A O   1 
ATOM   251 C  CB  . GLN A 1 34  ? -10.044 9.444   5.911   1.00 17.97 ? 1140 GLN A CB  1 
ATOM   252 C  CG  . GLN A 1 34  ? -11.182 9.830   6.821   1.00 21.30 ? 1140 GLN A CG  1 
ATOM   253 C  CD  . GLN A 1 34  ? -11.783 11.159  6.404   1.00 22.21 ? 1140 GLN A CD  1 
ATOM   254 O  OE1 . GLN A 1 34  ? -12.111 11.348  5.273   1.00 26.73 ? 1140 GLN A OE1 1 
ATOM   255 N  NE2 . GLN A 1 34  ? -11.881 12.066  7.328   1.00 25.61 ? 1140 GLN A NE2 1 
ATOM   256 N  N   A GLU A 1 35  ? -8.685  7.180   4.077   0.30 12.38 ? 1141 GLU A N   1 
ATOM   257 N  N   B GLU A 1 35  ? -8.669  7.048   4.196   0.70 12.73 ? 1141 GLU A N   1 
ATOM   258 C  CA  A GLU A 1 35  ? -7.797  6.985   2.923   0.30 11.41 ? 1141 GLU A CA  1 
ATOM   259 C  CA  B GLU A 1 35  ? -7.889  6.864   3.004   0.70 12.51 ? 1141 GLU A CA  1 
ATOM   260 C  C   A GLU A 1 35  ? -6.394  6.597   3.352   0.30 10.49 ? 1141 GLU A C   1 
ATOM   261 C  C   B GLU A 1 35  ? -6.425  6.487   3.260   0.70 10.57 ? 1141 GLU A C   1 
ATOM   262 O  O   A GLU A 1 35  ? -5.474  7.291   2.961   0.30 10.91 ? 1141 GLU A O   1 
ATOM   263 O  O   B GLU A 1 35  ? -5.531  6.961   2.588   0.70 11.07 ? 1141 GLU A O   1 
ATOM   264 C  CB  A GLU A 1 35  ? -7.667  8.259   2.017   0.30 11.47 ? 1141 GLU A CB  1 
ATOM   265 C  CB  B GLU A 1 35  ? -8.076  8.060   2.063   0.70 14.48 ? 1141 GLU A CB  1 
ATOM   266 C  CG  A GLU A 1 35  ? -7.680  7.970   0.495   0.30 11.47 ? 1141 GLU A CG  1 
ATOM   267 C  CG  B GLU A 1 35  ? -9.459  7.976   1.441   0.70 17.19 ? 1141 GLU A CG  1 
ATOM   268 C  CD  A GLU A 1 35  ? -6.704  8.755   -0.449  0.30 12.31 ? 1141 GLU A CD  1 
ATOM   269 C  CD  B GLU A 1 35  ? -9.935  9.220   0.780   0.70 19.60 ? 1141 GLU A CD  1 
ATOM   270 O  OE1 A GLU A 1 35  ? -6.418  9.998   -0.297  0.30 9.54  ? 1141 GLU A OE1 1 
ATOM   271 O  OE1 B GLU A 1 35  ? -9.139  10.059  0.333   0.70 18.06 ? 1141 GLU A OE1 1 
ATOM   272 O  OE2 A GLU A 1 35  ? -6.188  8.035   -1.378  0.30 13.23 ? 1141 GLU A OE2 1 
ATOM   273 O  OE2 B GLU A 1 35  ? -11.183 9.352   0.679   0.70 22.49 ? 1141 GLU A OE2 1 
ATOM   274 N  N   . ASN A 1 36  ? -6.225  5.562   4.183   1.00 9.97  ? 1142 ASN A N   1 
ATOM   275 C  CA  . ASN A 1 36  ? -4.878  5.072   4.452   1.00 9.78  ? 1142 ASN A CA  1 
ATOM   276 C  C   . ASN A 1 36  ? -4.414  3.992   3.503   1.00 9.18  ? 1142 ASN A C   1 
ATOM   277 O  O   . ASN A 1 36  ? -5.223  3.257   2.903   1.00 9.58  ? 1142 ASN A O   1 
ATOM   278 C  CB  . ASN A 1 36  ? -4.805  4.606   5.914   1.00 10.15 ? 1142 ASN A CB  1 
ATOM   279 C  CG  . ASN A 1 36  ? -4.880  5.774   6.859   1.00 11.15 ? 1142 ASN A CG  1 
ATOM   280 O  OD1 . ASN A 1 36  ? -4.121  6.721   6.717   1.00 12.54 ? 1142 ASN A OD1 1 
ATOM   281 N  ND2 . ASN A 1 36  ? -5.818  5.722   7.821   1.00 11.46 ? 1142 ASN A ND2 1 
ATOM   282 N  N   . TRP A 1 37  ? -3.102  3.919   3.385   1.00 9.64  ? 1143 TRP A N   1 
ATOM   283 C  CA  . TRP A 1 37  ? -2.360  2.958   2.594   1.00 8.90  ? 1143 TRP A CA  1 
ATOM   284 C  C   . TRP A 1 37  ? -1.335  2.294   3.520   1.00 8.40  ? 1143 TRP A C   1 
ATOM   285 O  O   . TRP A 1 37  ? -0.927  2.908   4.469   1.00 8.73  ? 1143 TRP A O   1 
ATOM   286 C  CB  . TRP A 1 37  ? -1.634  3.670   1.481   1.00 9.66  ? 1143 TRP A CB  1 
ATOM   287 C  CG  . TRP A 1 37  ? -2.570  4.298   0.465   1.00 10.07 ? 1143 TRP A CG  1 
ATOM   288 C  CD1 . TRP A 1 37  ? -3.385  5.388   0.649   1.00 10.27 ? 1143 TRP A CD1 1 
ATOM   289 C  CD2 . TRP A 1 37  ? -2.813  3.846   -0.883  1.00 10.34 ? 1143 TRP A CD2 1 
ATOM   290 N  NE1 . TRP A 1 37  ? -4.087  5.655   -0.495  1.00 11.60 ? 1143 TRP A NE1 1 
ATOM   291 C  CE2 . TRP A 1 37  ? -3.786  4.705   -1.443  1.00 11.47 ? 1143 TRP A CE2 1 
ATOM   292 C  CE3 . TRP A 1 37  ? -2.332  2.775   -1.660  1.00 9.84  ? 1143 TRP A CE3 1 
ATOM   293 C  CZ2 . TRP A 1 37  ? -4.216  4.562   -2.769  1.00 11.74 ? 1143 TRP A CZ2 1 
ATOM   294 C  CZ3 . TRP A 1 37  ? -2.762  2.624   -2.944  1.00 10.35 ? 1143 TRP A CZ3 1 
ATOM   295 C  CH2 . TRP A 1 37  ? -3.710  3.478   -3.491  1.00 10.89 ? 1143 TRP A CH2 1 
ATOM   296 N  N   . VAL A 1 38  ? -0.929  1.075   3.173   1.00 8.19  ? 1144 VAL A N   1 
ATOM   297 C  CA  . VAL A 1 38  ? 0.142   0.371   3.884   1.00 8.71  ? 1144 VAL A CA  1 
ATOM   298 C  C   . VAL A 1 38  ? 1.335   0.211   2.920   1.00 8.23  ? 1144 VAL A C   1 
ATOM   299 O  O   . VAL A 1 38  ? 1.189   -0.144  1.744   1.00 8.26  ? 1144 VAL A O   1 
ATOM   300 C  CB  . VAL A 1 38  ? -0.303  -0.996  4.497   1.00 8.61  ? 1144 VAL A CB  1 
ATOM   301 C  CG1 . VAL A 1 38  ? -0.806  -1.966  3.420   1.00 8.34  ? 1144 VAL A CG1 1 
ATOM   302 C  CG2 . VAL A 1 38  ? 0.824   -1.567  5.359   1.00 9.54  ? 1144 VAL A CG2 1 
ATOM   303 N  N   . CYS A 1 39  ? 2.537   0.510   3.406   1.00 8.59  ? 1145 CYS A N   1 
ATOM   304 C  CA  . CYS A 1 39  ? 3.734   0.344   2.605   1.00 9.45  ? 1145 CYS A CA  1 
ATOM   305 C  C   . CYS A 1 39  ? 4.119   -1.147  2.517   1.00 9.44  ? 1145 CYS A C   1 
ATOM   306 O  O   . CYS A 1 39  ? 4.249   -1.829  3.520   1.00 9.25  ? 1145 CYS A O   1 
ATOM   307 C  CB  . CYS A 1 39  ? 4.853   1.136   3.211   1.00 9.61  ? 1145 CYS A CB  1 
ATOM   308 S  SG  . CYS A 1 39  ? 6.382   0.978   2.275   1.00 10.32 ? 1145 CYS A SG  1 
ATOM   309 N  N   . LEU A 1 40  ? 4.356   -1.632  1.329   1.00 9.43  ? 1146 LEU A N   1 
ATOM   310 C  CA  . LEU A 1 40  ? 4.594   -3.029  1.122   1.00 9.66  ? 1146 LEU A CA  1 
ATOM   311 C  C   . LEU A 1 40  ? 6.072   -3.343  1.283   1.00 11.13 ? 1146 LEU A C   1 
ATOM   312 O  O   . LEU A 1 40  ? 6.433   -4.510  1.120   1.00 11.16 ? 1146 LEU A O   1 
ATOM   313 C  CB  . LEU A 1 40  ? 4.077   -3.469  -0.240  1.00 10.82 ? 1146 LEU A CB  1 
ATOM   314 C  CG  . LEU A 1 40  ? 2.542   -3.386  -0.434  1.00 10.28 ? 1146 LEU A CG  1 
ATOM   315 C  CD1 . LEU A 1 40  ? 2.157   -3.960  -1.770  1.00 11.39 ? 1146 LEU A CD1 1 
ATOM   316 C  CD2 . LEU A 1 40  ? 1.848   -4.125  0.675   1.00 11.25 ? 1146 LEU A CD2 1 
ATOM   317 N  N   . SER A 1 41  ? 6.880   -2.360  1.668   1.00 9.76  ? 1147 SER A N   1 
ATOM   318 C  CA  . SER A 1 41  ? 8.271   -2.663  2.074   1.00 10.69 ? 1147 SER A CA  1 
ATOM   319 C  C   . SER A 1 41  ? 8.366   -2.757  3.600   1.00 12.20 ? 1147 SER A C   1 
ATOM   320 O  O   . SER A 1 41  ? 8.887   -3.738  4.113   1.00 15.52 ? 1147 SER A O   1 
ATOM   321 C  CB  . SER A 1 41  ? 9.247   -1.695  1.467   1.00 9.95  ? 1147 SER A CB  1 
ATOM   322 O  OG  . SER A 1 41  ? 9.275   -1.769  0.055   1.00 10.12 ? 1147 SER A OG  1 
ATOM   323 N  N   . CYS A 1 42  ? 7.884   -1.751  4.332   1.00 11.29 ? 1148 CYS A N   1 
ATOM   324 C  CA  . CYS A 1 42  ? 8.094   -1.689  5.790   1.00 11.93 ? 1148 CYS A CA  1 
ATOM   325 C  C   . CYS A 1 42  ? 6.802   -1.771  6.603   1.00 11.45 ? 1148 CYS A C   1 
ATOM   326 O  O   . CYS A 1 42  ? 6.827   -1.726  7.840   1.00 12.21 ? 1148 CYS A O   1 
ATOM   327 C  CB  . CYS A 1 42  ? 8.874   -0.446  6.127   1.00 12.80 ? 1148 CYS A CB  1 
ATOM   328 S  SG  . CYS A 1 42  ? 7.913   1.126   5.978   1.00 15.23 ? 1148 CYS A SG  1 
ATOM   329 N  N   . TYR A 1 43  ? 5.654   -1.827  5.916   1.00 10.01 ? 1149 TYR A N   1 
ATOM   330 C  CA  . TYR A 1 43  ? 4.365   -2.039  6.548   1.00 10.59 ? 1149 TYR A CA  1 
ATOM   331 C  C   . TYR A 1 43  ? 3.918   -0.946  7.547   1.00 10.41 ? 1149 TYR A C   1 
ATOM   332 O  O   . TYR A 1 43  ? 2.996   -1.168  8.359   1.00 10.36 ? 1149 TYR A O   1 
ATOM   333 C  CB  . TYR A 1 43  ? 4.295   -3.474  7.073   1.00 11.29 ? 1149 TYR A CB  1 
ATOM   334 C  CG  . TYR A 1 43  ? 4.247   -4.451  5.954   1.00 11.16 ? 1149 TYR A CG  1 
ATOM   335 C  CD1 . TYR A 1 43  ? 3.029   -4.822  5.370   1.00 11.59 ? 1149 TYR A CD1 1 
ATOM   336 C  CD2 . TYR A 1 43  ? 5.412   -4.944  5.396   1.00 11.49 ? 1149 TYR A CD2 1 
ATOM   337 C  CE1 . TYR A 1 43  ? 2.978   -5.666  4.272   1.00 11.69 ? 1149 TYR A CE1 1 
ATOM   338 C  CE2 . TYR A 1 43  ? 5.368   -5.828  4.341   1.00 11.51 ? 1149 TYR A CE2 1 
ATOM   339 C  CZ  . TYR A 1 43  ? 4.186   -6.197  3.781   1.00 11.61 ? 1149 TYR A CZ  1 
ATOM   340 O  OH  . TYR A 1 43  ? 4.186   -7.029  2.697   1.00 13.26 ? 1149 TYR A OH  1 
ATOM   341 N  N   . GLN A 1 44  ? 4.508   0.240   7.417   1.00 9.67  ? 1150 GLN A N   1 
ATOM   342 C  CA  . GLN A 1 44  ? 3.946   1.455   7.987   1.00 10.35 ? 1150 GLN A CA  1 
ATOM   343 C  C   . GLN A 1 44  ? 2.696   1.917   7.239   1.00 9.74  ? 1150 GLN A C   1 
ATOM   344 O  O   . GLN A 1 44  ? 2.571   1.664   6.029   1.00 10.10 ? 1150 GLN A O   1 
ATOM   345 C  CB  . GLN A 1 44  ? 4.955   2.528   8.132   1.00 10.78 ? 1150 GLN A CB  1 
ATOM   346 C  CG  . GLN A 1 44  ? 6.064   2.135   9.108   1.00 12.83 ? 1150 GLN A CG  1 
ATOM   347 C  CD  . GLN A 1 44  ? 7.260   3.052   9.047   1.00 16.68 ? 1150 GLN A CD  1 
ATOM   348 O  OE1 . GLN A 1 44  ? 7.188   4.171   8.603   1.00 22.16 ? 1150 GLN A OE1 1 
ATOM   349 N  NE2 . GLN A 1 44  ? 8.414   2.544   9.520   1.00 22.30 ? 1150 GLN A NE2 1 
ATOM   350 N  N   . VAL A 1 45  ? 1.773   2.573   7.952   1.00 8.55  ? 1151 VAL A N   1 
ATOM   351 C  CA  . VAL A 1 45  ? 0.483   2.998   7.438   1.00 8.78  ? 1151 VAL A CA  1 
ATOM   352 C  C   . VAL A 1 45  ? 0.455   4.532   7.446   1.00 9.34  ? 1151 VAL A C   1 
ATOM   353 O  O   . VAL A 1 45  ? 0.706   5.197   8.459   1.00 9.06  ? 1151 VAL A O   1 
ATOM   354 C  CB  . VAL A 1 45  ? -0.700  2.398   8.258   1.00 9.01  ? 1151 VAL A CB  1 
ATOM   355 C  CG1 . VAL A 1 45  ? -2.034  2.968   7.779   1.00 9.91  ? 1151 VAL A CG1 1 
ATOM   356 C  CG2 . VAL A 1 45  ? -0.664  0.872   8.219   1.00 9.38  ? 1151 VAL A CG2 1 
ATOM   357 N  N   . TYR A 1 46  ? 0.119   5.097   6.299   1.00 8.53  ? 1152 TYR A N   1 
ATOM   358 C  CA  . TYR A 1 46  ? 0.062   6.538   6.082   1.00 8.14  ? 1152 TYR A CA  1 
ATOM   359 C  C   . TYR A 1 46  ? -1.066  6.915   5.148   1.00 8.43  ? 1152 TYR A C   1 
ATOM   360 O  O   . TYR A 1 46  ? -1.437  6.131   4.278   1.00 7.29  ? 1152 TYR A O   1 
ATOM   361 C  CB  . TYR A 1 46  ? 1.366   7.144   5.548   1.00 8.91  ? 1152 TYR A CB  1 
ATOM   362 C  CG  . TYR A 1 46  ? 2.553   6.978   6.494   1.00 9.73  ? 1152 TYR A CG  1 
ATOM   363 C  CD1 . TYR A 1 46  ? 2.586   7.649   7.696   1.00 10.51 ? 1152 TYR A CD1 1 
ATOM   364 C  CD2 . TYR A 1 46  ? 3.577   6.090   6.181   1.00 10.47 ? 1152 TYR A CD2 1 
ATOM   365 C  CE1 . TYR A 1 46  ? 3.655   7.468   8.560   1.00 11.38 ? 1152 TYR A CE1 1 
ATOM   366 C  CE2 . TYR A 1 46  ? 4.652   5.915   7.020   1.00 10.63 ? 1152 TYR A CE2 1 
ATOM   367 C  CZ  . TYR A 1 46  ? 4.679   6.621   8.211   1.00 12.64 ? 1152 TYR A CZ  1 
ATOM   368 O  OH  . TYR A 1 46  ? 5.746   6.389   9.113   1.00 14.76 ? 1152 TYR A OH  1 
ATOM   369 N  N   . CYS A 1 47  ? -1.574  8.148   5.302   1.00 8.51  ? 1153 CYS A N   1 
ATOM   370 C  CA  . CYS A 1 47  ? -2.725  8.600   4.541   1.00 9.73  ? 1153 CYS A CA  1 
ATOM   371 C  C   . CYS A 1 47  ? -2.438  9.007   3.073   1.00 9.44  ? 1153 CYS A C   1 
ATOM   372 O  O   . CYS A 1 47  ? -1.321  9.351   2.665   1.00 9.26  ? 1153 CYS A O   1 
ATOM   373 C  CB  . CYS A 1 47  ? -3.466  9.718   5.278   1.00 10.90 ? 1153 CYS A CB  1 
ATOM   374 S  SG  . CYS A 1 47  ? -2.545  11.283  5.363   1.00 10.96 ? 1153 CYS A SG  1 
ATOM   375 N  N   . GLY A 1 48  ? -3.529  8.961   2.314   1.00 9.30  ? 1154 GLY A N   1 
ATOM   376 C  CA  . GLY A 1 48  ? -3.507  9.238   0.896   1.00 9.82  ? 1154 GLY A CA  1 
ATOM   377 C  C   . GLY A 1 48  ? -3.407  10.711  0.522   1.00 10.46 ? 1154 GLY A C   1 
ATOM   378 O  O   . GLY A 1 48  ? -3.500  11.619  1.338   1.00 12.07 ? 1154 GLY A O   1 
ATOM   379 N  N   . ARG A 1 49  ? -3.213  10.942  -0.777  1.00 12.13 ? 1155 ARG A N   1 
ATOM   380 C  CA  . ARG A 1 49  ? -3.008  12.245  -1.358  1.00 13.39 ? 1155 ARG A CA  1 
ATOM   381 C  C   . ARG A 1 49  ? -4.149  13.218  -1.128  1.00 12.96 ? 1155 ARG A C   1 
ATOM   382 O  O   . ARG A 1 49  ? -3.878  14.441  -1.032  1.00 15.54 ? 1155 ARG A O   1 
ATOM   383 C  CB  . ARG A 1 49  ? -2.698  12.142  -2.876  1.00 15.36 ? 1155 ARG A CB  1 
ATOM   384 C  CG  . ARG A 1 49  ? -3.805  11.674  -3.774  1.00 17.63 ? 1155 ARG A CG  1 
ATOM   385 C  CD  . ARG A 1 49  ? -3.295  10.914  -5.038  1.00 22.37 ? 1155 ARG A CD  1 
ATOM   386 N  NE  . ARG A 1 49  ? -4.367  10.218  -5.827  1.00 22.04 ? 1155 ARG A NE  1 
ATOM   387 C  CZ  . ARG A 1 49  ? -5.037  9.128   -5.428  1.00 26.69 ? 1155 ARG A CZ  1 
ATOM   388 N  NH1 . ARG A 1 49  ? -5.980  8.596   -6.209  1.00 27.53 ? 1155 ARG A NH1 1 
ATOM   389 N  NH2 . ARG A 1 49  ? -4.799  8.555   -4.248  1.00 30.00 ? 1155 ARG A NH2 1 
ATOM   390 N  N   . TYR A 1 50  ? -5.362  12.733  -0.973  1.00 12.09 ? 1156 TYR A N   1 
ATOM   391 C  CA  . TYR A 1 50  ? -6.522  13.633  -0.778  1.00 14.89 ? 1156 TYR A CA  1 
ATOM   392 C  C   . TYR A 1 50  ? -6.763  13.969  0.689   1.00 15.90 ? 1156 TYR A C   1 
ATOM   393 O  O   . TYR A 1 50  ? -7.588  14.862  0.979   1.00 16.95 ? 1156 TYR A O   1 
ATOM   394 C  CB  . TYR A 1 50  ? -7.778  13.052  -1.415  1.00 15.19 ? 1156 TYR A CB  1 
ATOM   395 C  CG  . TYR A 1 50  ? -7.642  12.891  -2.922  1.00 14.90 ? 1156 TYR A CG  1 
ATOM   396 C  CD1 . TYR A 1 50  ? -7.217  13.976  -3.725  1.00 14.91 ? 1156 TYR A CD1 1 
ATOM   397 C  CD2 . TYR A 1 50  ? -7.842  11.700  -3.509  1.00 15.08 ? 1156 TYR A CD2 1 
ATOM   398 C  CE1 . TYR A 1 50  ? -7.058  13.839  -5.087  1.00 16.35 ? 1156 TYR A CE1 1 
ATOM   399 C  CE2 . TYR A 1 50  ? -7.686  11.544  -4.871  1.00 16.42 ? 1156 TYR A CE2 1 
ATOM   400 C  CZ  . TYR A 1 50  ? -7.283  12.607  -5.657  1.00 16.93 ? 1156 TYR A CZ  1 
ATOM   401 O  OH  . TYR A 1 50  ? -7.170  12.436  -7.052  1.00 20.36 ? 1156 TYR A OH  1 
ATOM   402 N  N   . ILE A 1 51  ? -6.064  13.319  1.631   1.00 13.24 ? 1157 ILE A N   1 
ATOM   403 C  CA  . ILE A 1 51  ? -6.089  13.665  3.046   1.00 12.78 ? 1157 ILE A CA  1 
ATOM   404 C  C   . ILE A 1 51  ? -4.904  14.595  3.315   1.00 13.50 ? 1157 ILE A C   1 
ATOM   405 O  O   . ILE A 1 51  ? -4.937  15.760  2.874   1.00 14.32 ? 1157 ILE A O   1 
ATOM   406 C  CB  . ILE A 1 51  ? -6.218  12.444  3.969   1.00 12.78 ? 1157 ILE A CB  1 
ATOM   407 C  CG1 . ILE A 1 51  ? -7.288  11.478  3.456   1.00 14.21 ? 1157 ILE A CG1 1 
ATOM   408 C  CG2 . ILE A 1 51  ? -6.566  12.918  5.405   1.00 13.23 ? 1157 ILE A CG2 1 
ATOM   409 C  CD1 . ILE A 1 51  ? -8.688  12.082  3.377   1.00 14.75 ? 1157 ILE A CD1 1 
ATOM   410 N  N   . ASN A 1 52  ? -3.826  14.120  3.907   1.00 12.74 ? 1158 ASN A N   1 
ATOM   411 C  CA  . ASN A 1 52  ? -2.662  14.916  4.172   1.00 13.83 ? 1158 ASN A CA  1 
ATOM   412 C  C   . ASN A 1 52  ? -1.396  14.466  3.456   1.00 13.56 ? 1158 ASN A C   1 
ATOM   413 O  O   . ASN A 1 52  ? -0.329  15.020  3.694   1.00 13.50 ? 1158 ASN A O   1 
ATOM   414 C  CB  . ASN A 1 52  ? -2.446  14.933  5.680   1.00 14.97 ? 1158 ASN A CB  1 
ATOM   415 C  CG  . ASN A 1 52  ? -3.574  15.682  6.404   1.00 16.90 ? 1158 ASN A CG  1 
ATOM   416 O  OD1 . ASN A 1 52  ? -3.973  16.748  5.961   1.00 17.70 ? 1158 ASN A OD1 1 
ATOM   417 N  ND2 . ASN A 1 52  ? -4.107  15.110  7.463   1.00 15.07 ? 1158 ASN A ND2 1 
ATOM   418 N  N   . GLY A 1 53  ? -1.532  13.494  2.570   1.00 12.29 ? 1159 GLY A N   1 
ATOM   419 C  CA  . GLY A 1 53  ? -0.398  13.107  1.710   1.00 12.18 ? 1159 GLY A CA  1 
ATOM   420 C  C   . GLY A 1 53  ? 0.798   12.474  2.407   1.00 10.92 ? 1159 GLY A C   1 
ATOM   421 O  O   . GLY A 1 53  ? 1.942   12.524  1.916   1.00 11.77 ? 1159 GLY A O   1 
ATOM   422 N  N   . HIS A 1 54  ? 0.565   11.816  3.526   1.00 10.83 ? 1160 HIS A N   1 
ATOM   423 C  CA  . HIS A 1 54  ? 1.662   11.241  4.298   1.00 10.69 ? 1160 HIS A CA  1 
ATOM   424 C  C   . HIS A 1 54  ? 2.284   10.027  3.638   1.00 10.32 ? 1160 HIS A C   1 
ATOM   425 O  O   . HIS A 1 54  ? 3.504   9.811   3.772   1.00 11.03 ? 1160 HIS A O   1 
ATOM   426 C  CB  . HIS A 1 54  ? 1.291   11.051  5.746   1.00 11.22 ? 1160 HIS A CB  1 
ATOM   427 C  CG  . HIS A 1 54  ? 1.119   12.357  6.451   1.00 11.80 ? 1160 HIS A CG  1 
ATOM   428 N  ND1 . HIS A 1 54  ? -0.001  12.696  7.187   1.00 13.00 ? 1160 HIS A ND1 1 
ATOM   429 C  CD2 . HIS A 1 54  ? 1.935   13.443  6.487   1.00 13.03 ? 1160 HIS A CD2 1 
ATOM   430 C  CE1 . HIS A 1 54  ? 0.133   13.937  7.633   1.00 13.44 ? 1160 HIS A CE1 1 
ATOM   431 N  NE2 . HIS A 1 54  ? 1.299   14.408  7.239   1.00 12.90 ? 1160 HIS A NE2 1 
ATOM   432 N  N   . MET A 1 55  ? 1.527   9.230   2.889   1.00 10.19 ? 1161 MET A N   1 
ATOM   433 C  CA  . MET A 1 55  ? 2.162   8.115   2.191   1.00 9.13  ? 1161 MET A CA  1 
ATOM   434 C  C   . MET A 1 55  ? 3.093   8.586   1.049   1.00 9.28  ? 1161 MET A C   1 
ATOM   435 O  O   . MET A 1 55  ? 4.196   8.075   0.866   1.00 9.38  ? 1161 MET A O   1 
ATOM   436 C  CB  . MET A 1 55  ? 1.196   7.031   1.673   1.00 9.26  ? 1161 MET A CB  1 
ATOM   437 C  CG  . MET A 1 55  ? 1.919   5.793   1.164   1.00 9.16  ? 1161 MET A CG  1 
ATOM   438 S  SD  . MET A 1 55  ? 2.957   5.004   2.418   1.00 9.77  ? 1161 MET A SD  1 
ATOM   439 C  CE  . MET A 1 55  ? 1.742   3.928   3.171   1.00 9.90  ? 1161 MET A CE  1 
ATOM   440 N  N   A LEU A 1 56  ? 2.668   9.616   0.354   0.80 9.95  ? 1162 LEU A N   1 
ATOM   441 N  N   B LEU A 1 56  ? 2.644   9.612   0.327   0.20 9.63  ? 1162 LEU A N   1 
ATOM   442 C  CA  A LEU A 1 56  ? 3.556   10.221  -0.642  0.80 11.49 ? 1162 LEU A CA  1 
ATOM   443 C  CA  B LEU A 1 56  ? 3.498   10.342  -0.625  0.20 10.13 ? 1162 LEU A CA  1 
ATOM   444 C  C   A LEU A 1 56  ? 4.834   10.767  0.047   0.80 11.25 ? 1162 LEU A C   1 
ATOM   445 C  C   B LEU A 1 56  ? 4.800   10.794  0.023   0.20 10.61 ? 1162 LEU A C   1 
ATOM   446 O  O   A LEU A 1 56  ? 5.959   10.592  -0.431  0.80 11.44 ? 1162 LEU A O   1 
ATOM   447 O  O   B LEU A 1 56  ? 5.880   10.591  -0.525  0.20 10.79 ? 1162 LEU A O   1 
ATOM   448 C  CB  A LEU A 1 56  ? 2.828   11.324  -1.388  0.80 14.14 ? 1162 LEU A CB  1 
ATOM   449 C  CB  B LEU A 1 56  ? 2.777   11.584  -1.143  0.20 10.33 ? 1162 LEU A CB  1 
ATOM   450 C  CG  A LEU A 1 56  ? 3.637   12.007  -2.486  0.80 16.09 ? 1162 LEU A CG  1 
ATOM   451 C  CG  B LEU A 1 56  ? 2.025   11.469  -2.464  0.20 10.29 ? 1162 LEU A CG  1 
ATOM   452 C  CD1 A LEU A 1 56  ? 4.084   11.054  -3.580  0.80 15.29 ? 1162 LEU A CD1 1 
ATOM   453 C  CD1 B LEU A 1 56  ? 1.094   12.680  -2.572  0.20 10.46 ? 1162 LEU A CD1 1 
ATOM   454 C  CD2 A LEU A 1 56  ? 2.789   13.166  -3.037  0.80 17.34 ? 1162 LEU A CD2 1 
ATOM   455 C  CD2 B LEU A 1 56  ? 2.962   11.382  -3.665  0.20 10.18 ? 1162 LEU A CD2 1 
ATOM   456 N  N   . GLN A 1 57  ? 4.689   11.412  1.194   1.00 11.32 ? 1163 GLN A N   1 
ATOM   457 C  CA  . GLN A 1 57  ? 5.859   11.847  1.955   1.00 11.69 ? 1163 GLN A CA  1 
ATOM   458 C  C   . GLN A 1 57  ? 6.726   10.665  2.341   1.00 11.04 ? 1163 GLN A C   1 
ATOM   459 O  O   . GLN A 1 57  ? 7.975   10.761  2.269   1.00 11.75 ? 1163 GLN A O   1 
ATOM   460 C  CB  . GLN A 1 57  ? 5.398   12.589  3.208   1.00 15.07 ? 1163 GLN A CB  1 
ATOM   461 C  CG  . GLN A 1 57  ? 6.475   13.020  4.163   1.00 19.52 ? 1163 GLN A CG  1 
ATOM   462 C  CD  . GLN A 1 57  ? 5.811   13.778  5.325   1.00 25.09 ? 1163 GLN A CD  1 
ATOM   463 O  OE1 . GLN A 1 57  ? 5.172   14.778  5.099   1.00 29.80 ? 1163 GLN A OE1 1 
ATOM   464 N  NE2 . GLN A 1 57  ? 5.877   13.217  6.532   1.00 30.37 ? 1163 GLN A NE2 1 
ATOM   465 N  N   . HIS A 1 58  ? 6.136   9.564   2.810   1.00 10.35 ? 1164 HIS A N   1 
ATOM   466 C  CA  . HIS A 1 58  ? 6.898   8.386   3.144   1.00 10.41 ? 1164 HIS A CA  1 
ATOM   467 C  C   . HIS A 1 58  ? 7.647   7.864   1.938   1.00 10.18 ? 1164 HIS A C   1 
ATOM   468 O  O   . HIS A 1 58  ? 8.823   7.476   2.059   1.00 12.11 ? 1164 HIS A O   1 
ATOM   469 C  CB  . HIS A 1 58  ? 5.971   7.346   3.727   1.00 10.53 ? 1164 HIS A CB  1 
ATOM   470 C  CG  . HIS A 1 58  ? 6.629   6.045   3.999   1.00 10.42 ? 1164 HIS A CG  1 
ATOM   471 N  ND1 . HIS A 1 58  ? 7.603   5.909   4.965   1.00 11.37 ? 1164 HIS A ND1 1 
ATOM   472 C  CD2 . HIS A 1 58  ? 6.590   4.874   3.338   1.00 10.45 ? 1164 HIS A CD2 1 
ATOM   473 C  CE1 . HIS A 1 58  ? 8.016   4.654   4.976   1.00 10.86 ? 1164 HIS A CE1 1 
ATOM   474 N  NE2 . HIS A 1 58  ? 7.433   4.001   3.990   1.00 11.61 ? 1164 HIS A NE2 1 
ATOM   475 N  N   . HIS A 1 59  ? 6.996   7.810   0.786   1.00 10.57 ? 1165 HIS A N   1 
ATOM   476 C  CA  . HIS A 1 59  ? 7.714   7.403   -0.422  1.00 10.10 ? 1165 HIS A CA  1 
ATOM   477 C  C   . HIS A 1 59  ? 8.952   8.300   -0.631  1.00 10.98 ? 1165 HIS A C   1 
ATOM   478 O  O   . HIS A 1 59  ? 10.067  7.806   -0.988  1.00 11.29 ? 1165 HIS A O   1 
ATOM   479 C  CB  . HIS A 1 59  ? 6.825   7.427   -1.671  1.00 10.65 ? 1165 HIS A CB  1 
ATOM   480 C  CG  . HIS A 1 59  ? 7.624   7.344   -2.916  1.00 9.99  ? 1165 HIS A CG  1 
ATOM   481 N  ND1 . HIS A 1 59  ? 8.267   6.191   -3.314  1.00 10.62 ? 1165 HIS A ND1 1 
ATOM   482 C  CD2 . HIS A 1 59  ? 7.962   8.304   -3.812  1.00 10.90 ? 1165 HIS A CD2 1 
ATOM   483 C  CE1 . HIS A 1 59  ? 8.942   6.442   -4.424  1.00 11.98 ? 1165 HIS A CE1 1 
ATOM   484 N  NE2 . HIS A 1 59  ? 8.790   7.717   -4.734  1.00 10.71 ? 1165 HIS A NE2 1 
ATOM   485 N  N   . GLY A 1 60  ? 8.774   9.591   -0.421  1.00 11.26 ? 1166 GLY A N   1 
ATOM   486 C  CA  . GLY A 1 60  ? 9.862   10.530  -0.734  1.00 11.37 ? 1166 GLY A CA  1 
ATOM   487 C  C   . GLY A 1 60  ? 11.011  10.332  0.215   1.00 11.45 ? 1166 GLY A C   1 
ATOM   488 O  O   . GLY A 1 60  ? 12.185  10.477  -0.177  1.00 12.86 ? 1166 GLY A O   1 
ATOM   489 N  N   . ASN A 1 61  ? 10.719  10.041  1.473   1.00 12.57 ? 1167 ASN A N   1 
ATOM   490 C  CA  . ASN A 1 61  ? 11.779  9.996   2.480   1.00 14.17 ? 1167 ASN A CA  1 
ATOM   491 C  C   . ASN A 1 61  ? 12.387  8.623   2.714   1.00 14.28 ? 1167 ASN A C   1 
ATOM   492 O  O   . ASN A 1 61  ? 13.433  8.498   3.392   1.00 15.09 ? 1167 ASN A O   1 
ATOM   493 C  CB  . ASN A 1 61  ? 11.362  10.717  3.778   1.00 16.68 ? 1167 ASN A CB  1 
ATOM   494 C  CG  . ASN A 1 61  ? 10.327  9.978   4.584   1.00 17.28 ? 1167 ASN A CG  1 
ATOM   495 O  OD1 . ASN A 1 61  ? 10.354  8.752   4.674   1.00 18.19 ? 1167 ASN A OD1 1 
ATOM   496 N  ND2 . ASN A 1 61  ? 9.407   10.726  5.197   1.00 19.22 ? 1167 ASN A ND2 1 
ATOM   497 N  N   . SER A 1 62  ? 11.775  7.572   2.146   1.00 11.92 ? 1168 SER A N   1 
ATOM   498 C  CA  . SER A 1 62  ? 12.256  6.222   2.257   1.00 12.14 ? 1168 SER A CA  1 
ATOM   499 C  C   . SER A 1 62  ? 12.676  5.609   0.904   1.00 12.24 ? 1168 SER A C   1 
ATOM   500 O  O   . SER A 1 62  ? 13.436  4.610   0.891   1.00 12.29 ? 1168 SER A O   1 
ATOM   501 C  CB  . SER A 1 62  ? 11.181  5.286   2.867   1.00 11.84 ? 1168 SER A CB  1 
ATOM   502 O  OG  . SER A 1 62  ? 10.113  5.103   1.920   1.00 11.66 ? 1168 SER A OG  1 
ATOM   503 N  N   . GLY A 1 63  ? 12.067  6.110   -0.182  1.00 11.41 ? 1169 GLY A N   1 
ATOM   504 C  CA  . GLY A 1 63  ? 12.157  5.504   -1.474  1.00 12.43 ? 1169 GLY A CA  1 
ATOM   505 C  C   . GLY A 1 63  ? 11.333  4.253   -1.698  1.00 11.97 ? 1169 GLY A C   1 
ATOM   506 O  O   . GLY A 1 63  ? 11.411  3.659   -2.789  1.00 12.90 ? 1169 GLY A O   1 
ATOM   507 N  N   . HIS A 1 64  ? 10.545  3.815   -0.700  1.00 10.49 ? 1170 HIS A N   1 
ATOM   508 C  CA  . HIS A 1 64  ? 9.776   2.603   -0.852  1.00 10.44 ? 1170 HIS A CA  1 
ATOM   509 C  C   . HIS A 1 64  ? 8.741   2.759   -1.961  1.00 9.69  ? 1170 HIS A C   1 
ATOM   510 O  O   . HIS A 1 64  ? 8.066   3.771   -2.011  1.00 10.02 ? 1170 HIS A O   1 
ATOM   511 C  CB  . HIS A 1 64  ? 9.136   2.193   0.462   1.00 10.51 ? 1170 HIS A CB  1 
ATOM   512 C  CG  . HIS A 1 64  ? 10.134  1.863   1.518   1.00 11.03 ? 1170 HIS A CG  1 
ATOM   513 N  ND1 . HIS A 1 64  ? 9.818   1.755   2.851   1.00 10.75 ? 1170 HIS A ND1 1 
ATOM   514 C  CD2 . HIS A 1 64  ? 11.457  1.585   1.435   1.00 11.21 ? 1170 HIS A CD2 1 
ATOM   515 C  CE1 . HIS A 1 64  ? 10.897  1.445   3.561   1.00 11.95 ? 1170 HIS A CE1 1 
ATOM   516 N  NE2 . HIS A 1 64  ? 11.901  1.311   2.715   1.00 11.43 ? 1170 HIS A NE2 1 
ATOM   517 N  N   . PRO A 1 65  ? 8.676   1.772   -2.856  1.00 9.70  ? 1171 PRO A N   1 
ATOM   518 C  CA  . PRO A 1 65  ? 7.938   1.963   -4.098  1.00 9.45  ? 1171 PRO A CA  1 
ATOM   519 C  C   . PRO A 1 65  ? 6.438   1.708   -4.085  1.00 9.34  ? 1171 PRO A C   1 
ATOM   520 O  O   . PRO A 1 65  ? 5.700   2.468   -4.722  1.00 9.74  ? 1171 PRO A O   1 
ATOM   521 C  CB  . PRO A 1 65  ? 8.606   0.942   -5.048  1.00 9.36  ? 1171 PRO A CB  1 
ATOM   522 C  CG  . PRO A 1 65  ? 9.122   -0.169  -4.178  1.00 9.37  ? 1171 PRO A CG  1 
ATOM   523 C  CD  . PRO A 1 65  ? 9.558   0.569   -2.919  1.00 9.86  ? 1171 PRO A CD  1 
ATOM   524 N  N   . LEU A 1 66  ? 6.038   0.621   -3.425  1.00 8.93  ? 1172 LEU A N   1 
ATOM   525 C  CA  . LEU A 1 66  ? 4.705   0.053   -3.612  1.00 9.33  ? 1172 LEU A CA  1 
ATOM   526 C  C   . LEU A 1 66  ? 3.896   0.130   -2.352  1.00 9.21  ? 1172 LEU A C   1 
ATOM   527 O  O   . LEU A 1 66  ? 4.394   -0.228  -1.282  1.00 9.73  ? 1172 LEU A O   1 
ATOM   528 C  CB  . LEU A 1 66  ? 4.834   -1.388  -4.069  1.00 9.70  ? 1172 LEU A CB  1 
ATOM   529 C  CG  . LEU A 1 66  ? 5.099   -1.493  -5.565  1.00 11.64 ? 1172 LEU A CG  1 
ATOM   530 C  CD1 . LEU A 1 66  ? 6.023   -2.644  -5.914  1.00 13.89 ? 1172 LEU A CD1 1 
ATOM   531 C  CD2 . LEU A 1 66  ? 3.783   -1.630  -6.310  1.00 11.94 ? 1172 LEU A CD2 1 
ATOM   532 N  N   . VAL A 1 67  ? 2.642   0.577   -2.507  1.00 7.97  ? 1173 VAL A N   1 
ATOM   533 C  CA  . VAL A 1 67  ? 1.726   0.748   -1.381  1.00 8.31  ? 1173 VAL A CA  1 
ATOM   534 C  C   . VAL A 1 67  ? 0.358   0.156   -1.701  1.00 8.64  ? 1173 VAL A C   1 
ATOM   535 O  O   . VAL A 1 67  ? -0.040  0.157   -2.864  1.00 9.62  ? 1173 VAL A O   1 
ATOM   536 C  CB  . VAL A 1 67  ? 1.624   2.253   -0.975  1.00 8.57  ? 1173 VAL A CB  1 
ATOM   537 C  CG1 . VAL A 1 67  ? 3.007   2.728   -0.491  1.00 9.35  ? 1173 VAL A CG1 1 
ATOM   538 C  CG2 . VAL A 1 67  ? 1.091   3.122   -2.130  1.00 9.13  ? 1173 VAL A CG2 1 
ATOM   539 N  N   . LEU A 1 68  ? -0.345  -0.355  -0.689  1.00 8.89  ? 1174 LEU A N   1 
ATOM   540 C  CA  . LEU A 1 68  ? -1.633  -1.039  -0.794  1.00 9.89  ? 1174 LEU A CA  1 
ATOM   541 C  C   . LEU A 1 68  ? -2.719  -0.182  -0.142  1.00 10.03 ? 1174 LEU A C   1 
ATOM   542 O  O   . LEU A 1 68  ? -2.566  0.250   0.990   1.00 9.59  ? 1174 LEU A O   1 
ATOM   543 C  CB  . LEU A 1 68  ? -1.514  -2.423  -0.160  1.00 11.74 ? 1174 LEU A CB  1 
ATOM   544 C  CG  . LEU A 1 68  ? -2.804  -3.242  -0.161  1.00 13.50 ? 1174 LEU A CG  1 
ATOM   545 C  CD1 . LEU A 1 68  ? -3.141  -3.695  -1.553  1.00 15.90 ? 1174 LEU A CD1 1 
ATOM   546 C  CD2 . LEU A 1 68  ? -2.719  -4.435  0.742   1.00 15.40 ? 1174 LEU A CD2 1 
ATOM   547 N  N   . SER A 1 69  ? -3.799  0.078   -0.888  1.00 9.58  ? 1175 SER A N   1 
ATOM   548 C  CA  . SER A 1 69  ? -4.926  0.871   -0.367  1.00 10.01 ? 1175 SER A CA  1 
ATOM   549 C  C   . SER A 1 69  ? -5.790  0.047   0.564   1.00 10.68 ? 1175 SER A C   1 
ATOM   550 O  O   . SER A 1 69  ? -6.296  -1.053  0.190   1.00 10.04 ? 1175 SER A O   1 
ATOM   551 C  CB  . SER A 1 69  ? -5.807  1.302   -1.541  1.00 9.85  ? 1175 SER A CB  1 
ATOM   552 O  OG  . SER A 1 69  ? -6.993  1.946   -1.028  1.00 11.31 ? 1175 SER A OG  1 
ATOM   553 N  N   . TYR A 1 70  ? -6.084  0.627   1.737   1.00 10.46 ? 1176 TYR A N   1 
ATOM   554 C  CA  . TYR A 1 70  ? -7.039  -0.010  2.654   1.00 11.26 ? 1176 TYR A CA  1 
ATOM   555 C  C   . TYR A 1 70  ? -8.489  0.298   2.294   1.00 13.29 ? 1176 TYR A C   1 
ATOM   556 O  O   . TYR A 1 70  ? -9.374  -0.284  2.912   1.00 13.92 ? 1176 TYR A O   1 
ATOM   557 C  CB  . TYR A 1 70  ? -6.696  0.400   4.085   1.00 10.53 ? 1176 TYR A CB  1 
ATOM   558 C  CG  . TYR A 1 70  ? -5.542  -0.360  4.696   1.00 10.78 ? 1176 TYR A CG  1 
ATOM   559 C  CD1 . TYR A 1 70  ? -5.095  -1.586  4.189   1.00 11.06 ? 1176 TYR A CD1 1 
ATOM   560 C  CD2 . TYR A 1 70  ? -4.859  0.161   5.811   1.00 11.12 ? 1176 TYR A CD2 1 
ATOM   561 C  CE1 . TYR A 1 70  ? -4.104  -2.295  4.823   1.00 11.25 ? 1176 TYR A CE1 1 
ATOM   562 C  CE2 . TYR A 1 70  ? -3.861  -0.583  6.440   1.00 10.25 ? 1176 TYR A CE2 1 
ATOM   563 C  CZ  . TYR A 1 70  ? -3.497  -1.788  5.913   1.00 11.23 ? 1176 TYR A CZ  1 
ATOM   564 O  OH  . TYR A 1 70  ? -2.543  -2.564  6.508   1.00 11.78 ? 1176 TYR A OH  1 
ATOM   565 N  N   . ILE A 1 71  ? -8.725  1.158   1.297   1.00 13.68 ? 1177 ILE A N   1 
ATOM   566 C  CA  . ILE A 1 71  ? -10.074 1.407   0.760   1.00 15.68 ? 1177 ILE A CA  1 
ATOM   567 C  C   . ILE A 1 71  ? -10.457 0.336   -0.253  1.00 16.62 ? 1177 ILE A C   1 
ATOM   568 O  O   . ILE A 1 71  ? -11.544 -0.286  -0.124  1.00 18.88 ? 1177 ILE A O   1 
ATOM   569 C  CB  . ILE A 1 71  ? -10.193 2.806   0.104   1.00 19.02 ? 1177 ILE A CB  1 
ATOM   570 C  CG1 . ILE A 1 71  ? -9.942  3.930   1.119   1.00 23.72 ? 1177 ILE A CG1 1 
ATOM   571 C  CG2 . ILE A 1 71  ? -11.537 2.968   -0.616  1.00 21.10 ? 1177 ILE A CG2 1 
ATOM   572 C  CD1 . ILE A 1 71  ? -10.811 3.948   2.345   1.00 29.76 ? 1177 ILE A CD1 1 
ATOM   573 N  N   . ASP A 1 72  ? -9.608  0.073   -1.251  1.00 14.39 ? 1178 ASP A N   1 
ATOM   574 C  CA  . ASP A 1 72  ? -10.007 -0.876  -2.344  1.00 15.66 ? 1178 ASP A CA  1 
ATOM   575 C  C   . ASP A 1 72  ? -9.003  -1.969  -2.667  1.00 15.62 ? 1178 ASP A C   1 
ATOM   576 O  O   . ASP A 1 72  ? -9.187  -2.743  -3.620  1.00 15.60 ? 1178 ASP A O   1 
ATOM   577 C  CB  . ASP A 1 72  ? -10.354 -0.059  -3.652  1.00 18.23 ? 1178 ASP A CB  1 
ATOM   578 C  CG  . ASP A 1 72  ? -9.126  0.446   -4.341  1.00 21.04 ? 1178 ASP A CG  1 
ATOM   579 O  OD1 . ASP A 1 72  ? -8.054  0.389   -3.766  1.00 17.04 ? 1178 ASP A OD1 1 
ATOM   580 O  OD2 . ASP A 1 72  ? -9.208  0.956   -5.469  1.00 28.55 ? 1178 ASP A OD2 1 
ATOM   581 N  N   . LEU A 1 73  ? -7.921  -2.083  -1.887  1.00 12.48 ? 1179 LEU A N   1 
ATOM   582 C  CA  . LEU A 1 73  ? -6.879  -3.123  -2.014  1.00 13.14 ? 1179 LEU A CA  1 
ATOM   583 C  C   . LEU A 1 73  ? -6.154  -3.055  -3.348  1.00 13.66 ? 1179 LEU A C   1 
ATOM   584 O  O   . LEU A 1 73  ? -5.606  -4.043  -3.801  1.00 14.85 ? 1179 LEU A O   1 
ATOM   585 C  CB  . LEU A 1 73  ? -7.431  -4.545  -1.777  1.00 13.73 ? 1179 LEU A CB  1 
ATOM   586 C  CG  . LEU A 1 73  ? -8.257  -4.737  -0.483  1.00 15.13 ? 1179 LEU A CG  1 
ATOM   587 C  CD1 . LEU A 1 73  ? -8.705  -6.200  -0.274  1.00 16.50 ? 1179 LEU A CD1 1 
ATOM   588 C  CD2 . LEU A 1 73  ? -7.519  -4.290  0.733   1.00 16.64 ? 1179 LEU A CD2 1 
ATOM   589 N  N   . SER A 1 74  ? -6.131  -1.904  -3.940  1.00 13.17 ? 1180 SER A N   1 
ATOM   590 C  CA  . SER A 1 74  ? -5.245  -1.671  -5.096  1.00 12.64 ? 1180 SER A CA  1 
ATOM   591 C  C   . SER A 1 74  ? -3.839  -1.396  -4.605  1.00 12.18 ? 1180 SER A C   1 
ATOM   592 O  O   . SER A 1 74  ? -3.649  -0.855  -3.532  1.00 12.07 ? 1180 SER A O   1 
ATOM   593 C  CB  . SER A 1 74  ? -5.727  -0.515  -5.904  1.00 13.87 ? 1180 SER A CB  1 
ATOM   594 O  OG  . SER A 1 74  ? -5.760  0.727   -5.218  1.00 18.25 ? 1180 SER A OG  1 
ATOM   595 N  N   . ALA A 1 75  ? -2.873  -1.663  -5.460  1.00 11.51 ? 1181 ALA A N   1 
ATOM   596 C  CA  . ALA A 1 75  ? -1.451  -1.425  -5.196  1.00 10.98 ? 1181 ALA A CA  1 
ATOM   597 C  C   . ALA A 1 75  ? -0.916  -0.441  -6.203  1.00 11.40 ? 1181 ALA A C   1 
ATOM   598 O  O   . ALA A 1 75  ? -1.047  -0.638  -7.435  1.00 11.62 ? 1181 ALA A O   1 
ATOM   599 C  CB  . ALA A 1 75  ? -0.642  -2.710  -5.309  1.00 12.17 ? 1181 ALA A CB  1 
ATOM   600 N  N   . TRP A 1 76  ? -0.256  0.585   -5.704  1.00 9.22  ? 1182 TRP A N   1 
ATOM   601 C  CA  . TRP A 1 76  ? 0.251   1.695   -6.492  1.00 9.12  ? 1182 TRP A CA  1 
ATOM   602 C  C   . TRP A 1 76  ? 1.734   1.708   -6.355  1.00 9.36  ? 1182 TRP A C   1 
ATOM   603 O  O   . TRP A 1 76  ? 2.274   1.580   -5.258  1.00 9.16  ? 1182 TRP A O   1 
ATOM   604 C  CB  . TRP A 1 76  ? -0.260  3.038   -5.966  1.00 9.60  ? 1182 TRP A CB  1 
ATOM   605 C  CG  . TRP A 1 76  ? 0.234   4.263   -6.702  1.00 10.29 ? 1182 TRP A CG  1 
ATOM   606 C  CD1 . TRP A 1 76  ? 1.175   5.123   -6.270  1.00 10.51 ? 1182 TRP A CD1 1 
ATOM   607 C  CD2 . TRP A 1 76  ? -0.207  4.762   -7.966  1.00 10.94 ? 1182 TRP A CD2 1 
ATOM   608 N  NE1 . TRP A 1 76  ? 1.378   6.112   -7.160  1.00 12.38 ? 1182 TRP A NE1 1 
ATOM   609 C  CE2 . TRP A 1 76  ? 0.521   5.937   -8.220  1.00 11.59 ? 1182 TRP A CE2 1 
ATOM   610 C  CE3 . TRP A 1 76  ? -1.156  4.319   -8.913  1.00 11.40 ? 1182 TRP A CE3 1 
ATOM   611 C  CZ2 . TRP A 1 76  ? 0.324   6.703   -9.369  1.00 11.68 ? 1182 TRP A CZ2 1 
ATOM   612 C  CZ3 . TRP A 1 76  ? -1.332  5.091   -10.079 1.00 11.75 ? 1182 TRP A CZ3 1 
ATOM   613 C  CH2 . TRP A 1 76  ? -0.628  6.262   -10.259 1.00 12.26 ? 1182 TRP A CH2 1 
ATOM   614 N  N   . CYS A 1 77  ? 2.417   1.897   -7.492  1.00 9.55  ? 1183 CYS A N   1 
ATOM   615 C  CA  . CYS A 1 77  ? 3.837   2.113   -7.505  1.00 9.41  ? 1183 CYS A CA  1 
ATOM   616 C  C   . CYS A 1 77  ? 4.127   3.580   -7.793  1.00 9.96  ? 1183 CYS A C   1 
ATOM   617 O  O   . CYS A 1 77  ? 3.809   4.071   -8.856  1.00 9.58  ? 1183 CYS A O   1 
ATOM   618 C  CB  . CYS A 1 77  ? 4.567   1.292   -8.567  1.00 9.54  ? 1183 CYS A CB  1 
ATOM   619 S  SG  . CYS A 1 77  ? 6.381   1.563   -8.571  1.00 10.00 ? 1183 CYS A SG  1 
ATOM   620 N  N   . TYR A 1 78  ? 4.813   4.237   -6.871  1.00 9.81  ? 1184 TYR A N   1 
ATOM   621 C  CA  . TYR A 1 78  ? 5.133   5.655   -7.018  1.00 10.39 ? 1184 TYR A CA  1 
ATOM   622 C  C   . TYR A 1 78  ? 6.185   5.949   -8.080  1.00 11.40 ? 1184 TYR A C   1 
ATOM   623 O  O   . TYR A 1 78  ? 6.231   7.092   -8.549  1.00 12.66 ? 1184 TYR A O   1 
ATOM   624 C  CB  . TYR A 1 78  ? 5.644   6.229   -5.690  1.00 11.12 ? 1184 TYR A CB  1 
ATOM   625 C  CG  . TYR A 1 78  ? 4.574   6.430   -4.667  1.00 10.60 ? 1184 TYR A CG  1 
ATOM   626 C  CD1 . TYR A 1 78  ? 3.675   7.509   -4.730  1.00 11.06 ? 1184 TYR A CD1 1 
ATOM   627 C  CD2 . TYR A 1 78  ? 4.454   5.548   -3.585  1.00 10.80 ? 1184 TYR A CD2 1 
ATOM   628 C  CE1 . TYR A 1 78  ? 2.716   7.692   -3.741  1.00 10.98 ? 1184 TYR A CE1 1 
ATOM   629 C  CE2 . TYR A 1 78  ? 3.497   5.719   -2.621  1.00 10.50 ? 1184 TYR A CE2 1 
ATOM   630 C  CZ  . TYR A 1 78  ? 2.623   6.779   -2.705  1.00 11.94 ? 1184 TYR A CZ  1 
ATOM   631 O  OH  . TYR A 1 78  ? 1.672   6.952   -1.748  1.00 12.54 ? 1184 TYR A OH  1 
ATOM   632 N  N   . TYR A 1 79  ? 7.051   4.976   -8.406  1.00 10.82 ? 1185 TYR A N   1 
ATOM   633 C  CA  . TYR A 1 79  ? 8.056   5.162   -9.471  1.00 11.37 ? 1185 TYR A CA  1 
ATOM   634 C  C   . TYR A 1 79  ? 7.419   5.025   -10.807 1.00 12.16 ? 1185 TYR A C   1 
ATOM   635 O  O   . TYR A 1 79  ? 7.579   5.895   -11.673 1.00 13.24 ? 1185 TYR A O   1 
ATOM   636 C  CB  . TYR A 1 79  ? 9.146   4.137   -9.341  1.00 12.20 ? 1185 TYR A CB  1 
ATOM   637 C  CG  . TYR A 1 79  ? 10.065  4.336   -8.150  1.00 12.56 ? 1185 TYR A CG  1 
ATOM   638 C  CD1 . TYR A 1 79  ? 11.127  5.224   -8.190  1.00 14.20 ? 1185 TYR A CD1 1 
ATOM   639 C  CD2 . TYR A 1 79  ? 9.895   3.614   -6.996  1.00 12.50 ? 1185 TYR A CD2 1 
ATOM   640 C  CE1 . TYR A 1 79  ? 11.993  5.362   -7.092  1.00 14.44 ? 1185 TYR A CE1 1 
ATOM   641 C  CE2 . TYR A 1 79  ? 10.738  3.768   -5.891  1.00 13.04 ? 1185 TYR A CE2 1 
ATOM   642 C  CZ  . TYR A 1 79  ? 11.786  4.642   -5.947  1.00 14.32 ? 1185 TYR A CZ  1 
ATOM   643 O  OH  . TYR A 1 79  ? 12.606  4.726   -4.835  1.00 15.05 ? 1185 TYR A OH  1 
ATOM   644 N  N   . CYS A 1 80  ? 6.635   3.953   -10.982 1.00 11.98 ? 1186 CYS A N   1 
ATOM   645 C  CA  . CYS A 1 80  ? 5.978   3.708   -12.255 1.00 12.13 ? 1186 CYS A CA  1 
ATOM   646 C  C   . CYS A 1 80  ? 4.749   4.582   -12.442 1.00 13.09 ? 1186 CYS A C   1 
ATOM   647 O  O   . CYS A 1 80  ? 4.259   4.684   -13.588 1.00 13.93 ? 1186 CYS A O   1 
ATOM   648 C  CB  . CYS A 1 80  ? 5.643   2.221   -12.386 1.00 12.65 ? 1186 CYS A CB  1 
ATOM   649 S  SG  . CYS A 1 80  ? 7.076   1.071   -12.382 1.00 12.10 ? 1186 CYS A SG  1 
ATOM   650 N  N   . GLN A 1 81  ? 4.238   5.196   -11.378 1.00 12.60 ? 1187 GLN A N   1 
ATOM   651 C  CA  . GLN A 1 81  ? 3.036   6.000   -11.424 1.00 13.48 ? 1187 GLN A CA  1 
ATOM   652 C  C   . GLN A 1 81  ? 1.925   5.183   -12.114 1.00 12.50 ? 1187 GLN A C   1 
ATOM   653 O  O   . GLN A 1 81  ? 1.236   5.632   -13.046 1.00 12.42 ? 1187 GLN A O   1 
ATOM   654 C  CB  . GLN A 1 81  ? 3.304   7.347   -12.082 1.00 17.70 ? 1187 GLN A CB  1 
ATOM   655 C  CG  . GLN A 1 81  ? 4.282   8.134   -11.267 1.00 21.93 ? 1187 GLN A CG  1 
ATOM   656 C  CD  . GLN A 1 81  ? 4.499   9.451   -11.959 1.00 28.87 ? 1187 GLN A CD  1 
ATOM   657 O  OE1 . GLN A 1 81  ? 5.391   9.583   -12.790 1.00 36.73 ? 1187 GLN A OE1 1 
ATOM   658 N  NE2 . GLN A 1 81  ? 3.610   10.373  -11.712 1.00 32.06 ? 1187 GLN A NE2 1 
ATOM   659 N  N   . ALA A 1 82  ? 1.712   4.002   -11.545 1.00 10.90 ? 1188 ALA A N   1 
ATOM   660 C  CA  . ALA A 1 82  ? 0.709   3.035   -12.022 1.00 11.42 ? 1188 ALA A CA  1 
ATOM   661 C  C   . ALA A 1 82  ? 0.263   2.074   -10.981 1.00 10.39 ? 1188 ALA A C   1 
ATOM   662 O  O   . ALA A 1 82  ? 1.023   1.775   -10.035 1.00 9.89  ? 1188 ALA A O   1 
ATOM   663 C  CB  . ALA A 1 82  ? 1.229   2.260   -13.212 1.00 12.31 ? 1188 ALA A CB  1 
ATOM   664 N  N   . TYR A 1 83  ? -0.942  1.530   -11.163 1.00 11.13 ? 1189 TYR A N   1 
ATOM   665 C  CA  . TYR A 1 83  ? -1.378  0.374   -10.398 1.00 11.35 ? 1189 TYR A CA  1 
ATOM   666 C  C   . TYR A 1 83  ? -0.754  -0.855  -10.938 1.00 11.66 ? 1189 TYR A C   1 
ATOM   667 O  O   . TYR A 1 83  ? -0.522  -0.960  -12.165 1.00 11.22 ? 1189 TYR A O   1 
ATOM   668 C  CB  . TYR A 1 83  ? -2.899  0.238   -10.380 1.00 12.29 ? 1189 TYR A CB  1 
ATOM   669 C  CG  . TYR A 1 83  ? -3.593  1.353   -9.634  1.00 13.71 ? 1189 TYR A CG  1 
ATOM   670 C  CD1 . TYR A 1 83  ? -3.606  1.360   -8.252  1.00 16.48 ? 1189 TYR A CD1 1 
ATOM   671 C  CD2 . TYR A 1 83  ? -4.179  2.396   -10.312 1.00 15.50 ? 1189 TYR A CD2 1 
ATOM   672 C  CE1 . TYR A 1 83  ? -4.250  2.399   -7.558  1.00 17.00 ? 1189 TYR A CE1 1 
ATOM   673 C  CE2 . TYR A 1 83  ? -4.785  3.468   -9.619  1.00 18.76 ? 1189 TYR A CE2 1 
ATOM   674 C  CZ  . TYR A 1 83  ? -4.803  3.420   -8.244  1.00 19.40 ? 1189 TYR A CZ  1 
ATOM   675 O  OH  . TYR A 1 83  ? -5.358  4.436   -7.486  1.00 25.16 ? 1189 TYR A OH  1 
ATOM   676 N  N   . VAL A 1 84  ? -0.492  -1.799  -10.066 1.00 11.13 ? 1190 VAL A N   1 
ATOM   677 C  CA  . VAL A 1 84  ? 0.226   -3.046  -10.440 1.00 12.45 ? 1190 VAL A CA  1 
ATOM   678 C  C   . VAL A 1 84  ? -0.546  -4.209  -9.841  1.00 15.34 ? 1190 VAL A C   1 
ATOM   679 O  O   . VAL A 1 84  ? -1.036  -4.148  -8.701  1.00 14.58 ? 1190 VAL A O   1 
ATOM   680 C  CB  . VAL A 1 84  ? 1.672   -3.086  -9.919  1.00 11.73 ? 1190 VAL A CB  1 
ATOM   681 C  CG1 . VAL A 1 84  ? 2.424   -4.343  -10.356 1.00 11.39 ? 1190 VAL A CG1 1 
ATOM   682 C  CG2 . VAL A 1 84  ? 2.382   -1.845  -10.390 1.00 11.80 ? 1190 VAL A CG2 1 
ATOM   683 N  N   A HIS A 1 85  ? -0.680  -5.277  -10.586 0.60 15.59 ? 1191 HIS A N   1 
ATOM   684 N  N   B HIS A 1 85  ? -0.627  -5.282  -10.628 0.40 15.33 ? 1191 HIS A N   1 
ATOM   685 C  CA  A HIS A 1 85  ? -1.107  -6.488  -9.949  0.60 16.09 ? 1191 HIS A CA  1 
ATOM   686 C  CA  B HIS A 1 85  ? -1.277  -6.550  -10.281 0.40 15.82 ? 1191 HIS A CA  1 
ATOM   687 C  C   A HIS A 1 85  ? -0.307  -7.652  -10.482 0.60 15.83 ? 1191 HIS A C   1 
ATOM   688 C  C   B HIS A 1 85  ? -0.224  -7.635  -10.521 0.40 15.74 ? 1191 HIS A C   1 
ATOM   689 O  O   A HIS A 1 85  ? -0.046  -7.748  -11.679 0.60 18.16 ? 1191 HIS A O   1 
ATOM   690 O  O   B HIS A 1 85  ? 0.364   -7.644  -11.606 0.40 16.84 ? 1191 HIS A O   1 
ATOM   691 C  CB  A HIS A 1 85  ? -2.590  -6.760  -10.076 0.60 16.67 ? 1191 HIS A CB  1 
ATOM   692 C  CB  B HIS A 1 85  ? -2.416  -6.845  -11.254 0.40 16.08 ? 1191 HIS A CB  1 
ATOM   693 C  CG  A HIS A 1 85  ? -2.970  -8.020  -9.380  0.60 17.41 ? 1191 HIS A CG  1 
ATOM   694 C  CG  B HIS A 1 85  ? -3.615  -5.976  -11.079 0.40 16.23 ? 1191 HIS A CG  1 
ATOM   695 N  ND1 A HIS A 1 85  ? -3.048  -8.122  -8.012  0.60 16.93 ? 1191 HIS A ND1 1 
ATOM   696 N  ND1 B HIS A 1 85  ? -4.398  -6.012  -9.953  0.40 16.14 ? 1191 HIS A ND1 1 
ATOM   697 C  CD2 A HIS A 1 85  ? -3.132  -9.257  -9.856  0.60 18.16 ? 1191 HIS A CD2 1 
ATOM   698 C  CD2 B HIS A 1 85  ? -4.195  -5.084  -11.912 0.40 17.43 ? 1191 HIS A CD2 1 
ATOM   699 C  CE1 A HIS A 1 85  ? -3.294  -9.359  -7.670  0.60 17.19 ? 1191 HIS A CE1 1 
ATOM   700 C  CE1 B HIS A 1 85  ? -5.385  -5.144  -10.079 0.40 17.25 ? 1191 HIS A CE1 1 
ATOM   701 N  NE2 A HIS A 1 85  ? -3.356  -10.079 -8.771  0.60 18.59 ? 1191 HIS A NE2 1 
ATOM   702 N  NE2 B HIS A 1 85  ? -5.289  -4.573  -11.265 0.40 17.50 ? 1191 HIS A NE2 1 
ATOM   703 N  N   . HIS A 1 86  ? 0.045   -8.511  -9.562  1.00 16.25 ? 1192 HIS A N   1 
ATOM   704 C  CA  . HIS A 1 86  ? 0.941   -9.599  -9.835  1.00 18.18 ? 1192 HIS A CA  1 
ATOM   705 C  C   . HIS A 1 86  ? 0.691   -10.645 -8.821  1.00 19.89 ? 1192 HIS A C   1 
ATOM   706 O  O   . HIS A 1 86  ? 0.294   -10.358 -7.681  1.00 19.11 ? 1192 HIS A O   1 
ATOM   707 C  CB  . HIS A 1 86  ? 2.383   -9.079  -9.824  1.00 18.82 ? 1192 HIS A CB  1 
ATOM   708 C  CG  . HIS A 1 86  ? 3.374   -10.057 -10.349 1.00 18.59 ? 1192 HIS A CG  1 
ATOM   709 N  ND1 . HIS A 1 86  ? 4.055   -10.916 -9.525  1.00 20.68 ? 1192 HIS A ND1 1 
ATOM   710 C  CD2 . HIS A 1 86  ? 3.804   -10.319 -11.607 1.00 21.08 ? 1192 HIS A CD2 1 
ATOM   711 C  CE1 . HIS A 1 86  ? 4.900   -11.639 -10.236 1.00 22.05 ? 1192 HIS A CE1 1 
ATOM   712 N  NE2 . HIS A 1 86  ? 4.735   -11.329 -11.509 1.00 21.41 ? 1192 HIS A NE2 1 
ATOM   713 N  N   . GLN A 1 87  ? 1.003   -11.893 -9.180  1.00 22.36 ? 1193 GLN A N   1 
ATOM   714 C  CA  . GLN A 1 87  ? 0.887   -13.018 -8.265  1.00 24.72 ? 1193 GLN A CA  1 
ATOM   715 C  C   . GLN A 1 87  ? 1.599   -12.704 -6.937  1.00 22.55 ? 1193 GLN A C   1 
ATOM   716 O  O   . GLN A 1 87  ? 1.107   -13.081 -5.913  1.00 24.54 ? 1193 GLN A O   1 
ATOM   717 C  CB  . GLN A 1 87  ? 1.469   -14.296 -8.948  1.00 28.17 ? 1193 GLN A CB  1 
ATOM   718 C  CG  . GLN A 1 87  ? 1.277   -15.596 -8.192  1.00 31.38 ? 1193 GLN A CG  1 
ATOM   719 C  CD  . GLN A 1 87  ? 1.609   -16.843 -9.027  1.00 31.79 ? 1193 GLN A CD  1 
ATOM   720 O  OE1 . GLN A 1 87  ? 2.334   -16.785 -10.040 1.00 34.02 ? 1193 GLN A OE1 1 
ATOM   721 N  NE2 . GLN A 1 87  ? 1.069   -17.983 -8.592  1.00 33.74 ? 1193 GLN A NE2 1 
ATOM   722 N  N   . ALA A 1 88  ? 2.750   -12.007 -6.958  1.00 23.13 ? 1194 ALA A N   1 
ATOM   723 C  CA  . ALA A 1 88  ? 3.530   -11.557 -5.801  1.00 22.89 ? 1194 ALA A CA  1 
ATOM   724 C  C   . ALA A 1 88  ? 2.805   -10.617 -4.823  1.00 21.42 ? 1194 ALA A C   1 
ATOM   725 O  O   . ALA A 1 88  ? 3.283   -10.359 -3.721  1.00 22.42 ? 1194 ALA A O   1 
ATOM   726 C  CB  . ALA A 1 88  ? 4.843   -10.893 -6.211  1.00 25.45 ? 1194 ALA A CB  1 
ATOM   727 N  N   . LEU A 1 89  ? 1.738   -10.030 -5.295  1.00 17.16 ? 1195 LEU A N   1 
ATOM   728 C  CA  . LEU A 1 89  ? 0.859   -9.217  -4.447  1.00 17.11 ? 1195 LEU A CA  1 
ATOM   729 C  C   . LEU A 1 89  ? -0.368  -9.954  -3.898  1.00 18.74 ? 1195 LEU A C   1 
ATOM   730 O  O   . LEU A 1 89  ? -1.119  -9.386  -3.037  1.00 16.13 ? 1195 LEU A O   1 
ATOM   731 C  CB  . LEU A 1 89  ? 0.406   -7.993  -5.246  1.00 16.11 ? 1195 LEU A CB  1 
ATOM   732 C  CG  . LEU A 1 89  ? 1.508   -7.085  -5.720  1.00 16.83 ? 1195 LEU A CG  1 
ATOM   733 C  CD1 . LEU A 1 89  ? 0.981   -5.956  -6.569  1.00 15.92 ? 1195 LEU A CD1 1 
ATOM   734 C  CD2 . LEU A 1 89  ? 2.310   -6.546  -4.586  1.00 19.09 ? 1195 LEU A CD2 1 
ATOM   735 N  N   . LEU A 1 90  ? -0.591  -11.205 -4.319  1.00 18.84 ? 1196 LEU A N   1 
ATOM   736 C  CA  . LEU A 1 90  ? -1.828  -11.899 -3.941  1.00 20.82 ? 1196 LEU A CA  1 
ATOM   737 C  C   . LEU A 1 90  ? -1.878  -12.183 -2.446  1.00 20.64 ? 1196 LEU A C   1 
ATOM   738 O  O   . LEU A 1 90  ? -2.923  -12.005 -1.882  1.00 17.58 ? 1196 LEU A O   1 
ATOM   739 C  CB  . LEU A 1 90  ? -2.118  -13.178 -4.803  1.00 21.29 ? 1196 LEU A CB  1 
ATOM   740 C  CG  . LEU A 1 90  ? -2.658  -12.977 -6.219  1.00 25.72 ? 1196 LEU A CG  1 
ATOM   741 C  CD1 . LEU A 1 90  ? -2.629  -14.302 -6.971  1.00 26.36 ? 1196 LEU A CD1 1 
ATOM   742 C  CD2 . LEU A 1 90  ? -4.082  -12.446 -6.288  1.00 26.85 ? 1196 LEU A CD2 1 
ATOM   743 N  N   . ASP A 1 91  ? -0.785  -12.605 -1.814  1.00 23.63 ? 1197 ASP A N   1 
ATOM   744 C  CA  . ASP A 1 91  ? -0.780  -12.930 -0.377  1.00 24.56 ? 1197 ASP A CA  1 
ATOM   745 C  C   . ASP A 1 91  ? -1.178  -11.743 0.483   1.00 22.77 ? 1197 ASP A C   1 
ATOM   746 O  O   . ASP A 1 91  ? -1.980  -11.876 1.402   1.00 21.01 ? 1197 ASP A O   1 
ATOM   747 C  CB  . ASP A 1 91  ? 0.597   -13.413 0.138   1.00 29.80 ? 1197 ASP A CB  1 
ATOM   748 C  CG  . ASP A 1 91  ? 0.917   -14.856 -0.246  1.00 38.32 ? 1197 ASP A CG  1 
ATOM   749 O  OD1 . ASP A 1 91  ? -0.006  -15.595 -0.651  1.00 40.03 ? 1197 ASP A OD1 1 
ATOM   750 O  OD2 . ASP A 1 91  ? 2.111   -15.251 -0.099  1.00 44.34 ? 1197 ASP A OD2 1 
ATOM   751 N  N   . VAL A 1 92  ? -0.589  -10.580 0.196   1.00 19.48 ? 1198 VAL A N   1 
ATOM   752 C  CA  . VAL A 1 92  ? -0.854  -9.415  1.011   1.00 18.49 ? 1198 VAL A CA  1 
ATOM   753 C  C   . VAL A 1 92  ? -2.279  -8.889  0.729   1.00 15.57 ? 1198 VAL A C   1 
ATOM   754 O  O   . VAL A 1 92  ? -2.974  -8.433  1.631   1.00 14.81 ? 1198 VAL A O   1 
ATOM   755 C  CB  . VAL A 1 92  ? 0.244   -8.347  0.846   1.00 19.03 ? 1198 VAL A CB  1 
ATOM   756 C  CG1 . VAL A 1 92  ? 0.175   -7.683  -0.521  1.00 18.44 ? 1198 VAL A CG1 1 
ATOM   757 C  CG2 . VAL A 1 92  ? 0.132   -7.308  1.926   1.00 18.92 ? 1198 VAL A CG2 1 
ATOM   758 N  N   . LYS A 1 93  ? -2.751  -8.944  -0.516  1.00 13.97 ? 1199 LYS A N   1 
ATOM   759 C  CA  . LYS A 1 93  ? -4.108  -8.492  -0.811  1.00 13.40 ? 1199 LYS A CA  1 
ATOM   760 C  C   . LYS A 1 93  ? -5.094  -9.394  -0.104  1.00 14.53 ? 1199 LYS A C   1 
ATOM   761 O  O   . LYS A 1 93  ? -6.067  -8.947  0.491   1.00 13.93 ? 1199 LYS A O   1 
ATOM   762 C  CB  . LYS A 1 93  ? -4.410  -8.430  -2.303  1.00 13.74 ? 1199 LYS A CB  1 
ATOM   763 C  CG  . LYS A 1 93  ? -3.625  -7.284  -2.944  1.00 13.10 ? 1199 LYS A CG  1 
ATOM   764 C  CD  . LYS A 1 93  ? -3.956  -7.178  -4.398  1.00 13.51 ? 1199 LYS A CD  1 
ATOM   765 C  CE  . LYS A 1 93  ? -3.334  -5.955  -5.077  1.00 14.49 ? 1199 LYS A CE  1 
ATOM   766 N  NZ  . LYS A 1 93  ? -3.970  -5.736  -6.419  1.00 16.01 ? 1199 LYS A NZ  1 
ATOM   767 N  N   . ASN A 1 94  ? -4.791  -10.688 -0.108  1.00 14.51 ? 1200 ASN A N   1 
ATOM   768 C  CA  . ASN A 1 94  ? -5.703  -11.620 0.535   1.00 16.09 ? 1200 ASN A CA  1 
ATOM   769 C  C   . ASN A 1 94  ? -5.775  -11.445 2.044   1.00 15.19 ? 1200 ASN A C   1 
ATOM   770 O  O   . ASN A 1 94  ? -6.871  -11.565 2.574   1.00 16.63 ? 1200 ASN A O   1 
ATOM   771 C  CB  . ASN A 1 94  ? -5.237  -13.071 0.267   1.00 17.03 ? 1200 ASN A CB  1 
ATOM   772 C  CG  . ASN A 1 94  ? -5.501  -13.539 -1.163  1.00 18.98 ? 1200 ASN A CG  1 
ATOM   773 O  OD1 . ASN A 1 94  ? -4.837  -14.504 -1.613  1.00 24.80 ? 1200 ASN A OD1 1 
ATOM   774 N  ND2 . ASN A 1 94  ? -6.422  -12.925 -1.870  1.00 18.82 ? 1200 ASN A ND2 1 
ATOM   775 N  N   . ILE A 1 95  ? -4.640  -11.216 2.697   1.00 15.59 ? 1201 ILE A N   1 
ATOM   776 C  CA  . ILE A 1 95  ? -4.565  -10.951 4.155   1.00 15.61 ? 1201 ILE A CA  1 
ATOM   777 C  C   . ILE A 1 95  ? -5.337  -9.676  4.471   1.00 14.25 ? 1201 ILE A C   1 
ATOM   778 O  O   . ILE A 1 95  ? -6.190  -9.610  5.384   1.00 14.77 ? 1201 ILE A O   1 
ATOM   779 C  CB  . ILE A 1 95  ? -3.123  -10.912 4.680   1.00 18.38 ? 1201 ILE A CB  1 
ATOM   780 C  CG1 . ILE A 1 95  ? -2.611  -12.351 4.704   1.00 22.40 ? 1201 ILE A CG1 1 
ATOM   781 C  CG2 . ILE A 1 95  ? -3.028  -10.279 6.054   1.00 20.13 ? 1201 ILE A CG2 1 
ATOM   782 C  CD1 . ILE A 1 95  ? -1.179  -12.489 5.059   1.00 26.45 ? 1201 ILE A CD1 1 
ATOM   783 N  N   . ALA A 1 96  ? -5.122  -8.646  3.659   1.00 13.84 ? 1202 ALA A N   1 
ATOM   784 C  CA  . ALA A 1 96  ? -5.911  -7.448  3.838   1.00 12.96 ? 1202 ALA A CA  1 
ATOM   785 C  C   . ALA A 1 96  ? -7.411  -7.635  3.630   1.00 13.81 ? 1202 ALA A C   1 
ATOM   786 O  O   . ALA A 1 96  ? -8.216  -7.160  4.425   1.00 13.59 ? 1202 ALA A O   1 
ATOM   787 C  CB  . ALA A 1 96  ? -5.369  -6.381  2.888   1.00 12.40 ? 1202 ALA A CB  1 
ATOM   788 N  N   . HIS A 1 97  ? -7.796  -8.323  2.537   1.00 13.59 ? 1203 HIS A N   1 
ATOM   789 C  CA  . HIS A 1 97  ? -9.201  -8.647  2.239   1.00 14.85 ? 1203 HIS A CA  1 
ATOM   790 C  C   . HIS A 1 97  ? -9.852  -9.399  3.412   1.00 15.57 ? 1203 HIS A C   1 
ATOM   791 O  O   . HIS A 1 97  ? -10.979 -9.094  3.806   1.00 15.07 ? 1203 HIS A O   1 
ATOM   792 C  CB  . HIS A 1 97  ? -9.270  -9.529  0.998   1.00 15.59 ? 1203 HIS A CB  1 
ATOM   793 C  CG  . HIS A 1 97  ? -10.639 -9.630  0.438   1.00 17.82 ? 1203 HIS A CG  1 
ATOM   794 N  ND1 . HIS A 1 97  ? -11.572 -10.520 0.936   1.00 21.03 ? 1203 HIS A ND1 1 
ATOM   795 C  CD2 . HIS A 1 97  ? -11.277 -8.901  -0.495  1.00 19.18 ? 1203 HIS A CD2 1 
ATOM   796 C  CE1 . HIS A 1 97  ? -12.693 -10.395 0.265   1.00 21.02 ? 1203 HIS A CE1 1 
ATOM   797 N  NE2 . HIS A 1 97  ? -12.553 -9.395  -0.583  1.00 23.42 ? 1203 HIS A NE2 1 
ATOM   798 N  N   . GLN A 1 98  ? -9.123  -10.323 4.010   1.00 17.01 ? 1204 GLN A N   1 
ATOM   799 C  CA  . GLN A 1 98  ? -9.690  -11.122 5.150   1.00 17.81 ? 1204 GLN A CA  1 
ATOM   800 C  C   . GLN A 1 98  ? -9.912  -10.194 6.375   1.00 17.77 ? 1204 GLN A C   1 
ATOM   801 O  O   . GLN A 1 98  ? -10.943 -10.261 7.072   1.00 16.69 ? 1204 GLN A O   1 
ATOM   802 C  CB  . GLN A 1 98  ? -8.770  -12.239 5.546   1.00 20.58 ? 1204 GLN A CB  1 
ATOM   803 C  CG  . GLN A 1 98  ? -8.660  -13.334 4.500   1.00 26.61 ? 1204 GLN A CG  1 
ATOM   804 N  N   . ASN A 1 99  ? -8.973  -9.303  6.618   1.00 16.86 ? 1205 ASN A N   1 
ATOM   805 C  CA  . ASN A 1 99  ? -9.085  -8.397  7.776   1.00 16.43 ? 1205 ASN A CA  1 
ATOM   806 C  C   . ASN A 1 99  ? -10.207 -7.405  7.546   1.00 16.13 ? 1205 ASN A C   1 
ATOM   807 O  O   . ASN A 1 99  ? -10.980 -7.095  8.485   1.00 16.19 ? 1205 ASN A O   1 
ATOM   808 C  CB  . ASN A 1 99  ? -7.768  -7.663  8.053   1.00 16.96 ? 1205 ASN A CB  1 
ATOM   809 C  CG  . ASN A 1 99  ? -7.832  -6.800  9.287   1.00 17.97 ? 1205 ASN A CG  1 
ATOM   810 O  OD1 . ASN A 1 99  ? -7.902  -5.589  9.195   1.00 17.27 ? 1205 ASN A OD1 1 
ATOM   811 N  ND2 . ASN A 1 99  ? -7.865  -7.438  10.480  1.00 17.52 ? 1205 ASN A ND2 1 
ATOM   812 N  N   . LYS A 1 100 ? -10.361 -6.944  6.309   1.00 15.51 ? 1206 LYS A N   1 
ATOM   813 C  CA  . LYS A 1 100 ? -11.328 -5.915  5.995   1.00 14.24 ? 1206 LYS A CA  1 
ATOM   814 C  C   . LYS A 1 100 ? -12.758 -6.477  6.007   1.00 15.85 ? 1206 LYS A C   1 
ATOM   815 O  O   . LYS A 1 100 ? -13.687 -5.857  6.561   1.00 15.92 ? 1206 LYS A O   1 
ATOM   816 C  CB  . LYS A 1 100 ? -11.012 -5.287  4.626   1.00 13.40 ? 1206 LYS A CB  1 
ATOM   817 C  CG  . LYS A 1 100 ? -11.910 -4.106  4.231   1.00 12.50 ? 1206 LYS A CG  1 
ATOM   818 C  CD  . LYS A 1 100 ? -11.398 -3.321  3.064   1.00 12.87 ? 1206 LYS A CD  1 
ATOM   819 C  CE  . LYS A 1 100 ? -12.274 -2.089  2.664   1.00 12.88 ? 1206 LYS A CE  1 
ATOM   820 N  NZ  . LYS A 1 100 ? -12.005 -0.882  3.466   1.00 14.07 ? 1206 LYS A NZ  1 
ATOM   821 N  N   . PHE A 1 101 ? -12.946 -7.606  5.322   1.00 18.97 ? 1207 PHE A N   1 
ATOM   822 C  CA  . PHE A 1 101 ? -14.310 -8.120  5.065   1.00 21.43 ? 1207 PHE A CA  1 
ATOM   823 C  C   . PHE A 1 101 ? -14.726 -9.304  5.913   1.00 28.06 ? 1207 PHE A C   1 
ATOM   824 O  O   . PHE A 1 101 ? -15.937 -9.504  6.103   1.00 31.22 ? 1207 PHE A O   1 
ATOM   825 C  CB  . PHE A 1 101 ? -14.486 -8.431  3.576   1.00 21.09 ? 1207 PHE A CB  1 
ATOM   826 C  CG  . PHE A 1 101 ? -14.320 -7.246  2.682   1.00 20.59 ? 1207 PHE A CG  1 
ATOM   827 C  CD1 . PHE A 1 101 ? -15.300 -6.260  2.620   1.00 21.56 ? 1207 PHE A CD1 1 
ATOM   828 C  CD2 . PHE A 1 101 ? -13.206 -7.098  1.883   1.00 20.80 ? 1207 PHE A CD2 1 
ATOM   829 C  CE1 . PHE A 1 101 ? -15.145 -5.132  1.808   1.00 20.32 ? 1207 PHE A CE1 1 
ATOM   830 C  CE2 . PHE A 1 101 ? -13.056 -5.984  1.046   1.00 21.69 ? 1207 PHE A CE2 1 
ATOM   831 C  CZ  . PHE A 1 101 ? -14.026 -4.987  1.017   1.00 20.74 ? 1207 PHE A CZ  1 
ATOM   832 N  N   . GLY A 1 102 ? -13.766 -10.077 6.421   1.00 35.16 ? 1208 GLY A N   1 
ATOM   833 C  CA  . GLY A 1 102 ? -14.003 -11.413 7.034   1.00 44.76 ? 1208 GLY A CA  1 
ATOM   834 C  C   . GLY A 1 102 ? -13.921 -11.340 8.546   1.00 51.67 ? 1208 GLY A C   1 
ATOM   835 O  O   . GLY A 1 102 ? -14.031 -10.248 9.118   1.00 58.55 ? 1208 GLY A O   1 
HETATM 836 ZN ZN  . ZN  B 2 .   ? 7.885   1.962   3.685   1.00 11.43 ? 1301 ZN  A ZN  1 
HETATM 837 ZN ZN  . ZN  C 2 .   ? -1.667  11.442  7.519   1.00 11.54 ? 1302 ZN  A ZN  1 
HETATM 838 ZN ZN  . ZN  D 2 .   ? 7.219   0.192   -10.227 1.00 10.93 ? 1303 ZN  A ZN  1 
HETATM 839 X  UNK . UNX E 3 .   ? -8.301  4.161   5.836   1.00 12.19 ? 1304 UNX A UNK 1 
HETATM 840 X  UNK . UNX F 3 .   ? 1.485   -12.693 -11.971 1.00 20.55 ? 1305 UNX A UNK 1 
HETATM 841 X  UNK . UNX G 3 .   ? -2.885  -10.113 14.351  1.00 25.82 ? 1306 UNX A UNK 1 
HETATM 842 X  UNK . UNX H 3 .   ? -3.451  -3.331  -7.831  1.00 8.89  ? 1307 UNX A UNK 1 
HETATM 843 X  UNK . UNX I 3 .   ? -11.047 -6.285  -3.263  1.00 31.99 ? 1308 UNX A UNK 1 
HETATM 844 X  UNK . UNX J 3 .   ? -6.348  17.220  1.664   1.00 17.73 ? 1309 UNX A UNK 1 
HETATM 845 X  UNK . UNX K 3 .   ? -7.814  17.036  3.262   1.00 26.69 ? 1310 UNX A UNK 1 
HETATM 846 X  UNK . UNX L 3 .   ? 5.560   -2.670  10.513  1.00 24.19 ? 1311 UNX A UNK 1 
HETATM 847 X  UNK . UNX M 3 .   ? -7.054  16.972  5.825   1.00 25.93 ? 1312 UNX A UNK 1 
HETATM 848 X  UNK . UNX N 3 .   ? 9.620   -9.643  -9.213  1.00 26.33 ? 1313 UNX A UNK 1 
HETATM 849 X  UNK . UNX O 3 .   ? 5.958   -12.318 -13.925 1.00 22.61 ? 1314 UNX A UNK 1 
HETATM 850 X  UNK . UNX P 3 .   ? 6.242   10.080  7.081   1.00 28.95 ? 1315 UNX A UNK 1 
HETATM 851 X  UNK . UNX Q 3 .   ? -5.601  -2.123  -9.288  1.00 14.85 ? 1316 UNX A UNK 1 
HETATM 852 C  C9  . 6U6 R 4 .   ? -2.817  7.160   -7.255  1.00 26.88 ? 1317 6U6 A C9  1 
HETATM 853 C  C1  . 6U6 R 4 .   ? -0.747  6.945   -2.871  1.00 26.01 ? 1317 6U6 A C1  1 
HETATM 854 C  C3  . 6U6 R 4 .   ? -1.713  6.745   -5.138  1.00 27.00 ? 1317 6U6 A C3  1 
HETATM 855 C  C2  . 6U6 R 4 .   ? -1.477  6.159   -3.811  1.00 28.05 ? 1317 6U6 A C2  1 
HETATM 856 C  C5  . 6U6 R 4 .   ? -1.622  9.192   -7.749  1.00 31.07 ? 1317 6U6 A C5  1 
HETATM 857 C  C8  . 6U6 R 4 .   ? -3.600  7.315   -8.384  1.00 29.43 ? 1317 6U6 A C8  1 
HETATM 858 O  O1  . 6U6 R 4 .   ? -2.504  8.696   -2.417  1.00 17.12 ? 1317 6U6 A O1  1 
HETATM 859 C  C7  . 6U6 R 4 .   ? -3.395  8.395   -9.201  1.00 32.13 ? 1317 6U6 A C7  1 
HETATM 860 C  C6  . 6U6 R 4 .   ? -2.408  9.299   -8.893  1.00 34.31 ? 1317 6U6 A C6  1 
HETATM 861 C  C4  . 6U6 R 4 .   ? -1.850  8.097   -6.893  1.00 27.96 ? 1317 6U6 A C4  1 
HETATM 862 CL CL  . 6U6 R 4 .   ? -2.100  10.583  -10.018 1.00 42.39 ? 1317 6U6 A CL  1 
HETATM 863 N  N   . 6U6 R 4 .   ? -1.227  7.828   -5.663  1.00 26.42 ? 1317 6U6 A N   1 
HETATM 864 S  S   . 6U6 R 4 .   ? -2.915  5.924   -6.081  1.00 23.26 ? 1317 6U6 A S   1 
HETATM 865 C  C   . 6U6 R 4 .   ? -1.333  8.228   -2.408  1.00 18.60 ? 1317 6U6 A C   1 
HETATM 866 O  O   . 6U6 R 4 .   ? -0.288  8.782   -2.027  1.00 15.00 ? 1317 6U6 A O   1 
HETATM 867 O  O   . HOH S 5 .   ? 4.837   14.875  8.531   1.00 35.84 ? 1401 HOH A O   1 
HETATM 868 O  O   . HOH S 5 .   ? -2.380  -3.807  -18.473 1.00 26.89 ? 1402 HOH A O   1 
HETATM 869 O  O   . HOH S 5 .   ? -12.699 9.530   3.625   1.00 31.74 ? 1403 HOH A O   1 
HETATM 870 O  O   . HOH S 5 .   ? -11.808 -12.269 2.778   1.00 34.25 ? 1404 HOH A O   1 
HETATM 871 O  O   . HOH S 5 .   ? 1.623   -5.294  10.309  1.00 28.43 ? 1405 HOH A O   1 
HETATM 872 O  O   . HOH S 5 .   ? -13.497 1.133   2.671   1.00 24.65 ? 1406 HOH A O   1 
HETATM 873 O  O   . HOH S 5 .   ? -15.616 -6.565  8.231   1.00 18.43 ? 1407 HOH A O   1 
HETATM 874 O  O   . HOH S 5 .   ? 1.336   -14.761 13.597  1.00 21.26 ? 1408 HOH A O   1 
HETATM 875 O  O   . HOH S 5 .   ? -0.119  10.221  0.205   1.00 10.61 ? 1409 HOH A O   1 
HETATM 876 O  O   . HOH S 5 .   ? -7.652  8.360   14.820  1.00 19.40 ? 1410 HOH A O   1 
HETATM 877 O  O   . HOH S 5 .   ? -9.202  -4.287  11.533  1.00 32.97 ? 1411 HOH A O   1 
HETATM 878 O  O   . HOH S 5 .   ? -6.623  4.051   0.601   1.00 21.74 ? 1412 HOH A O   1 
HETATM 879 O  O   . HOH S 5 .   ? 10.186  8.918   -6.695  1.00 17.15 ? 1413 HOH A O   1 
HETATM 880 O  O   . HOH S 5 .   ? 4.831   3.757   -16.049 1.00 31.87 ? 1414 HOH A O   1 
HETATM 881 O  O   . HOH S 5 .   ? 0.940   -10.568 -13.139 1.00 27.04 ? 1415 HOH A O   1 
HETATM 882 O  O   . HOH S 5 .   ? 2.801   14.700  0.526   1.00 25.93 ? 1416 HOH A O   1 
HETATM 883 O  O   . HOH S 5 .   ? 14.441  0.401   3.084   1.00 31.90 ? 1417 HOH A O   1 
HETATM 884 O  O   . HOH S 5 .   ? -6.979  2.638   7.902   1.00 15.16 ? 1418 HOH A O   1 
HETATM 885 O  O   . HOH S 5 .   ? 8.356   -0.644  9.821   1.00 18.45 ? 1419 HOH A O   1 
HETATM 886 O  O   . HOH S 5 .   ? 0.018   3.847   11.969  1.00 13.74 ? 1420 HOH A O   1 
HETATM 887 O  O   . HOH S 5 .   ? -1.712  -2.497  9.166   1.00 11.12 ? 1421 HOH A O   1 
HETATM 888 O  O   . HOH S 5 .   ? 13.535  2.759   -9.794  1.00 25.89 ? 1422 HOH A O   1 
HETATM 889 O  O   . HOH S 5 .   ? -1.567  15.665  -0.175  1.00 36.13 ? 1423 HOH A O   1 
HETATM 890 O  O   . HOH S 5 .   ? -6.005  -11.001 7.751   1.00 18.76 ? 1424 HOH A O   1 
HETATM 891 O  O   . HOH S 5 .   ? 7.056   -0.960  -1.360  1.00 12.30 ? 1425 HOH A O   1 
HETATM 892 O  O   . HOH S 5 .   ? 14.773  3.880   3.191   1.00 28.80 ? 1426 HOH A O   1 
HETATM 893 O  O   . HOH S 5 .   ? 7.196   12.136  -2.397  1.00 28.41 ? 1427 HOH A O   1 
HETATM 894 O  O   . HOH S 5 .   ? -11.144 -4.705  9.871   1.00 17.58 ? 1428 HOH A O   1 
HETATM 895 O  O   . HOH S 5 .   ? 7.120   6.977   -14.187 1.00 36.54 ? 1429 HOH A O   1 
HETATM 896 O  O   . HOH S 5 .   ? -4.798  16.980  -0.379  1.00 26.43 ? 1430 HOH A O   1 
HETATM 897 O  O   . HOH S 5 .   ? 5.194   9.501   -7.630  1.00 30.15 ? 1431 HOH A O   1 
HETATM 898 O  O   . HOH S 5 .   ? 14.190  2.697   -0.982  1.00 27.37 ? 1432 HOH A O   1 
HETATM 899 O  O   . HOH S 5 .   ? -11.340 6.269   4.117   1.00 25.75 ? 1433 HOH A O   1 
HETATM 900 O  O   . HOH S 5 .   ? -6.691  -5.115  -6.640  1.00 21.95 ? 1434 HOH A O   1 
HETATM 901 O  O   . HOH S 5 .   ? 1.479   -13.762 -3.201  1.00 26.26 ? 1435 HOH A O   1 
HETATM 902 O  O   . HOH S 5 .   ? 8.869   -10.685 0.108   1.00 27.74 ? 1436 HOH A O   1 
HETATM 903 O  O   . HOH S 5 .   ? 10.288  -6.489  -9.882  1.00 14.38 ? 1437 HOH A O   1 
HETATM 904 O  O   . HOH S 5 .   ? -3.505  15.307  13.195  1.00 26.61 ? 1438 HOH A O   1 
HETATM 905 O  O   . HOH S 5 .   ? -10.442 1.157   7.242   1.00 17.38 ? 1439 HOH A O   1 
HETATM 906 O  O   . HOH S 5 .   ? 13.559  -1.805  -8.198  1.00 15.73 ? 1440 HOH A O   1 
HETATM 907 O  O   . HOH S 5 .   ? -7.072  0.171   14.344  1.00 24.83 ? 1441 HOH A O   1 
HETATM 908 O  O   . HOH S 5 .   ? -11.934 -8.782  10.562  1.00 37.53 ? 1442 HOH A O   1 
HETATM 909 O  O   . HOH S 5 .   ? -12.033 -0.930  6.309   1.00 14.23 ? 1443 HOH A O   1 
HETATM 910 O  O   . HOH S 5 .   ? -10.093 3.340   9.117   1.00 16.85 ? 1444 HOH A O   1 
HETATM 911 O  O   . HOH S 5 .   ? 6.907   -11.384 11.196  1.00 28.45 ? 1445 HOH A O   1 
HETATM 912 O  O   . HOH S 5 .   ? 2.439   -0.657  11.115  1.00 23.90 ? 1446 HOH A O   1 
HETATM 913 O  O   . HOH S 5 .   ? 0.921   -3.072  8.870   1.00 17.22 ? 1447 HOH A O   1 
HETATM 914 O  O   . HOH S 5 .   ? -5.051  -7.204  12.399  1.00 29.27 ? 1448 HOH A O   1 
HETATM 915 O  O   . HOH S 5 .   ? 9.312   6.088   8.704   1.00 37.23 ? 1449 HOH A O   1 
HETATM 916 O  O   . HOH S 5 .   ? 12.592  -9.817  -3.662  1.00 35.74 ? 1450 HOH A O   1 
HETATM 917 O  O   . HOH S 5 .   ? 9.362   13.587  5.350   1.00 28.31 ? 1451 HOH A O   1 
HETATM 918 O  O   . HOH S 5 .   ? 0.392   10.049  -4.783  1.00 34.23 ? 1452 HOH A O   1 
HETATM 919 O  O   . HOH S 5 .   ? -6.964  3.558   -5.250  1.00 34.11 ? 1453 HOH A O   1 
HETATM 920 O  O   A HOH S 5 .   ? 4.677   -10.158 0.762   0.50 18.43 ? 1454 HOH A O   1 
HETATM 921 O  O   B HOH S 5 .   ? 6.004   -10.954 -0.048  0.50 20.92 ? 1454 HOH A O   1 
HETATM 922 O  O   . HOH S 5 .   ? 12.992  -5.895  -10.838 1.00 25.88 ? 1455 HOH A O   1 
HETATM 923 O  O   . HOH S 5 .   ? -8.897  -13.138 1.214   1.00 29.25 ? 1456 HOH A O   1 
HETATM 924 O  O   . HOH S 5 .   ? 6.746   -12.777 8.729   1.00 23.98 ? 1457 HOH A O   1 
HETATM 925 O  O   . HOH S 5 .   ? 4.438   5.173   11.430  1.00 24.59 ? 1458 HOH A O   1 
HETATM 926 O  O   . HOH S 5 .   ? 2.108   -10.551 -0.990  1.00 20.45 ? 1459 HOH A O   1 
HETATM 927 O  O   . HOH S 5 .   ? 2.517   3.235   10.765  1.00 15.14 ? 1460 HOH A O   1 
HETATM 928 O  O   . HOH S 5 .   ? -4.050  -9.971  9.416   1.00 25.40 ? 1461 HOH A O   1 
HETATM 929 O  O   . HOH S 5 .   ? -2.385  2.399   -13.634 1.00 19.79 ? 1462 HOH A O   1 
HETATM 930 O  O   . HOH S 5 .   ? 0.419   -12.551 8.369   1.00 33.25 ? 1463 HOH A O   1 
HETATM 931 O  O   . HOH S 5 .   ? -12.402 11.193  10.158  1.00 36.37 ? 1464 HOH A O   1 
HETATM 932 O  O   . HOH S 5 .   ? -7.880  -10.433 10.148  1.00 30.00 ? 1465 HOH A O   1 
HETATM 933 O  O   . HOH S 5 .   ? -14.871 -7.701  10.584  1.00 34.20 ? 1466 HOH A O   1 
HETATM 934 O  O   . HOH S 5 .   ? -7.979  4.052   -3.076  1.00 32.18 ? 1467 HOH A O   1 
HETATM 935 O  O   . HOH S 5 .   ? 4.942   -12.967 3.207   1.00 32.17 ? 1468 HOH A O   1 
HETATM 936 O  O   A HOH S 5 .   ? -9.813  10.690  11.593  0.80 17.65 ? 1469 HOH A O   1 
HETATM 937 O  O   B HOH S 5 .   ? -9.980  10.884  10.182  0.20 8.87  ? 1469 HOH A O   1 
HETATM 938 O  O   . HOH S 5 .   ? 2.282   9.179   -7.462  1.00 23.77 ? 1470 HOH A O   1 
HETATM 939 O  O   A HOH S 5 .   ? 1.077   10.506  -9.685  0.50 29.42 ? 1471 HOH A O   1 
HETATM 940 O  O   B HOH S 5 .   ? 1.794   9.878   -10.386 0.50 24.67 ? 1471 HOH A O   1 
HETATM 941 O  O   . HOH S 5 .   ? 10.863  4.935   -12.357 1.00 27.10 ? 1472 HOH A O   1 
HETATM 942 O  O   . HOH S 5 .   ? 3.583   1.384   12.282  1.00 27.58 ? 1473 HOH A O   1 
HETATM 943 O  O   . HOH S 5 .   ? 5.347   14.930  0.010   1.00 41.76 ? 1474 HOH A O   1 
HETATM 944 O  O   . HOH S 5 .   ? -2.310  -12.425 9.392   1.00 30.32 ? 1475 HOH A O   1 
HETATM 945 O  O   A HOH S 5 .   ? -10.454 -4.262  13.924  0.80 20.76 ? 1476 HOH A O   1 
HETATM 946 O  O   B HOH S 5 .   ? -12.007 -4.434  12.653  0.20 13.02 ? 1476 HOH A O   1 
HETATM 947 O  O   . HOH S 5 .   ? -14.400 -11.583 -3.398  1.00 31.28 ? 1477 HOH A O   1 
HETATM 948 O  O   . HOH S 5 .   ? 9.560   2.835   -13.599 1.00 17.72 ? 1478 HOH A O   1 
HETATM 949 O  O   . HOH S 5 .   ? 15.567  1.019   0.594   1.00 39.33 ? 1479 HOH A O   1 
HETATM 950 O  O   . HOH S 5 .   ? 0.007   4.696   14.554  1.00 29.10 ? 1480 HOH A O   1 
HETATM 951 O  O   . HOH S 5 .   ? 13.223  4.784   -11.336 1.00 31.84 ? 1481 HOH A O   1 
HETATM 952 O  O   . HOH S 5 .   ? 3.319   2.390   -17.564 1.00 30.39 ? 1482 HOH A O   1 
# 
loop_
_pdbx_poly_seq_scheme.asym_id 
_pdbx_poly_seq_scheme.entity_id 
_pdbx_poly_seq_scheme.seq_id 
_pdbx_poly_seq_scheme.mon_id 
_pdbx_poly_seq_scheme.ndb_seq_num 
_pdbx_poly_seq_scheme.pdb_seq_num 
_pdbx_poly_seq_scheme.auth_seq_num 
_pdbx_poly_seq_scheme.pdb_mon_id 
_pdbx_poly_seq_scheme.auth_mon_id 
_pdbx_poly_seq_scheme.pdb_strand_id 
_pdbx_poly_seq_scheme.pdb_ins_code 
_pdbx_poly_seq_scheme.hetero 
A 1 1   GLY 1   1107 ?    ?   ?   A . n 
A 1 2   SER 2   1108 1108 SER SER A . n 
A 1 3   PRO 3   1109 1109 PRO PRO A . n 
A 1 4   LEU 4   1110 1110 LEU LEU A . n 
A 1 5   PRO 5   1111 1111 PRO PRO A . n 
A 1 6   TRP 6   1112 1112 TRP TRP A . n 
A 1 7   CYS 7   1113 1113 CYS CYS A . n 
A 1 8   PRO 8   1114 1114 PRO PRO A . n 
A 1 9   HIS 9   1115 1115 HIS HIS A . n 
A 1 10  LEU 10  1116 1116 LEU LEU A . n 
A 1 11  VAL 11  1117 1117 VAL VAL A . n 
A 1 12  ALA 12  1118 1118 ALA ALA A . n 
A 1 13  VAL 13  1119 1119 VAL VAL A . n 
A 1 14  CYS 14  1120 1120 CYS CYS A . n 
A 1 15  PRO 15  1121 1121 PRO PRO A . n 
A 1 16  ILE 16  1122 1122 ILE ILE A . n 
A 1 17  PRO 17  1123 1123 PRO PRO A . n 
A 1 18  ALA 18  1124 1124 ALA ALA A . n 
A 1 19  ALA 19  1125 1125 ALA ALA A . n 
A 1 20  GLY 20  1126 1126 GLY GLY A . n 
A 1 21  LEU 21  1127 1127 LEU LEU A . n 
A 1 22  ASP 22  1128 1128 ASP ASP A . n 
A 1 23  VAL 23  1129 1129 VAL VAL A . n 
A 1 24  THR 24  1130 1130 THR THR A . n 
A 1 25  GLN 25  1131 1131 GLN GLN A . n 
A 1 26  PRO 26  1132 1132 PRO PRO A . n 
A 1 27  CYS 27  1133 1133 CYS CYS A . n 
A 1 28  GLY 28  1134 1134 GLY GLY A . n 
A 1 29  ASP 29  1135 1135 ASP ASP A . n 
A 1 30  CYS 30  1136 1136 CYS CYS A . n 
A 1 31  GLY 31  1137 1137 GLY GLY A . n 
A 1 32  THR 32  1138 1138 THR THR A . n 
A 1 33  ILE 33  1139 1139 ILE ILE A . n 
A 1 34  GLN 34  1140 1140 GLN GLN A . n 
A 1 35  GLU 35  1141 1141 GLU GLU A . n 
A 1 36  ASN 36  1142 1142 ASN ASN A . n 
A 1 37  TRP 37  1143 1143 TRP TRP A . n 
A 1 38  VAL 38  1144 1144 VAL VAL A . n 
A 1 39  CYS 39  1145 1145 CYS CYS A . n 
A 1 40  LEU 40  1146 1146 LEU LEU A . n 
A 1 41  SER 41  1147 1147 SER SER A . n 
A 1 42  CYS 42  1148 1148 CYS CYS A . n 
A 1 43  TYR 43  1149 1149 TYR TYR A . n 
A 1 44  GLN 44  1150 1150 GLN GLN A . n 
A 1 45  VAL 45  1151 1151 VAL VAL A . n 
A 1 46  TYR 46  1152 1152 TYR TYR A . n 
A 1 47  CYS 47  1153 1153 CYS CYS A . n 
A 1 48  GLY 48  1154 1154 GLY GLY A . n 
A 1 49  ARG 49  1155 1155 ARG ARG A . n 
A 1 50  TYR 50  1156 1156 TYR TYR A . n 
A 1 51  ILE 51  1157 1157 ILE ILE A . n 
A 1 52  ASN 52  1158 1158 ASN ASN A . n 
A 1 53  GLY 53  1159 1159 GLY GLY A . n 
A 1 54  HIS 54  1160 1160 HIS HIS A . n 
A 1 55  MET 55  1161 1161 MET MET A . n 
A 1 56  LEU 56  1162 1162 LEU LEU A . n 
A 1 57  GLN 57  1163 1163 GLN GLN A . n 
A 1 58  HIS 58  1164 1164 HIS HIS A . n 
A 1 59  HIS 59  1165 1165 HIS HIS A . n 
A 1 60  GLY 60  1166 1166 GLY GLY A . n 
A 1 61  ASN 61  1167 1167 ASN ASN A . n 
A 1 62  SER 62  1168 1168 SER SER A . n 
A 1 63  GLY 63  1169 1169 GLY GLY A . n 
A 1 64  HIS 64  1170 1170 HIS HIS A . n 
A 1 65  PRO 65  1171 1171 PRO PRO A . n 
A 1 66  LEU 66  1172 1172 LEU LEU A . n 
A 1 67  VAL 67  1173 1173 VAL VAL A . n 
A 1 68  LEU 68  1174 1174 LEU LEU A . n 
A 1 69  SER 69  1175 1175 SER SER A . n 
A 1 70  TYR 70  1176 1176 TYR TYR A . n 
A 1 71  ILE 71  1177 1177 ILE ILE A . n 
A 1 72  ASP 72  1178 1178 ASP ASP A . n 
A 1 73  LEU 73  1179 1179 LEU LEU A . n 
A 1 74  SER 74  1180 1180 SER SER A . n 
A 1 75  ALA 75  1181 1181 ALA ALA A . n 
A 1 76  TRP 76  1182 1182 TRP TRP A . n 
A 1 77  CYS 77  1183 1183 CYS CYS A . n 
A 1 78  TYR 78  1184 1184 TYR TYR A . n 
A 1 79  TYR 79  1185 1185 TYR TYR A . n 
A 1 80  CYS 80  1186 1186 CYS CYS A . n 
A 1 81  GLN 81  1187 1187 GLN GLN A . n 
A 1 82  ALA 82  1188 1188 ALA ALA A . n 
A 1 83  TYR 83  1189 1189 TYR TYR A . n 
A 1 84  VAL 84  1190 1190 VAL VAL A . n 
A 1 85  HIS 85  1191 1191 HIS HIS A . n 
A 1 86  HIS 86  1192 1192 HIS HIS A . n 
A 1 87  GLN 87  1193 1193 GLN GLN A . n 
A 1 88  ALA 88  1194 1194 ALA ALA A . n 
A 1 89  LEU 89  1195 1195 LEU LEU A . n 
A 1 90  LEU 90  1196 1196 LEU LEU A . n 
A 1 91  ASP 91  1197 1197 ASP ASP A . n 
A 1 92  VAL 92  1198 1198 VAL VAL A . n 
A 1 93  LYS 93  1199 1199 LYS LYS A . n 
A 1 94  ASN 94  1200 1200 ASN ASN A . n 
A 1 95  ILE 95  1201 1201 ILE ILE A . n 
A 1 96  ALA 96  1202 1202 ALA ALA A . n 
A 1 97  HIS 97  1203 1203 HIS HIS A . n 
A 1 98  GLN 98  1204 1204 GLN GLN A . n 
A 1 99  ASN 99  1205 1205 ASN ASN A . n 
A 1 100 LYS 100 1206 1206 LYS LYS A . n 
A 1 101 PHE 101 1207 1207 PHE PHE A . n 
A 1 102 GLY 102 1208 1208 GLY GLY A . n 
A 1 103 GLU 103 1209 ?    ?   ?   A . n 
A 1 104 ASP 104 1210 ?    ?   ?   A . n 
A 1 105 MET 105 1211 ?    ?   ?   A . n 
A 1 106 PRO 106 1212 ?    ?   ?   A . n 
A 1 107 HIS 107 1213 ?    ?   ?   A . n 
# 
_pdbx_SG_project.id                    1 
_pdbx_SG_project.project_name          ? 
_pdbx_SG_project.full_name_of_center   'Structural Genomics Consortium' 
_pdbx_SG_project.initial_of_center     SGC 
# 
loop_
_pdbx_nonpoly_scheme.asym_id 
_pdbx_nonpoly_scheme.entity_id 
_pdbx_nonpoly_scheme.mon_id 
_pdbx_nonpoly_scheme.ndb_seq_num 
_pdbx_nonpoly_scheme.pdb_seq_num 
_pdbx_nonpoly_scheme.auth_seq_num 
_pdbx_nonpoly_scheme.pdb_mon_id 
_pdbx_nonpoly_scheme.auth_mon_id 
_pdbx_nonpoly_scheme.pdb_strand_id 
_pdbx_nonpoly_scheme.pdb_ins_code 
B 2 ZN  1  1301 201 ZN  ZN  A . 
C 2 ZN  1  1302 202 ZN  ZN  A . 
D 2 ZN  1  1303 203 ZN  ZN  A . 
E 3 UNX 1  1304 1   UNX UNX A . 
F 3 UNX 1  1305 2   UNX UNX A . 
G 3 UNX 1  1306 4   UNX UNX A . 
H 3 UNX 1  1307 5   UNX UNX A . 
I 3 UNX 1  1308 6   UNX UNX A . 
J 3 UNX 1  1309 7   UNX UNX A . 
K 3 UNX 1  1310 8   UNX UNX A . 
L 3 UNX 1  1311 9   UNX UNX A . 
M 3 UNX 1  1312 10  UNX UNX A . 
N 3 UNX 1  1313 12  UNX UNX A . 
O 3 UNX 1  1314 13  UNX UNX A . 
P 3 UNX 1  1315 14  UNX UNX A . 
Q 3 UNX 1  1316 18  UNX UNX A . 
R 4 6U6 1  1317 1   6U6 94A A . 
S 5 HOH 1  1401 90  HOH HOH A . 
S 5 HOH 2  1402 45  HOH HOH A . 
S 5 HOH 3  1403 50  HOH HOH A . 
S 5 HOH 4  1404 19  HOH HOH A . 
S 5 HOH 5  1405 52  HOH HOH A . 
S 5 HOH 6  1406 40  HOH HOH A . 
S 5 HOH 7  1407 21  HOH HOH A . 
S 5 HOH 8  1408 30  HOH HOH A . 
S 5 HOH 9  1409 1   HOH HOH A . 
S 5 HOH 10 1410 28  HOH HOH A . 
S 5 HOH 11 1411 56  HOH HOH A . 
S 5 HOH 12 1412 27  HOH HOH A . 
S 5 HOH 13 1413 10  HOH HOH A . 
S 5 HOH 14 1414 74  HOH HOH A . 
S 5 HOH 15 1415 61  HOH HOH A . 
S 5 HOH 16 1416 42  HOH HOH A . 
S 5 HOH 17 1417 62  HOH HOH A . 
S 5 HOH 18 1418 9   HOH HOH A . 
S 5 HOH 19 1419 35  HOH HOH A . 
S 5 HOH 20 1420 3   HOH HOH A . 
S 5 HOH 21 1421 16  HOH HOH A . 
S 5 HOH 22 1422 49  HOH HOH A . 
S 5 HOH 23 1423 68  HOH HOH A . 
S 5 HOH 24 1424 23  HOH HOH A . 
S 5 HOH 25 1425 2   HOH HOH A . 
S 5 HOH 26 1426 69  HOH HOH A . 
S 5 HOH 27 1427 51  HOH HOH A . 
S 5 HOH 28 1428 22  HOH HOH A . 
S 5 HOH 29 1429 73  HOH HOH A . 
S 5 HOH 30 1430 57  HOH HOH A . 
S 5 HOH 31 1431 72  HOH HOH A . 
S 5 HOH 32 1432 46  HOH HOH A . 
S 5 HOH 33 1433 34  HOH HOH A . 
S 5 HOH 34 1434 25  HOH HOH A . 
S 5 HOH 35 1435 26  HOH HOH A . 
S 5 HOH 36 1436 18  HOH HOH A . 
S 5 HOH 37 1437 20  HOH HOH A . 
S 5 HOH 38 1438 55  HOH HOH A . 
S 5 HOH 39 1439 87  HOH HOH A . 
S 5 HOH 40 1440 8   HOH HOH A . 
S 5 HOH 41 1441 41  HOH HOH A . 
S 5 HOH 42 1442 75  HOH HOH A . 
S 5 HOH 43 1443 6   HOH HOH A . 
S 5 HOH 44 1444 14  HOH HOH A . 
S 5 HOH 45 1445 48  HOH HOH A . 
S 5 HOH 46 1446 43  HOH HOH A . 
S 5 HOH 47 1447 29  HOH HOH A . 
S 5 HOH 48 1448 66  HOH HOH A . 
S 5 HOH 49 1449 67  HOH HOH A . 
S 5 HOH 50 1450 63  HOH HOH A . 
S 5 HOH 51 1451 53  HOH HOH A . 
S 5 HOH 52 1452 81  HOH HOH A . 
S 5 HOH 53 1453 70  HOH HOH A . 
S 5 HOH 54 1454 60  HOH HOH A . 
S 5 HOH 55 1455 44  HOH HOH A . 
S 5 HOH 56 1456 59  HOH HOH A . 
S 5 HOH 57 1457 32  HOH HOH A . 
S 5 HOH 58 1458 11  HOH HOH A . 
S 5 HOH 59 1459 12  HOH HOH A . 
S 5 HOH 60 1460 7   HOH HOH A . 
S 5 HOH 61 1461 31  HOH HOH A . 
S 5 HOH 62 1462 4   HOH HOH A . 
S 5 HOH 63 1463 64  HOH HOH A . 
S 5 HOH 64 1464 85  HOH HOH A . 
S 5 HOH 65 1465 58  HOH HOH A . 
S 5 HOH 66 1466 79  HOH HOH A . 
S 5 HOH 67 1467 71  HOH HOH A . 
S 5 HOH 68 1468 33  HOH HOH A . 
S 5 HOH 69 1469 88  HOH HOH A . 
S 5 HOH 70 1470 39  HOH HOH A . 
S 5 HOH 71 1471 83  HOH HOH A . 
S 5 HOH 72 1472 77  HOH HOH A . 
S 5 HOH 73 1473 76  HOH HOH A . 
S 5 HOH 74 1474 84  HOH HOH A . 
S 5 HOH 75 1475 65  HOH HOH A . 
S 5 HOH 76 1476 89  HOH HOH A . 
S 5 HOH 77 1477 82  HOH HOH A . 
S 5 HOH 78 1478 13  HOH HOH A . 
S 5 HOH 79 1479 80  HOH HOH A . 
S 5 HOH 80 1480 36  HOH HOH A . 
S 5 HOH 81 1481 86  HOH HOH A . 
S 5 HOH 82 1482 78  HOH HOH A . 
# 
_pdbx_struct_assembly.id                   1 
_pdbx_struct_assembly.details              author_and_software_defined_assembly 
_pdbx_struct_assembly.method_details       PISA 
_pdbx_struct_assembly.oligomeric_details   monomeric 
_pdbx_struct_assembly.oligomeric_count     1 
# 
_pdbx_struct_assembly_gen.assembly_id       1 
_pdbx_struct_assembly_gen.oper_expression   1 
_pdbx_struct_assembly_gen.asym_id_list      A,B,C,D,E,F,G,H,I,J,K,L,M,N,O,P,Q,R,S 
# 
loop_
_pdbx_struct_assembly_prop.biol_id 
_pdbx_struct_assembly_prop.type 
_pdbx_struct_assembly_prop.value 
_pdbx_struct_assembly_prop.details 
1 'ABSA (A^2)' 0    ? 
1 MORE         0    ? 
1 'SSA (A^2)'  5980 ? 
# 
_pdbx_struct_oper_list.id                   1 
_pdbx_struct_oper_list.type                 'identity operation' 
_pdbx_struct_oper_list.name                 1_555 
_pdbx_struct_oper_list.symmetry_operation   x,y,z 
_pdbx_struct_oper_list.matrix[1][1]         1.0000000000 
_pdbx_struct_oper_list.matrix[1][2]         0.0000000000 
_pdbx_struct_oper_list.matrix[1][3]         0.0000000000 
_pdbx_struct_oper_list.vector[1]            0.0000000000 
_pdbx_struct_oper_list.matrix[2][1]         0.0000000000 
_pdbx_struct_oper_list.matrix[2][2]         1.0000000000 
_pdbx_struct_oper_list.matrix[2][3]         0.0000000000 
_pdbx_struct_oper_list.vector[2]            0.0000000000 
_pdbx_struct_oper_list.matrix[3][1]         0.0000000000 
_pdbx_struct_oper_list.matrix[3][2]         0.0000000000 
_pdbx_struct_oper_list.matrix[3][3]         1.0000000000 
_pdbx_struct_oper_list.vector[3]            0.0000000000 
# 
loop_
_pdbx_struct_conn_angle.id 
_pdbx_struct_conn_angle.ptnr1_label_atom_id 
_pdbx_struct_conn_angle.ptnr1_label_alt_id 
_pdbx_struct_conn_angle.ptnr1_label_asym_id 
_pdbx_struct_conn_angle.ptnr1_label_comp_id 
_pdbx_struct_conn_angle.ptnr1_label_seq_id 
_pdbx_struct_conn_angle.ptnr1_auth_atom_id 
_pdbx_struct_conn_angle.ptnr1_auth_asym_id 
_pdbx_struct_conn_angle.ptnr1_auth_comp_id 
_pdbx_struct_conn_angle.ptnr1_auth_seq_id 
_pdbx_struct_conn_angle.ptnr1_PDB_ins_code 
_pdbx_struct_conn_angle.ptnr1_symmetry 
_pdbx_struct_conn_angle.ptnr2_label_atom_id 
_pdbx_struct_conn_angle.ptnr2_label_alt_id 
_pdbx_struct_conn_angle.ptnr2_label_asym_id 
_pdbx_struct_conn_angle.ptnr2_label_comp_id 
_pdbx_struct_conn_angle.ptnr2_label_seq_id 
_pdbx_struct_conn_angle.ptnr2_auth_atom_id 
_pdbx_struct_conn_angle.ptnr2_auth_asym_id 
_pdbx_struct_conn_angle.ptnr2_auth_comp_id 
_pdbx_struct_conn_angle.ptnr2_auth_seq_id 
_pdbx_struct_conn_angle.ptnr2_PDB_ins_code 
_pdbx_struct_conn_angle.ptnr2_symmetry 
_pdbx_struct_conn_angle.ptnr3_label_atom_id 
_pdbx_struct_conn_angle.ptnr3_label_alt_id 
_pdbx_struct_conn_angle.ptnr3_label_asym_id 
_pdbx_struct_conn_angle.ptnr3_label_comp_id 
_pdbx_struct_conn_angle.ptnr3_label_seq_id 
_pdbx_struct_conn_angle.ptnr3_auth_atom_id 
_pdbx_struct_conn_angle.ptnr3_auth_asym_id 
_pdbx_struct_conn_angle.ptnr3_auth_comp_id 
_pdbx_struct_conn_angle.ptnr3_auth_seq_id 
_pdbx_struct_conn_angle.ptnr3_PDB_ins_code 
_pdbx_struct_conn_angle.ptnr3_symmetry 
_pdbx_struct_conn_angle.value 
_pdbx_struct_conn_angle.value_esd 
1  SG  ? A CYS 7  ? A CYS 1113 ? 1_555 ZN ? D ZN . ? A ZN 1303 ? 1_555 ND1 ? A HIS 9  ? A HIS 1115 ? 1_555 111.0 ? 
2  SG  ? A CYS 7  ? A CYS 1113 ? 1_555 ZN ? D ZN . ? A ZN 1303 ? 1_555 SG  ? A CYS 77 ? A CYS 1183 ? 1_555 114.9 ? 
3  ND1 ? A HIS 9  ? A HIS 1115 ? 1_555 ZN ? D ZN . ? A ZN 1303 ? 1_555 SG  ? A CYS 77 ? A CYS 1183 ? 1_555 97.8  ? 
4  SG  ? A CYS 7  ? A CYS 1113 ? 1_555 ZN ? D ZN . ? A ZN 1303 ? 1_555 SG  ? A CYS 80 ? A CYS 1186 ? 1_555 112.8 ? 
5  ND1 ? A HIS 9  ? A HIS 1115 ? 1_555 ZN ? D ZN . ? A ZN 1303 ? 1_555 SG  ? A CYS 80 ? A CYS 1186 ? 1_555 104.1 ? 
6  SG  ? A CYS 77 ? A CYS 1183 ? 1_555 ZN ? D ZN . ? A ZN 1303 ? 1_555 SG  ? A CYS 80 ? A CYS 1186 ? 1_555 114.6 ? 
7  SG  ? A CYS 27 ? A CYS 1133 ? 1_555 ZN ? C ZN . ? A ZN 1302 ? 1_555 SG  ? A CYS 30 ? A CYS 1136 ? 1_555 109.3 ? 
8  SG  ? A CYS 27 ? A CYS 1133 ? 1_555 ZN ? C ZN . ? A ZN 1302 ? 1_555 SG  ? A CYS 47 ? A CYS 1153 ? 1_555 113.5 ? 
9  SG  ? A CYS 30 ? A CYS 1136 ? 1_555 ZN ? C ZN . ? A ZN 1302 ? 1_555 SG  ? A CYS 47 ? A CYS 1153 ? 1_555 115.6 ? 
10 SG  ? A CYS 27 ? A CYS 1133 ? 1_555 ZN ? C ZN . ? A ZN 1302 ? 1_555 ND1 ? A HIS 54 ? A HIS 1160 ? 1_555 106.7 ? 
11 SG  ? A CYS 30 ? A CYS 1136 ? 1_555 ZN ? C ZN . ? A ZN 1302 ? 1_555 ND1 ? A HIS 54 ? A HIS 1160 ? 1_555 110.0 ? 
12 SG  ? A CYS 47 ? A CYS 1153 ? 1_555 ZN ? C ZN . ? A ZN 1302 ? 1_555 ND1 ? A HIS 54 ? A HIS 1160 ? 1_555 101.1 ? 
13 SG  ? A CYS 39 ? A CYS 1145 ? 1_555 ZN ? B ZN . ? A ZN 1301 ? 1_555 SG  ? A CYS 42 ? A CYS 1148 ? 1_555 116.1 ? 
14 SG  ? A CYS 39 ? A CYS 1145 ? 1_555 ZN ? B ZN . ? A ZN 1301 ? 1_555 NE2 ? A HIS 58 ? A HIS 1164 ? 1_555 111.4 ? 
15 SG  ? A CYS 42 ? A CYS 1148 ? 1_555 ZN ? B ZN . ? A ZN 1301 ? 1_555 NE2 ? A HIS 58 ? A HIS 1164 ? 1_555 101.4 ? 
16 SG  ? A CYS 39 ? A CYS 1145 ? 1_555 ZN ? B ZN . ? A ZN 1301 ? 1_555 ND1 ? A HIS 64 ? A HIS 1170 ? 1_555 108.4 ? 
17 SG  ? A CYS 42 ? A CYS 1148 ? 1_555 ZN ? B ZN . ? A ZN 1301 ? 1_555 ND1 ? A HIS 64 ? A HIS 1170 ? 1_555 109.1 ? 
18 NE2 ? A HIS 58 ? A HIS 1164 ? 1_555 ZN ? B ZN . ? A ZN 1301 ? 1_555 ND1 ? A HIS 64 ? A HIS 1170 ? 1_555 110.3 ? 
# 
loop_
_pdbx_audit_revision_history.ordinal 
_pdbx_audit_revision_history.data_content_type 
_pdbx_audit_revision_history.major_revision 
_pdbx_audit_revision_history.minor_revision 
_pdbx_audit_revision_history.revision_date 
1 'Structure model' 1 0 2016-07-27 
2 'Structure model' 1 1 2018-03-21 
3 'Structure model' 1 2 2019-02-27 
4 'Structure model' 1 3 2023-09-27 
# 
_pdbx_audit_revision_details.ordinal             1 
_pdbx_audit_revision_details.revision_ordinal    1 
_pdbx_audit_revision_details.data_content_type   'Structure model' 
_pdbx_audit_revision_details.provider            repository 
_pdbx_audit_revision_details.type                'Initial release' 
_pdbx_audit_revision_details.description         ? 
_pdbx_audit_revision_details.details             ? 
# 
loop_
_pdbx_audit_revision_group.ordinal 
_pdbx_audit_revision_group.revision_ordinal 
_pdbx_audit_revision_group.data_content_type 
_pdbx_audit_revision_group.group 
1 2 'Structure model' 'Database references'    
2 2 'Structure model' 'Derived calculations'   
3 3 'Structure model' 'Data collection'        
4 3 'Structure model' 'Database references'    
5 4 'Structure model' 'Data collection'        
6 4 'Structure model' 'Database references'    
7 4 'Structure model' 'Refinement description' 
# 
loop_
_pdbx_audit_revision_category.ordinal 
_pdbx_audit_revision_category.revision_ordinal 
_pdbx_audit_revision_category.data_content_type 
_pdbx_audit_revision_category.category 
1 2 'Structure model' citation                      
2 2 'Structure model' citation_author               
3 2 'Structure model' pdbx_struct_oper_list         
4 3 'Structure model' citation_author               
5 4 'Structure model' chem_comp_atom                
6 4 'Structure model' chem_comp_bond                
7 4 'Structure model' database_2                    
8 4 'Structure model' diffrn_radiation_wavelength   
9 4 'Structure model' pdbx_initial_refinement_model 
# 
loop_
_pdbx_audit_revision_item.ordinal 
_pdbx_audit_revision_item.revision_ordinal 
_pdbx_audit_revision_item.data_content_type 
_pdbx_audit_revision_item.item 
1  2 'Structure model' '_citation.country'                         
2  2 'Structure model' '_citation.journal_abbrev'                  
3  2 'Structure model' '_citation.journal_id_ASTM'                 
4  2 'Structure model' '_citation.journal_id_CSD'                  
5  2 'Structure model' '_citation.journal_id_ISSN'                 
6  2 'Structure model' '_citation.journal_volume'                  
7  2 'Structure model' '_citation.page_first'                      
8  2 'Structure model' '_citation.page_last'                       
9  2 'Structure model' '_citation.pdbx_database_id_DOI'            
10 2 'Structure model' '_citation.pdbx_database_id_PubMed'         
11 2 'Structure model' '_citation.title'                           
12 2 'Structure model' '_citation.year'                            
13 2 'Structure model' '_pdbx_struct_oper_list.symmetry_operation' 
14 3 'Structure model' '_citation_author.identifier_ORCID'         
15 4 'Structure model' '_database_2.pdbx_DOI'                      
16 4 'Structure model' '_database_2.pdbx_database_accession'       
# 
loop_
_software.citation_id 
_software.classification 
_software.compiler_name 
_software.compiler_version 
_software.contact_author 
_software.contact_author_email 
_software.date 
_software.description 
_software.dependencies 
_software.hardware 
_software.language 
_software.location 
_software.mods 
_software.name 
_software.os 
_software.os_version 
_software.type 
_software.version 
_software.pdbx_ordinal 
? refinement        ? ? ? ? ? ? ? ? ? ? ? REFMAC      ? ? ? 5.8.0151 1 
? 'data scaling'    ? ? ? ? ? ? ? ? ? ? ? Aimless     ? ? ? 0.5.26   2 
? 'data extraction' ? ? ? ? ? ? ? ? ? ? ? PDB_EXTRACT ? ? ? 3.20     3 
? 'data reduction'  ? ? ? ? ? ? ? ? ? ? ? XDS         ? ? ? .        4 
# 
_pdbx_validate_close_contact.id               1 
_pdbx_validate_close_contact.PDB_model_num    1 
_pdbx_validate_close_contact.auth_atom_id_1   UNK 
_pdbx_validate_close_contact.auth_asym_id_1   A 
_pdbx_validate_close_contact.auth_comp_id_1   UNX 
_pdbx_validate_close_contact.auth_seq_id_1    1309 
_pdbx_validate_close_contact.PDB_ins_code_1   ? 
_pdbx_validate_close_contact.label_alt_id_1   ? 
_pdbx_validate_close_contact.auth_atom_id_2   UNK 
_pdbx_validate_close_contact.auth_asym_id_2   A 
_pdbx_validate_close_contact.auth_comp_id_2   UNX 
_pdbx_validate_close_contact.auth_seq_id_2    1310 
_pdbx_validate_close_contact.PDB_ins_code_2   ? 
_pdbx_validate_close_contact.label_alt_id_2   ? 
_pdbx_validate_close_contact.dist             2.18 
# 
_pdbx_validate_symm_contact.id                1 
_pdbx_validate_symm_contact.PDB_model_num     1 
_pdbx_validate_symm_contact.auth_atom_id_1    O 
_pdbx_validate_symm_contact.auth_asym_id_1    A 
_pdbx_validate_symm_contact.auth_comp_id_1    HOH 
_pdbx_validate_symm_contact.auth_seq_id_1     1415 
_pdbx_validate_symm_contact.PDB_ins_code_1    ? 
_pdbx_validate_symm_contact.label_alt_id_1    ? 
_pdbx_validate_symm_contact.site_symmetry_1   1_555 
_pdbx_validate_symm_contact.auth_atom_id_2    O 
_pdbx_validate_symm_contact.auth_asym_id_2    A 
_pdbx_validate_symm_contact.auth_comp_id_2    HOH 
_pdbx_validate_symm_contact.auth_seq_id_2     1417 
_pdbx_validate_symm_contact.PDB_ins_code_2    ? 
_pdbx_validate_symm_contact.label_alt_id_2    ? 
_pdbx_validate_symm_contact.site_symmetry_2   4_445 
_pdbx_validate_symm_contact.dist              2.10 
# 
loop_
_pdbx_validate_torsion.id 
_pdbx_validate_torsion.PDB_model_num 
_pdbx_validate_torsion.auth_comp_id 
_pdbx_validate_torsion.auth_asym_id 
_pdbx_validate_torsion.auth_seq_id 
_pdbx_validate_torsion.PDB_ins_code 
_pdbx_validate_torsion.label_alt_id 
_pdbx_validate_torsion.phi 
_pdbx_validate_torsion.psi 
1 1 ASP A 1135 ? A -92.49 -66.16  
2 1 ILE A 1157 ? ? -94.63 -103.12 
# 
loop_
_pdbx_unobs_or_zero_occ_atoms.id 
_pdbx_unobs_or_zero_occ_atoms.PDB_model_num 
_pdbx_unobs_or_zero_occ_atoms.polymer_flag 
_pdbx_unobs_or_zero_occ_atoms.occupancy_flag 
_pdbx_unobs_or_zero_occ_atoms.auth_asym_id 
_pdbx_unobs_or_zero_occ_atoms.auth_comp_id 
_pdbx_unobs_or_zero_occ_atoms.auth_seq_id 
_pdbx_unobs_or_zero_occ_atoms.PDB_ins_code 
_pdbx_unobs_or_zero_occ_atoms.auth_atom_id 
_pdbx_unobs_or_zero_occ_atoms.label_alt_id 
_pdbx_unobs_or_zero_occ_atoms.label_asym_id 
_pdbx_unobs_or_zero_occ_atoms.label_comp_id 
_pdbx_unobs_or_zero_occ_atoms.label_seq_id 
_pdbx_unobs_or_zero_occ_atoms.label_atom_id 
1 1 Y 1 A SER 1108 ? N   ? A SER 2  N   
2 1 Y 1 A SER 1108 ? CB  ? A SER 2  CB  
3 1 Y 1 A SER 1108 ? OG  ? A SER 2  OG  
4 1 Y 1 A GLN 1204 ? CD  ? A GLN 98 CD  
5 1 Y 1 A GLN 1204 ? OE1 ? A GLN 98 OE1 
6 1 Y 1 A GLN 1204 ? NE2 ? A GLN 98 NE2 
# 
loop_
_pdbx_unobs_or_zero_occ_residues.id 
_pdbx_unobs_or_zero_occ_residues.PDB_model_num 
_pdbx_unobs_or_zero_occ_residues.polymer_flag 
_pdbx_unobs_or_zero_occ_residues.occupancy_flag 
_pdbx_unobs_or_zero_occ_residues.auth_asym_id 
_pdbx_unobs_or_zero_occ_residues.auth_comp_id 
_pdbx_unobs_or_zero_occ_residues.auth_seq_id 
_pdbx_unobs_or_zero_occ_residues.PDB_ins_code 
_pdbx_unobs_or_zero_occ_residues.label_asym_id 
_pdbx_unobs_or_zero_occ_residues.label_comp_id 
_pdbx_unobs_or_zero_occ_residues.label_seq_id 
1 1 Y 1 A GLY 1107 ? A GLY 1   
2 1 Y 1 A GLU 1209 ? A GLU 103 
3 1 Y 1 A ASP 1210 ? A ASP 104 
4 1 Y 1 A MET 1211 ? A MET 105 
5 1 Y 1 A PRO 1212 ? A PRO 106 
6 1 Y 1 A HIS 1213 ? A HIS 107 
# 
loop_
_chem_comp_atom.comp_id 
_chem_comp_atom.atom_id 
_chem_comp_atom.type_symbol 
_chem_comp_atom.pdbx_aromatic_flag 
_chem_comp_atom.pdbx_stereo_config 
_chem_comp_atom.pdbx_ordinal 
6U6 C9   C  Y N 1   
6U6 C1   C  N N 2   
6U6 C3   C  Y N 3   
6U6 C2   C  N N 4   
6U6 C5   C  Y N 5   
6U6 C8   C  Y N 6   
6U6 O1   O  N N 7   
6U6 C7   C  Y N 8   
6U6 C6   C  Y N 9   
6U6 C4   C  Y N 10  
6U6 CL   CL N N 11  
6U6 N    N  Y N 12  
6U6 S    S  Y N 13  
6U6 C    C  N N 14  
6U6 O    O  N N 15  
6U6 H1   H  N N 16  
6U6 H2   H  N N 17  
6U6 H3   H  N N 18  
6U6 H4   H  N N 19  
6U6 H5   H  N N 20  
6U6 H6   H  N N 21  
6U6 H7   H  N N 22  
6U6 H8   H  N N 23  
ALA N    N  N N 24  
ALA CA   C  N S 25  
ALA C    C  N N 26  
ALA O    O  N N 27  
ALA CB   C  N N 28  
ALA OXT  O  N N 29  
ALA H    H  N N 30  
ALA H2   H  N N 31  
ALA HA   H  N N 32  
ALA HB1  H  N N 33  
ALA HB2  H  N N 34  
ALA HB3  H  N N 35  
ALA HXT  H  N N 36  
ARG N    N  N N 37  
ARG CA   C  N S 38  
ARG C    C  N N 39  
ARG O    O  N N 40  
ARG CB   C  N N 41  
ARG CG   C  N N 42  
ARG CD   C  N N 43  
ARG NE   N  N N 44  
ARG CZ   C  N N 45  
ARG NH1  N  N N 46  
ARG NH2  N  N N 47  
ARG OXT  O  N N 48  
ARG H    H  N N 49  
ARG H2   H  N N 50  
ARG HA   H  N N 51  
ARG HB2  H  N N 52  
ARG HB3  H  N N 53  
ARG HG2  H  N N 54  
ARG HG3  H  N N 55  
ARG HD2  H  N N 56  
ARG HD3  H  N N 57  
ARG HE   H  N N 58  
ARG HH11 H  N N 59  
ARG HH12 H  N N 60  
ARG HH21 H  N N 61  
ARG HH22 H  N N 62  
ARG HXT  H  N N 63  
ASN N    N  N N 64  
ASN CA   C  N S 65  
ASN C    C  N N 66  
ASN O    O  N N 67  
ASN CB   C  N N 68  
ASN CG   C  N N 69  
ASN OD1  O  N N 70  
ASN ND2  N  N N 71  
ASN OXT  O  N N 72  
ASN H    H  N N 73  
ASN H2   H  N N 74  
ASN HA   H  N N 75  
ASN HB2  H  N N 76  
ASN HB3  H  N N 77  
ASN HD21 H  N N 78  
ASN HD22 H  N N 79  
ASN HXT  H  N N 80  
ASP N    N  N N 81  
ASP CA   C  N S 82  
ASP C    C  N N 83  
ASP O    O  N N 84  
ASP CB   C  N N 85  
ASP CG   C  N N 86  
ASP OD1  O  N N 87  
ASP OD2  O  N N 88  
ASP OXT  O  N N 89  
ASP H    H  N N 90  
ASP H2   H  N N 91  
ASP HA   H  N N 92  
ASP HB2  H  N N 93  
ASP HB3  H  N N 94  
ASP HD2  H  N N 95  
ASP HXT  H  N N 96  
CYS N    N  N N 97  
CYS CA   C  N R 98  
CYS C    C  N N 99  
CYS O    O  N N 100 
CYS CB   C  N N 101 
CYS SG   S  N N 102 
CYS OXT  O  N N 103 
CYS H    H  N N 104 
CYS H2   H  N N 105 
CYS HA   H  N N 106 
CYS HB2  H  N N 107 
CYS HB3  H  N N 108 
CYS HG   H  N N 109 
CYS HXT  H  N N 110 
GLN N    N  N N 111 
GLN CA   C  N S 112 
GLN C    C  N N 113 
GLN O    O  N N 114 
GLN CB   C  N N 115 
GLN CG   C  N N 116 
GLN CD   C  N N 117 
GLN OE1  O  N N 118 
GLN NE2  N  N N 119 
GLN OXT  O  N N 120 
GLN H    H  N N 121 
GLN H2   H  N N 122 
GLN HA   H  N N 123 
GLN HB2  H  N N 124 
GLN HB3  H  N N 125 
GLN HG2  H  N N 126 
GLN HG3  H  N N 127 
GLN HE21 H  N N 128 
GLN HE22 H  N N 129 
GLN HXT  H  N N 130 
GLU N    N  N N 131 
GLU CA   C  N S 132 
GLU C    C  N N 133 
GLU O    O  N N 134 
GLU CB   C  N N 135 
GLU CG   C  N N 136 
GLU CD   C  N N 137 
GLU OE1  O  N N 138 
GLU OE2  O  N N 139 
GLU OXT  O  N N 140 
GLU H    H  N N 141 
GLU H2   H  N N 142 
GLU HA   H  N N 143 
GLU HB2  H  N N 144 
GLU HB3  H  N N 145 
GLU HG2  H  N N 146 
GLU HG3  H  N N 147 
GLU HE2  H  N N 148 
GLU HXT  H  N N 149 
GLY N    N  N N 150 
GLY CA   C  N N 151 
GLY C    C  N N 152 
GLY O    O  N N 153 
GLY OXT  O  N N 154 
GLY H    H  N N 155 
GLY H2   H  N N 156 
GLY HA2  H  N N 157 
GLY HA3  H  N N 158 
GLY HXT  H  N N 159 
HIS N    N  N N 160 
HIS CA   C  N S 161 
HIS C    C  N N 162 
HIS O    O  N N 163 
HIS CB   C  N N 164 
HIS CG   C  Y N 165 
HIS ND1  N  Y N 166 
HIS CD2  C  Y N 167 
HIS CE1  C  Y N 168 
HIS NE2  N  Y N 169 
HIS OXT  O  N N 170 
HIS H    H  N N 171 
HIS H2   H  N N 172 
HIS HA   H  N N 173 
HIS HB2  H  N N 174 
HIS HB3  H  N N 175 
HIS HD1  H  N N 176 
HIS HD2  H  N N 177 
HIS HE1  H  N N 178 
HIS HE2  H  N N 179 
HIS HXT  H  N N 180 
HOH O    O  N N 181 
HOH H1   H  N N 182 
HOH H2   H  N N 183 
ILE N    N  N N 184 
ILE CA   C  N S 185 
ILE C    C  N N 186 
ILE O    O  N N 187 
ILE CB   C  N S 188 
ILE CG1  C  N N 189 
ILE CG2  C  N N 190 
ILE CD1  C  N N 191 
ILE OXT  O  N N 192 
ILE H    H  N N 193 
ILE H2   H  N N 194 
ILE HA   H  N N 195 
ILE HB   H  N N 196 
ILE HG12 H  N N 197 
ILE HG13 H  N N 198 
ILE HG21 H  N N 199 
ILE HG22 H  N N 200 
ILE HG23 H  N N 201 
ILE HD11 H  N N 202 
ILE HD12 H  N N 203 
ILE HD13 H  N N 204 
ILE HXT  H  N N 205 
LEU N    N  N N 206 
LEU CA   C  N S 207 
LEU C    C  N N 208 
LEU O    O  N N 209 
LEU CB   C  N N 210 
LEU CG   C  N N 211 
LEU CD1  C  N N 212 
LEU CD2  C  N N 213 
LEU OXT  O  N N 214 
LEU H    H  N N 215 
LEU H2   H  N N 216 
LEU HA   H  N N 217 
LEU HB2  H  N N 218 
LEU HB3  H  N N 219 
LEU HG   H  N N 220 
LEU HD11 H  N N 221 
LEU HD12 H  N N 222 
LEU HD13 H  N N 223 
LEU HD21 H  N N 224 
LEU HD22 H  N N 225 
LEU HD23 H  N N 226 
LEU HXT  H  N N 227 
LYS N    N  N N 228 
LYS CA   C  N S 229 
LYS C    C  N N 230 
LYS O    O  N N 231 
LYS CB   C  N N 232 
LYS CG   C  N N 233 
LYS CD   C  N N 234 
LYS CE   C  N N 235 
LYS NZ   N  N N 236 
LYS OXT  O  N N 237 
LYS H    H  N N 238 
LYS H2   H  N N 239 
LYS HA   H  N N 240 
LYS HB2  H  N N 241 
LYS HB3  H  N N 242 
LYS HG2  H  N N 243 
LYS HG3  H  N N 244 
LYS HD2  H  N N 245 
LYS HD3  H  N N 246 
LYS HE2  H  N N 247 
LYS HE3  H  N N 248 
LYS HZ1  H  N N 249 
LYS HZ2  H  N N 250 
LYS HZ3  H  N N 251 
LYS HXT  H  N N 252 
MET N    N  N N 253 
MET CA   C  N S 254 
MET C    C  N N 255 
MET O    O  N N 256 
MET CB   C  N N 257 
MET CG   C  N N 258 
MET SD   S  N N 259 
MET CE   C  N N 260 
MET OXT  O  N N 261 
MET H    H  N N 262 
MET H2   H  N N 263 
MET HA   H  N N 264 
MET HB2  H  N N 265 
MET HB3  H  N N 266 
MET HG2  H  N N 267 
MET HG3  H  N N 268 
MET HE1  H  N N 269 
MET HE2  H  N N 270 
MET HE3  H  N N 271 
MET HXT  H  N N 272 
PHE N    N  N N 273 
PHE CA   C  N S 274 
PHE C    C  N N 275 
PHE O    O  N N 276 
PHE CB   C  N N 277 
PHE CG   C  Y N 278 
PHE CD1  C  Y N 279 
PHE CD2  C  Y N 280 
PHE CE1  C  Y N 281 
PHE CE2  C  Y N 282 
PHE CZ   C  Y N 283 
PHE OXT  O  N N 284 
PHE H    H  N N 285 
PHE H2   H  N N 286 
PHE HA   H  N N 287 
PHE HB2  H  N N 288 
PHE HB3  H  N N 289 
PHE HD1  H  N N 290 
PHE HD2  H  N N 291 
PHE HE1  H  N N 292 
PHE HE2  H  N N 293 
PHE HZ   H  N N 294 
PHE HXT  H  N N 295 
PRO N    N  N N 296 
PRO CA   C  N S 297 
PRO C    C  N N 298 
PRO O    O  N N 299 
PRO CB   C  N N 300 
PRO CG   C  N N 301 
PRO CD   C  N N 302 
PRO OXT  O  N N 303 
PRO H    H  N N 304 
PRO HA   H  N N 305 
PRO HB2  H  N N 306 
PRO HB3  H  N N 307 
PRO HG2  H  N N 308 
PRO HG3  H  N N 309 
PRO HD2  H  N N 310 
PRO HD3  H  N N 311 
PRO HXT  H  N N 312 
SER N    N  N N 313 
SER CA   C  N S 314 
SER C    C  N N 315 
SER O    O  N N 316 
SER CB   C  N N 317 
SER OG   O  N N 318 
SER OXT  O  N N 319 
SER H    H  N N 320 
SER H2   H  N N 321 
SER HA   H  N N 322 
SER HB2  H  N N 323 
SER HB3  H  N N 324 
SER HG   H  N N 325 
SER HXT  H  N N 326 
THR N    N  N N 327 
THR CA   C  N S 328 
THR C    C  N N 329 
THR O    O  N N 330 
THR CB   C  N R 331 
THR OG1  O  N N 332 
THR CG2  C  N N 333 
THR OXT  O  N N 334 
THR H    H  N N 335 
THR H2   H  N N 336 
THR HA   H  N N 337 
THR HB   H  N N 338 
THR HG1  H  N N 339 
THR HG21 H  N N 340 
THR HG22 H  N N 341 
THR HG23 H  N N 342 
THR HXT  H  N N 343 
TRP N    N  N N 344 
TRP CA   C  N S 345 
TRP C    C  N N 346 
TRP O    O  N N 347 
TRP CB   C  N N 348 
TRP CG   C  Y N 349 
TRP CD1  C  Y N 350 
TRP CD2  C  Y N 351 
TRP NE1  N  Y N 352 
TRP CE2  C  Y N 353 
TRP CE3  C  Y N 354 
TRP CZ2  C  Y N 355 
TRP CZ3  C  Y N 356 
TRP CH2  C  Y N 357 
TRP OXT  O  N N 358 
TRP H    H  N N 359 
TRP H2   H  N N 360 
TRP HA   H  N N 361 
TRP HB2  H  N N 362 
TRP HB3  H  N N 363 
TRP HD1  H  N N 364 
TRP HE1  H  N N 365 
TRP HE3  H  N N 366 
TRP HZ2  H  N N 367 
TRP HZ3  H  N N 368 
TRP HH2  H  N N 369 
TRP HXT  H  N N 370 
TYR N    N  N N 371 
TYR CA   C  N S 372 
TYR C    C  N N 373 
TYR O    O  N N 374 
TYR CB   C  N N 375 
TYR CG   C  Y N 376 
TYR CD1  C  Y N 377 
TYR CD2  C  Y N 378 
TYR CE1  C  Y N 379 
TYR CE2  C  Y N 380 
TYR CZ   C  Y N 381 
TYR OH   O  N N 382 
TYR OXT  O  N N 383 
TYR H    H  N N 384 
TYR H2   H  N N 385 
TYR HA   H  N N 386 
TYR HB2  H  N N 387 
TYR HB3  H  N N 388 
TYR HD1  H  N N 389 
TYR HD2  H  N N 390 
TYR HE1  H  N N 391 
TYR HE2  H  N N 392 
TYR HH   H  N N 393 
TYR HXT  H  N N 394 
VAL N    N  N N 395 
VAL CA   C  N S 396 
VAL C    C  N N 397 
VAL O    O  N N 398 
VAL CB   C  N N 399 
VAL CG1  C  N N 400 
VAL CG2  C  N N 401 
VAL OXT  O  N N 402 
VAL H    H  N N 403 
VAL H2   H  N N 404 
VAL HA   H  N N 405 
VAL HB   H  N N 406 
VAL HG11 H  N N 407 
VAL HG12 H  N N 408 
VAL HG13 H  N N 409 
VAL HG21 H  N N 410 
VAL HG22 H  N N 411 
VAL HG23 H  N N 412 
VAL HXT  H  N N 413 
ZN  ZN   ZN N N 414 
# 
loop_
_chem_comp_bond.comp_id 
_chem_comp_bond.atom_id_1 
_chem_comp_bond.atom_id_2 
_chem_comp_bond.value_order 
_chem_comp_bond.pdbx_aromatic_flag 
_chem_comp_bond.pdbx_stereo_config 
_chem_comp_bond.pdbx_ordinal 
6U6 CL  C6   sing N N 1   
6U6 C5  C6   doub Y N 2   
6U6 C5  C4   sing Y N 3   
6U6 C6  C7   sing Y N 4   
6U6 N   C4   sing Y N 5   
6U6 N   C3   doub Y N 6   
6U6 C4  C9   doub Y N 7   
6U6 O   C    doub N N 8   
6U6 C1  C2   sing N N 9   
6U6 C1  C    sing N N 10  
6U6 C7  C8   doub Y N 11  
6U6 C3  C2   sing N N 12  
6U6 C3  S    sing Y N 13  
6U6 C9  C8   sing Y N 14  
6U6 C9  S    sing Y N 15  
6U6 C   O1   sing N N 16  
6U6 C1  H1   sing N N 17  
6U6 C1  H2   sing N N 18  
6U6 C2  H3   sing N N 19  
6U6 C2  H4   sing N N 20  
6U6 C5  H5   sing N N 21  
6U6 C8  H6   sing N N 22  
6U6 O1  H7   sing N N 23  
6U6 C7  H8   sing N N 24  
ALA N   CA   sing N N 25  
ALA N   H    sing N N 26  
ALA N   H2   sing N N 27  
ALA CA  C    sing N N 28  
ALA CA  CB   sing N N 29  
ALA CA  HA   sing N N 30  
ALA C   O    doub N N 31  
ALA C   OXT  sing N N 32  
ALA CB  HB1  sing N N 33  
ALA CB  HB2  sing N N 34  
ALA CB  HB3  sing N N 35  
ALA OXT HXT  sing N N 36  
ARG N   CA   sing N N 37  
ARG N   H    sing N N 38  
ARG N   H2   sing N N 39  
ARG CA  C    sing N N 40  
ARG CA  CB   sing N N 41  
ARG CA  HA   sing N N 42  
ARG C   O    doub N N 43  
ARG C   OXT  sing N N 44  
ARG CB  CG   sing N N 45  
ARG CB  HB2  sing N N 46  
ARG CB  HB3  sing N N 47  
ARG CG  CD   sing N N 48  
ARG CG  HG2  sing N N 49  
ARG CG  HG3  sing N N 50  
ARG CD  NE   sing N N 51  
ARG CD  HD2  sing N N 52  
ARG CD  HD3  sing N N 53  
ARG NE  CZ   sing N N 54  
ARG NE  HE   sing N N 55  
ARG CZ  NH1  sing N N 56  
ARG CZ  NH2  doub N N 57  
ARG NH1 HH11 sing N N 58  
ARG NH1 HH12 sing N N 59  
ARG NH2 HH21 sing N N 60  
ARG NH2 HH22 sing N N 61  
ARG OXT HXT  sing N N 62  
ASN N   CA   sing N N 63  
ASN N   H    sing N N 64  
ASN N   H2   sing N N 65  
ASN CA  C    sing N N 66  
ASN CA  CB   sing N N 67  
ASN CA  HA   sing N N 68  
ASN C   O    doub N N 69  
ASN C   OXT  sing N N 70  
ASN CB  CG   sing N N 71  
ASN CB  HB2  sing N N 72  
ASN CB  HB3  sing N N 73  
ASN CG  OD1  doub N N 74  
ASN CG  ND2  sing N N 75  
ASN ND2 HD21 sing N N 76  
ASN ND2 HD22 sing N N 77  
ASN OXT HXT  sing N N 78  
ASP N   CA   sing N N 79  
ASP N   H    sing N N 80  
ASP N   H2   sing N N 81  
ASP CA  C    sing N N 82  
ASP CA  CB   sing N N 83  
ASP CA  HA   sing N N 84  
ASP C   O    doub N N 85  
ASP C   OXT  sing N N 86  
ASP CB  CG   sing N N 87  
ASP CB  HB2  sing N N 88  
ASP CB  HB3  sing N N 89  
ASP CG  OD1  doub N N 90  
ASP CG  OD2  sing N N 91  
ASP OD2 HD2  sing N N 92  
ASP OXT HXT  sing N N 93  
CYS N   CA   sing N N 94  
CYS N   H    sing N N 95  
CYS N   H2   sing N N 96  
CYS CA  C    sing N N 97  
CYS CA  CB   sing N N 98  
CYS CA  HA   sing N N 99  
CYS C   O    doub N N 100 
CYS C   OXT  sing N N 101 
CYS CB  SG   sing N N 102 
CYS CB  HB2  sing N N 103 
CYS CB  HB3  sing N N 104 
CYS SG  HG   sing N N 105 
CYS OXT HXT  sing N N 106 
GLN N   CA   sing N N 107 
GLN N   H    sing N N 108 
GLN N   H2   sing N N 109 
GLN CA  C    sing N N 110 
GLN CA  CB   sing N N 111 
GLN CA  HA   sing N N 112 
GLN C   O    doub N N 113 
GLN C   OXT  sing N N 114 
GLN CB  CG   sing N N 115 
GLN CB  HB2  sing N N 116 
GLN CB  HB3  sing N N 117 
GLN CG  CD   sing N N 118 
GLN CG  HG2  sing N N 119 
GLN CG  HG3  sing N N 120 
GLN CD  OE1  doub N N 121 
GLN CD  NE2  sing N N 122 
GLN NE2 HE21 sing N N 123 
GLN NE2 HE22 sing N N 124 
GLN OXT HXT  sing N N 125 
GLU N   CA   sing N N 126 
GLU N   H    sing N N 127 
GLU N   H2   sing N N 128 
GLU CA  C    sing N N 129 
GLU CA  CB   sing N N 130 
GLU CA  HA   sing N N 131 
GLU C   O    doub N N 132 
GLU C   OXT  sing N N 133 
GLU CB  CG   sing N N 134 
GLU CB  HB2  sing N N 135 
GLU CB  HB3  sing N N 136 
GLU CG  CD   sing N N 137 
GLU CG  HG2  sing N N 138 
GLU CG  HG3  sing N N 139 
GLU CD  OE1  doub N N 140 
GLU CD  OE2  sing N N 141 
GLU OE2 HE2  sing N N 142 
GLU OXT HXT  sing N N 143 
GLY N   CA   sing N N 144 
GLY N   H    sing N N 145 
GLY N   H2   sing N N 146 
GLY CA  C    sing N N 147 
GLY CA  HA2  sing N N 148 
GLY CA  HA3  sing N N 149 
GLY C   O    doub N N 150 
GLY C   OXT  sing N N 151 
GLY OXT HXT  sing N N 152 
HIS N   CA   sing N N 153 
HIS N   H    sing N N 154 
HIS N   H2   sing N N 155 
HIS CA  C    sing N N 156 
HIS CA  CB   sing N N 157 
HIS CA  HA   sing N N 158 
HIS C   O    doub N N 159 
HIS C   OXT  sing N N 160 
HIS CB  CG   sing N N 161 
HIS CB  HB2  sing N N 162 
HIS CB  HB3  sing N N 163 
HIS CG  ND1  sing Y N 164 
HIS CG  CD2  doub Y N 165 
HIS ND1 CE1  doub Y N 166 
HIS ND1 HD1  sing N N 167 
HIS CD2 NE2  sing Y N 168 
HIS CD2 HD2  sing N N 169 
HIS CE1 NE2  sing Y N 170 
HIS CE1 HE1  sing N N 171 
HIS NE2 HE2  sing N N 172 
HIS OXT HXT  sing N N 173 
HOH O   H1   sing N N 174 
HOH O   H2   sing N N 175 
ILE N   CA   sing N N 176 
ILE N   H    sing N N 177 
ILE N   H2   sing N N 178 
ILE CA  C    sing N N 179 
ILE CA  CB   sing N N 180 
ILE CA  HA   sing N N 181 
ILE C   O    doub N N 182 
ILE C   OXT  sing N N 183 
ILE CB  CG1  sing N N 184 
ILE CB  CG2  sing N N 185 
ILE CB  HB   sing N N 186 
ILE CG1 CD1  sing N N 187 
ILE CG1 HG12 sing N N 188 
ILE CG1 HG13 sing N N 189 
ILE CG2 HG21 sing N N 190 
ILE CG2 HG22 sing N N 191 
ILE CG2 HG23 sing N N 192 
ILE CD1 HD11 sing N N 193 
ILE CD1 HD12 sing N N 194 
ILE CD1 HD13 sing N N 195 
ILE OXT HXT  sing N N 196 
LEU N   CA   sing N N 197 
LEU N   H    sing N N 198 
LEU N   H2   sing N N 199 
LEU CA  C    sing N N 200 
LEU CA  CB   sing N N 201 
LEU CA  HA   sing N N 202 
LEU C   O    doub N N 203 
LEU C   OXT  sing N N 204 
LEU CB  CG   sing N N 205 
LEU CB  HB2  sing N N 206 
LEU CB  HB3  sing N N 207 
LEU CG  CD1  sing N N 208 
LEU CG  CD2  sing N N 209 
LEU CG  HG   sing N N 210 
LEU CD1 HD11 sing N N 211 
LEU CD1 HD12 sing N N 212 
LEU CD1 HD13 sing N N 213 
LEU CD2 HD21 sing N N 214 
LEU CD2 HD22 sing N N 215 
LEU CD2 HD23 sing N N 216 
LEU OXT HXT  sing N N 217 
LYS N   CA   sing N N 218 
LYS N   H    sing N N 219 
LYS N   H2   sing N N 220 
LYS CA  C    sing N N 221 
LYS CA  CB   sing N N 222 
LYS CA  HA   sing N N 223 
LYS C   O    doub N N 224 
LYS C   OXT  sing N N 225 
LYS CB  CG   sing N N 226 
LYS CB  HB2  sing N N 227 
LYS CB  HB3  sing N N 228 
LYS CG  CD   sing N N 229 
LYS CG  HG2  sing N N 230 
LYS CG  HG3  sing N N 231 
LYS CD  CE   sing N N 232 
LYS CD  HD2  sing N N 233 
LYS CD  HD3  sing N N 234 
LYS CE  NZ   sing N N 235 
LYS CE  HE2  sing N N 236 
LYS CE  HE3  sing N N 237 
LYS NZ  HZ1  sing N N 238 
LYS NZ  HZ2  sing N N 239 
LYS NZ  HZ3  sing N N 240 
LYS OXT HXT  sing N N 241 
MET N   CA   sing N N 242 
MET N   H    sing N N 243 
MET N   H2   sing N N 244 
MET CA  C    sing N N 245 
MET CA  CB   sing N N 246 
MET CA  HA   sing N N 247 
MET C   O    doub N N 248 
MET C   OXT  sing N N 249 
MET CB  CG   sing N N 250 
MET CB  HB2  sing N N 251 
MET CB  HB3  sing N N 252 
MET CG  SD   sing N N 253 
MET CG  HG2  sing N N 254 
MET CG  HG3  sing N N 255 
MET SD  CE   sing N N 256 
MET CE  HE1  sing N N 257 
MET CE  HE2  sing N N 258 
MET CE  HE3  sing N N 259 
MET OXT HXT  sing N N 260 
PHE N   CA   sing N N 261 
PHE N   H    sing N N 262 
PHE N   H2   sing N N 263 
PHE CA  C    sing N N 264 
PHE CA  CB   sing N N 265 
PHE CA  HA   sing N N 266 
PHE C   O    doub N N 267 
PHE C   OXT  sing N N 268 
PHE CB  CG   sing N N 269 
PHE CB  HB2  sing N N 270 
PHE CB  HB3  sing N N 271 
PHE CG  CD1  doub Y N 272 
PHE CG  CD2  sing Y N 273 
PHE CD1 CE1  sing Y N 274 
PHE CD1 HD1  sing N N 275 
PHE CD2 CE2  doub Y N 276 
PHE CD2 HD2  sing N N 277 
PHE CE1 CZ   doub Y N 278 
PHE CE1 HE1  sing N N 279 
PHE CE2 CZ   sing Y N 280 
PHE CE2 HE2  sing N N 281 
PHE CZ  HZ   sing N N 282 
PHE OXT HXT  sing N N 283 
PRO N   CA   sing N N 284 
PRO N   CD   sing N N 285 
PRO N   H    sing N N 286 
PRO CA  C    sing N N 287 
PRO CA  CB   sing N N 288 
PRO CA  HA   sing N N 289 
PRO C   O    doub N N 290 
PRO C   OXT  sing N N 291 
PRO CB  CG   sing N N 292 
PRO CB  HB2  sing N N 293 
PRO CB  HB3  sing N N 294 
PRO CG  CD   sing N N 295 
PRO CG  HG2  sing N N 296 
PRO CG  HG3  sing N N 297 
PRO CD  HD2  sing N N 298 
PRO CD  HD3  sing N N 299 
PRO OXT HXT  sing N N 300 
SER N   CA   sing N N 301 
SER N   H    sing N N 302 
SER N   H2   sing N N 303 
SER CA  C    sing N N 304 
SER CA  CB   sing N N 305 
SER CA  HA   sing N N 306 
SER C   O    doub N N 307 
SER C   OXT  sing N N 308 
SER CB  OG   sing N N 309 
SER CB  HB2  sing N N 310 
SER CB  HB3  sing N N 311 
SER OG  HG   sing N N 312 
SER OXT HXT  sing N N 313 
THR N   CA   sing N N 314 
THR N   H    sing N N 315 
THR N   H2   sing N N 316 
THR CA  C    sing N N 317 
THR CA  CB   sing N N 318 
THR CA  HA   sing N N 319 
THR C   O    doub N N 320 
THR C   OXT  sing N N 321 
THR CB  OG1  sing N N 322 
THR CB  CG2  sing N N 323 
THR CB  HB   sing N N 324 
THR OG1 HG1  sing N N 325 
THR CG2 HG21 sing N N 326 
THR CG2 HG22 sing N N 327 
THR CG2 HG23 sing N N 328 
THR OXT HXT  sing N N 329 
TRP N   CA   sing N N 330 
TRP N   H    sing N N 331 
TRP N   H2   sing N N 332 
TRP CA  C    sing N N 333 
TRP CA  CB   sing N N 334 
TRP CA  HA   sing N N 335 
TRP C   O    doub N N 336 
TRP C   OXT  sing N N 337 
TRP CB  CG   sing N N 338 
TRP CB  HB2  sing N N 339 
TRP CB  HB3  sing N N 340 
TRP CG  CD1  doub Y N 341 
TRP CG  CD2  sing Y N 342 
TRP CD1 NE1  sing Y N 343 
TRP CD1 HD1  sing N N 344 
TRP CD2 CE2  doub Y N 345 
TRP CD2 CE3  sing Y N 346 
TRP NE1 CE2  sing Y N 347 
TRP NE1 HE1  sing N N 348 
TRP CE2 CZ2  sing Y N 349 
TRP CE3 CZ3  doub Y N 350 
TRP CE3 HE3  sing N N 351 
TRP CZ2 CH2  doub Y N 352 
TRP CZ2 HZ2  sing N N 353 
TRP CZ3 CH2  sing Y N 354 
TRP CZ3 HZ3  sing N N 355 
TRP CH2 HH2  sing N N 356 
TRP OXT HXT  sing N N 357 
TYR N   CA   sing N N 358 
TYR N   H    sing N N 359 
TYR N   H2   sing N N 360 
TYR CA  C    sing N N 361 
TYR CA  CB   sing N N 362 
TYR CA  HA   sing N N 363 
TYR C   O    doub N N 364 
TYR C   OXT  sing N N 365 
TYR CB  CG   sing N N 366 
TYR CB  HB2  sing N N 367 
TYR CB  HB3  sing N N 368 
TYR CG  CD1  doub Y N 369 
TYR CG  CD2  sing Y N 370 
TYR CD1 CE1  sing Y N 371 
TYR CD1 HD1  sing N N 372 
TYR CD2 CE2  doub Y N 373 
TYR CD2 HD2  sing N N 374 
TYR CE1 CZ   doub Y N 375 
TYR CE1 HE1  sing N N 376 
TYR CE2 CZ   sing Y N 377 
TYR CE2 HE2  sing N N 378 
TYR CZ  OH   sing N N 379 
TYR OH  HH   sing N N 380 
TYR OXT HXT  sing N N 381 
VAL N   CA   sing N N 382 
VAL N   H    sing N N 383 
VAL N   H2   sing N N 384 
VAL CA  C    sing N N 385 
VAL CA  CB   sing N N 386 
VAL CA  HA   sing N N 387 
VAL C   O    doub N N 388 
VAL C   OXT  sing N N 389 
VAL CB  CG1  sing N N 390 
VAL CB  CG2  sing N N 391 
VAL CB  HB   sing N N 392 
VAL CG1 HG11 sing N N 393 
VAL CG1 HG12 sing N N 394 
VAL CG1 HG13 sing N N 395 
VAL CG2 HG21 sing N N 396 
VAL CG2 HG22 sing N N 397 
VAL CG2 HG23 sing N N 398 
VAL OXT HXT  sing N N 399 
# 
loop_
_pdbx_entity_nonpoly.entity_id 
_pdbx_entity_nonpoly.name 
_pdbx_entity_nonpoly.comp_id 
2 'ZINC ION'                                            ZN  
3 'UNKNOWN ATOM OR ION'                                 UNX 
4 '3-(5-chloranyl-1,3-benzothiazol-2-yl)propanoic acid' 6U6 
5 water                                                 HOH 
# 
_pdbx_initial_refinement_model.id               1 
_pdbx_initial_refinement_model.entity_id_list   ? 
_pdbx_initial_refinement_model.type             'experimental model' 
_pdbx_initial_refinement_model.source_name      PDB 
_pdbx_initial_refinement_model.accession_code   3C5K 
_pdbx_initial_refinement_model.details          'pdbid 3C5K' 
# 
